data_1E3Y
# 
_entry.id   1E3Y 
# 
_audit_conform.dict_name       mmcif_pdbx.dic 
_audit_conform.dict_version    5.392 
_audit_conform.dict_location   http://mmcif.pdb.org/dictionaries/ascii/mmcif_pdbx.dic 
# 
loop_
_database_2.database_id 
_database_2.database_code 
_database_2.pdbx_database_accession 
_database_2.pdbx_DOI 
PDB   1E3Y         pdb_00001e3y 10.2210/pdb1e3y/pdb 
PDBE  EBI-5098     ?            ?                   
WWPDB D_1290005098 ?            ?                   
# 
loop_
_pdbx_audit_revision_history.ordinal 
_pdbx_audit_revision_history.data_content_type 
_pdbx_audit_revision_history.major_revision 
_pdbx_audit_revision_history.minor_revision 
_pdbx_audit_revision_history.revision_date 
1 'Structure model' 1 0 2000-11-06 
2 'Structure model' 1 1 2011-05-08 
3 'Structure model' 1 2 2011-07-13 
4 'Structure model' 1 3 2024-05-15 
# 
_pdbx_audit_revision_details.ordinal             1 
_pdbx_audit_revision_details.revision_ordinal    1 
_pdbx_audit_revision_details.data_content_type   'Structure model' 
_pdbx_audit_revision_details.provider            repository 
_pdbx_audit_revision_details.type                'Initial release' 
_pdbx_audit_revision_details.description         ? 
_pdbx_audit_revision_details.details             ? 
# 
loop_
_pdbx_audit_revision_group.ordinal 
_pdbx_audit_revision_group.revision_ordinal 
_pdbx_audit_revision_group.data_content_type 
_pdbx_audit_revision_group.group 
1 2 'Structure model' 'Version format compliance' 
2 3 'Structure model' 'Version format compliance' 
3 4 'Structure model' 'Data collection'           
4 4 'Structure model' 'Database references'       
5 4 'Structure model' Other                       
# 
loop_
_pdbx_audit_revision_category.ordinal 
_pdbx_audit_revision_category.revision_ordinal 
_pdbx_audit_revision_category.data_content_type 
_pdbx_audit_revision_category.category 
1 4 'Structure model' chem_comp_atom       
2 4 'Structure model' chem_comp_bond       
3 4 'Structure model' database_2           
4 4 'Structure model' pdbx_database_status 
5 4 'Structure model' pdbx_nmr_software    
# 
loop_
_pdbx_audit_revision_item.ordinal 
_pdbx_audit_revision_item.revision_ordinal 
_pdbx_audit_revision_item.data_content_type 
_pdbx_audit_revision_item.item 
1 4 'Structure model' '_database_2.pdbx_DOI'                 
2 4 'Structure model' '_database_2.pdbx_database_accession'  
3 4 'Structure model' '_pdbx_database_status.status_code_mr' 
4 4 'Structure model' '_pdbx_nmr_software.name'              
# 
_pdbx_database_status.status_code                     REL 
_pdbx_database_status.entry_id                        1E3Y 
_pdbx_database_status.deposit_site                    PDBE 
_pdbx_database_status.process_site                    PDBE 
_pdbx_database_status.SG_entry                        . 
_pdbx_database_status.recvd_initial_deposition_date   2000-06-26 
_pdbx_database_status.pdb_format_compatible           Y 
_pdbx_database_status.status_code_sf                  ? 
_pdbx_database_status.status_code_mr                  REL 
_pdbx_database_status.status_code_cs                  ? 
_pdbx_database_status.methods_development_category    ? 
_pdbx_database_status.status_code_nmr_data            ? 
# 
loop_
_pdbx_database_related.db_name 
_pdbx_database_related.db_id 
_pdbx_database_related.content_type 
_pdbx_database_related.details 
PDB 1A1W unspecified 'FADD DEATH EFFECTOR DOMAIN, F25Y MUTANT, NMR MINIMIZED AVERAGE STRUCTURE' 
PDB 1A1Z unspecified 'FADD DEATH EFFECTOR DOMAIN, F25G MUTANT, NMR MINIMIZED AVERAGE STRUCTURE' 
PDB 1E41 unspecified 'DEATH DOMAIN FROM HUMAN FADD/MORT1'                                       
# 
loop_
_audit_author.name 
_audit_author.pdbx_ordinal 
'Driscoll, P.C.' 1 
'Berglund, H.'   2 
'Olerenshaw, D.' 3 
'McDonald, N.Q.' 4 
# 
_citation.id                        primary 
_citation.title                     
'The Three-Dimensional Solution Structure and Dynamic Properties of the Human Fadd Death Domain' 
_citation.journal_abbrev            J.Mol.Biol. 
_citation.journal_volume            302 
_citation.page_first                171 
_citation.page_last                 ? 
_citation.year                      2000 
_citation.journal_id_ASTM           JMOBAK 
_citation.country                   UK 
_citation.journal_id_ISSN           0022-2836 
_citation.journal_id_CSD            0070 
_citation.book_publisher            ? 
_citation.pdbx_database_id_PubMed   10964568 
_citation.pdbx_database_id_DOI      10.1006/JMBI.2000.4011 
# 
loop_
_citation_author.citation_id 
_citation_author.name 
_citation_author.ordinal 
_citation_author.identifier_ORCID 
primary 'Berglund, H.'   1 ? 
primary 'Olerenshaw, D.' 2 ? 
primary 'Sankar, A.'     3 ? 
primary 'Federwisch, M.' 4 ? 
primary 'Mcdonald, N.Q.' 5 ? 
primary 'Driscoll, P.C.' 6 ? 
# 
_entity.id                         1 
_entity.type                       polymer 
_entity.src_method                 man 
_entity.pdbx_description           'FADD PROTEIN' 
_entity.formula_weight             11870.372 
_entity.pdbx_number_of_molecules   1 
_entity.pdbx_ec                    ? 
_entity.pdbx_mutation              YES 
_entity.pdbx_fragment              'DEATH DOMAIN RESIDUES 93-192' 
_entity.details                    ? 
# 
_entity_name_com.entity_id   1 
_entity_name_com.name        'FAS-ASSOCIATING DEATH DOMAIN-CONTAINING PROTEIN' 
# 
_entity_poly.entity_id                      1 
_entity_poly.type                           'polypeptide(L)' 
_entity_poly.nstd_linkage                   no 
_entity_poly.nstd_monomer                   no 
_entity_poly.pdbx_seq_one_letter_code       
;GSHMGEEDLCAAFNVICDNVGKDWRRLARQLKVSDTKIDSIEDRYPRNLTERVRESLRIWKNTEKENATVAHLVGALRSC
QMNLVADLVQEVQQARDLQNRSGA
;
_entity_poly.pdbx_seq_one_letter_code_can   
;GSHMGEEDLCAAFNVICDNVGKDWRRLARQLKVSDTKIDSIEDRYPRNLTERVRESLRIWKNTEKENATVAHLVGALRSC
QMNLVADLVQEVQQARDLQNRSGA
;
_entity_poly.pdbx_strand_id                 A 
_entity_poly.pdbx_target_identifier         ? 
# 
loop_
_entity_poly_seq.entity_id 
_entity_poly_seq.num 
_entity_poly_seq.mon_id 
_entity_poly_seq.hetero 
1 1   GLY n 
1 2   SER n 
1 3   HIS n 
1 4   MET n 
1 5   GLY n 
1 6   GLU n 
1 7   GLU n 
1 8   ASP n 
1 9   LEU n 
1 10  CYS n 
1 11  ALA n 
1 12  ALA n 
1 13  PHE n 
1 14  ASN n 
1 15  VAL n 
1 16  ILE n 
1 17  CYS n 
1 18  ASP n 
1 19  ASN n 
1 20  VAL n 
1 21  GLY n 
1 22  LYS n 
1 23  ASP n 
1 24  TRP n 
1 25  ARG n 
1 26  ARG n 
1 27  LEU n 
1 28  ALA n 
1 29  ARG n 
1 30  GLN n 
1 31  LEU n 
1 32  LYS n 
1 33  VAL n 
1 34  SER n 
1 35  ASP n 
1 36  THR n 
1 37  LYS n 
1 38  ILE n 
1 39  ASP n 
1 40  SER n 
1 41  ILE n 
1 42  GLU n 
1 43  ASP n 
1 44  ARG n 
1 45  TYR n 
1 46  PRO n 
1 47  ARG n 
1 48  ASN n 
1 49  LEU n 
1 50  THR n 
1 51  GLU n 
1 52  ARG n 
1 53  VAL n 
1 54  ARG n 
1 55  GLU n 
1 56  SER n 
1 57  LEU n 
1 58  ARG n 
1 59  ILE n 
1 60  TRP n 
1 61  LYS n 
1 62  ASN n 
1 63  THR n 
1 64  GLU n 
1 65  LYS n 
1 66  GLU n 
1 67  ASN n 
1 68  ALA n 
1 69  THR n 
1 70  VAL n 
1 71  ALA n 
1 72  HIS n 
1 73  LEU n 
1 74  VAL n 
1 75  GLY n 
1 76  ALA n 
1 77  LEU n 
1 78  ARG n 
1 79  SER n 
1 80  CYS n 
1 81  GLN n 
1 82  MET n 
1 83  ASN n 
1 84  LEU n 
1 85  VAL n 
1 86  ALA n 
1 87  ASP n 
1 88  LEU n 
1 89  VAL n 
1 90  GLN n 
1 91  GLU n 
1 92  VAL n 
1 93  GLN n 
1 94  GLN n 
1 95  ALA n 
1 96  ARG n 
1 97  ASP n 
1 98  LEU n 
1 99  GLN n 
1 100 ASN n 
1 101 ARG n 
1 102 SER n 
1 103 GLY n 
1 104 ALA n 
# 
_entity_src_gen.entity_id                          1 
_entity_src_gen.pdbx_src_id                        1 
_entity_src_gen.pdbx_alt_source_flag               sample 
_entity_src_gen.pdbx_seq_type                      ? 
_entity_src_gen.pdbx_beg_seq_num                   ? 
_entity_src_gen.pdbx_end_seq_num                   ? 
_entity_src_gen.gene_src_common_name               HUMAN 
_entity_src_gen.gene_src_genus                     ? 
_entity_src_gen.pdbx_gene_src_gene                 ? 
_entity_src_gen.gene_src_species                   ? 
_entity_src_gen.gene_src_strain                    ? 
_entity_src_gen.gene_src_tissue                    ? 
_entity_src_gen.gene_src_tissue_fraction           ? 
_entity_src_gen.gene_src_details                   ? 
_entity_src_gen.pdbx_gene_src_fragment             ? 
_entity_src_gen.pdbx_gene_src_scientific_name      'HOMO SAPIENS' 
_entity_src_gen.pdbx_gene_src_ncbi_taxonomy_id     9606 
_entity_src_gen.pdbx_gene_src_variant              ? 
_entity_src_gen.pdbx_gene_src_cell_line            ? 
_entity_src_gen.pdbx_gene_src_atcc                 ? 
_entity_src_gen.pdbx_gene_src_organ                ? 
_entity_src_gen.pdbx_gene_src_organelle            ? 
_entity_src_gen.pdbx_gene_src_cell                 ? 
_entity_src_gen.pdbx_gene_src_cellular_location    ? 
_entity_src_gen.host_org_common_name               ? 
_entity_src_gen.pdbx_host_org_scientific_name      'ESCHERICHIA COLI' 
_entity_src_gen.pdbx_host_org_ncbi_taxonomy_id     469008 
_entity_src_gen.host_org_genus                     ? 
_entity_src_gen.pdbx_host_org_gene                 ? 
_entity_src_gen.pdbx_host_org_organ                ? 
_entity_src_gen.host_org_species                   ? 
_entity_src_gen.pdbx_host_org_tissue               ? 
_entity_src_gen.pdbx_host_org_tissue_fraction      ? 
_entity_src_gen.pdbx_host_org_strain               'BL21(DE3)' 
_entity_src_gen.pdbx_host_org_variant              ? 
_entity_src_gen.pdbx_host_org_cell_line            ? 
_entity_src_gen.pdbx_host_org_atcc                 ? 
_entity_src_gen.pdbx_host_org_culture_collection   ? 
_entity_src_gen.pdbx_host_org_cell                 ? 
_entity_src_gen.pdbx_host_org_organelle            ? 
_entity_src_gen.pdbx_host_org_cellular_location    ? 
_entity_src_gen.pdbx_host_org_vector_type          T7 
_entity_src_gen.pdbx_host_org_vector               ? 
_entity_src_gen.host_org_details                   ? 
_entity_src_gen.expression_system_id               ? 
_entity_src_gen.plasmid_name                       PET14B 
_entity_src_gen.plasmid_details                    ? 
_entity_src_gen.pdbx_description                   'PCR CLONING INTO N-TERMINAL 6*HIS TAG THROMBIN-CLEAVABLE FUSION PROTEIN' 
# 
loop_
_chem_comp.id 
_chem_comp.type 
_chem_comp.mon_nstd_flag 
_chem_comp.name 
_chem_comp.pdbx_synonyms 
_chem_comp.formula 
_chem_comp.formula_weight 
ALA 'L-peptide linking' y ALANINE         ? 'C3 H7 N O2'     89.093  
ARG 'L-peptide linking' y ARGININE        ? 'C6 H15 N4 O2 1' 175.209 
ASN 'L-peptide linking' y ASPARAGINE      ? 'C4 H8 N2 O3'    132.118 
ASP 'L-peptide linking' y 'ASPARTIC ACID' ? 'C4 H7 N O4'     133.103 
CYS 'L-peptide linking' y CYSTEINE        ? 'C3 H7 N O2 S'   121.158 
GLN 'L-peptide linking' y GLUTAMINE       ? 'C5 H10 N2 O3'   146.144 
GLU 'L-peptide linking' y 'GLUTAMIC ACID' ? 'C5 H9 N O4'     147.129 
GLY 'peptide linking'   y GLYCINE         ? 'C2 H5 N O2'     75.067  
HIS 'L-peptide linking' y HISTIDINE       ? 'C6 H10 N3 O2 1' 156.162 
ILE 'L-peptide linking' y ISOLEUCINE      ? 'C6 H13 N O2'    131.173 
LEU 'L-peptide linking' y LEUCINE         ? 'C6 H13 N O2'    131.173 
LYS 'L-peptide linking' y LYSINE          ? 'C6 H15 N2 O2 1' 147.195 
MET 'L-peptide linking' y METHIONINE      ? 'C5 H11 N O2 S'  149.211 
PHE 'L-peptide linking' y PHENYLALANINE   ? 'C9 H11 N O2'    165.189 
PRO 'L-peptide linking' y PROLINE         ? 'C5 H9 N O2'     115.130 
SER 'L-peptide linking' y SERINE          ? 'C3 H7 N O3'     105.093 
THR 'L-peptide linking' y THREONINE       ? 'C4 H9 N O3'     119.119 
TRP 'L-peptide linking' y TRYPTOPHAN      ? 'C11 H12 N2 O2'  204.225 
TYR 'L-peptide linking' y TYROSINE        ? 'C9 H11 N O3'    181.189 
VAL 'L-peptide linking' y VALINE          ? 'C5 H11 N O2'    117.146 
# 
loop_
_pdbx_poly_seq_scheme.asym_id 
_pdbx_poly_seq_scheme.entity_id 
_pdbx_poly_seq_scheme.seq_id 
_pdbx_poly_seq_scheme.mon_id 
_pdbx_poly_seq_scheme.ndb_seq_num 
_pdbx_poly_seq_scheme.pdb_seq_num 
_pdbx_poly_seq_scheme.auth_seq_num 
_pdbx_poly_seq_scheme.pdb_mon_id 
_pdbx_poly_seq_scheme.auth_mon_id 
_pdbx_poly_seq_scheme.pdb_strand_id 
_pdbx_poly_seq_scheme.pdb_ins_code 
_pdbx_poly_seq_scheme.hetero 
A 1 1   GLY 1   89  89  GLY GLY A . n 
A 1 2   SER 2   90  90  SER SER A . n 
A 1 3   HIS 3   91  91  HIS HIS A . n 
A 1 4   MET 4   92  92  MET MET A . n 
A 1 5   GLY 5   93  93  GLY GLY A . n 
A 1 6   GLU 6   94  94  GLU GLU A . n 
A 1 7   GLU 7   95  95  GLU GLU A . n 
A 1 8   ASP 8   96  96  ASP ASP A . n 
A 1 9   LEU 9   97  97  LEU LEU A . n 
A 1 10  CYS 10  98  98  CYS CYS A . n 
A 1 11  ALA 11  99  99  ALA ALA A . n 
A 1 12  ALA 12  100 100 ALA ALA A . n 
A 1 13  PHE 13  101 101 PHE PHE A . n 
A 1 14  ASN 14  102 102 ASN ASN A . n 
A 1 15  VAL 15  103 103 VAL VAL A . n 
A 1 16  ILE 16  104 104 ILE ILE A . n 
A 1 17  CYS 17  105 105 CYS CYS A . n 
A 1 18  ASP 18  106 106 ASP ASP A . n 
A 1 19  ASN 19  107 107 ASN ASN A . n 
A 1 20  VAL 20  108 108 VAL VAL A . n 
A 1 21  GLY 21  109 109 GLY GLY A . n 
A 1 22  LYS 22  110 110 LYS LYS A . n 
A 1 23  ASP 23  111 111 ASP ASP A . n 
A 1 24  TRP 24  112 112 TRP TRP A . n 
A 1 25  ARG 25  113 113 ARG ARG A . n 
A 1 26  ARG 26  114 114 ARG ARG A . n 
A 1 27  LEU 27  115 115 LEU LEU A . n 
A 1 28  ALA 28  116 116 ALA ALA A . n 
A 1 29  ARG 29  117 117 ARG ARG A . n 
A 1 30  GLN 30  118 118 GLN GLN A . n 
A 1 31  LEU 31  119 119 LEU LEU A . n 
A 1 32  LYS 32  120 120 LYS LYS A . n 
A 1 33  VAL 33  121 121 VAL VAL A . n 
A 1 34  SER 34  122 122 SER SER A . n 
A 1 35  ASP 35  123 123 ASP ASP A . n 
A 1 36  THR 36  124 124 THR THR A . n 
A 1 37  LYS 37  125 125 LYS LYS A . n 
A 1 38  ILE 38  126 126 ILE ILE A . n 
A 1 39  ASP 39  127 127 ASP ASP A . n 
A 1 40  SER 40  128 128 SER SER A . n 
A 1 41  ILE 41  129 129 ILE ILE A . n 
A 1 42  GLU 42  130 130 GLU GLU A . n 
A 1 43  ASP 43  131 131 ASP ASP A . n 
A 1 44  ARG 44  132 132 ARG ARG A . n 
A 1 45  TYR 45  133 133 TYR TYR A . n 
A 1 46  PRO 46  134 134 PRO PRO A . n 
A 1 47  ARG 47  135 135 ARG ARG A . n 
A 1 48  ASN 48  136 136 ASN ASN A . n 
A 1 49  LEU 49  137 137 LEU LEU A . n 
A 1 50  THR 50  138 138 THR THR A . n 
A 1 51  GLU 51  139 139 GLU GLU A . n 
A 1 52  ARG 52  140 140 ARG ARG A . n 
A 1 53  VAL 53  141 141 VAL VAL A . n 
A 1 54  ARG 54  142 142 ARG ARG A . n 
A 1 55  GLU 55  143 143 GLU GLU A . n 
A 1 56  SER 56  144 144 SER SER A . n 
A 1 57  LEU 57  145 145 LEU LEU A . n 
A 1 58  ARG 58  146 146 ARG ARG A . n 
A 1 59  ILE 59  147 147 ILE ILE A . n 
A 1 60  TRP 60  148 148 TRP TRP A . n 
A 1 61  LYS 61  149 149 LYS LYS A . n 
A 1 62  ASN 62  150 150 ASN ASN A . n 
A 1 63  THR 63  151 151 THR THR A . n 
A 1 64  GLU 64  152 152 GLU GLU A . n 
A 1 65  LYS 65  153 153 LYS LYS A . n 
A 1 66  GLU 66  154 154 GLU GLU A . n 
A 1 67  ASN 67  155 155 ASN ASN A . n 
A 1 68  ALA 68  156 156 ALA ALA A . n 
A 1 69  THR 69  157 157 THR THR A . n 
A 1 70  VAL 70  158 158 VAL VAL A . n 
A 1 71  ALA 71  159 159 ALA ALA A . n 
A 1 72  HIS 72  160 160 HIS HIS A . n 
A 1 73  LEU 73  161 161 LEU LEU A . n 
A 1 74  VAL 74  162 162 VAL VAL A . n 
A 1 75  GLY 75  163 163 GLY GLY A . n 
A 1 76  ALA 76  164 164 ALA ALA A . n 
A 1 77  LEU 77  165 165 LEU LEU A . n 
A 1 78  ARG 78  166 166 ARG ARG A . n 
A 1 79  SER 79  167 167 SER SER A . n 
A 1 80  CYS 80  168 168 CYS CYS A . n 
A 1 81  GLN 81  169 169 GLN GLN A . n 
A 1 82  MET 82  170 170 MET MET A . n 
A 1 83  ASN 83  171 171 ASN ASN A . n 
A 1 84  LEU 84  172 172 LEU LEU A . n 
A 1 85  VAL 85  173 173 VAL VAL A . n 
A 1 86  ALA 86  174 174 ALA ALA A . n 
A 1 87  ASP 87  175 175 ASP ASP A . n 
A 1 88  LEU 88  176 176 LEU LEU A . n 
A 1 89  VAL 89  177 177 VAL VAL A . n 
A 1 90  GLN 90  178 178 GLN GLN A . n 
A 1 91  GLU 91  179 179 GLU GLU A . n 
A 1 92  VAL 92  180 180 VAL VAL A . n 
A 1 93  GLN 93  181 181 GLN GLN A . n 
A 1 94  GLN 94  182 182 GLN GLN A . n 
A 1 95  ALA 95  183 183 ALA ALA A . n 
A 1 96  ARG 96  184 184 ARG ARG A . n 
A 1 97  ASP 97  185 185 ASP ASP A . n 
A 1 98  LEU 98  186 186 LEU LEU A . n 
A 1 99  GLN 99  187 187 GLN GLN A . n 
A 1 100 ASN 100 188 188 ASN ASN A . n 
A 1 101 ARG 101 189 189 ARG ARG A . n 
A 1 102 SER 102 190 190 SER SER A . n 
A 1 103 GLY 103 191 191 GLY GLY A . n 
A 1 104 ALA 104 192 192 ALA ALA A . n 
# 
_cell.entry_id           1E3Y 
_cell.length_a           1.000 
_cell.length_b           1.000 
_cell.length_c           1.000 
_cell.angle_alpha        90.00 
_cell.angle_beta         90.00 
_cell.angle_gamma        90.00 
_cell.Z_PDB              1 
_cell.pdbx_unique_axis   ? 
# 
_symmetry.entry_id                         1E3Y 
_symmetry.space_group_name_H-M             'P 1' 
_symmetry.pdbx_full_space_group_name_H-M   ? 
_symmetry.cell_setting                     ? 
_symmetry.Int_Tables_number                1 
# 
_exptl.entry_id          1E3Y 
_exptl.method            'SOLUTION NMR' 
_exptl.crystals_number   ? 
# 
_struct.entry_id                  1E3Y 
_struct.title                     'Death domain from human FADD/MORT1' 
_struct.pdbx_model_details        ? 
_struct.pdbx_CASP_flag            ? 
_struct.pdbx_model_type_details   'MINIMIZED AVERAGE' 
# 
_struct_keywords.entry_id        1E3Y 
_struct_keywords.pdbx_keywords   APOPTOSIS 
_struct_keywords.text            'APOPTOSIS, DEATH DOMAIN, ADAPTER MOLECULE, FAS RECEPTOR DEATH INDUCING SIGNALLING COMPLEX' 
# 
_struct_asym.id                            A 
_struct_asym.pdbx_blank_PDB_chainid_flag   N 
_struct_asym.pdbx_modified                 N 
_struct_asym.entity_id                     1 
_struct_asym.details                       ? 
# 
loop_
_struct_ref.id 
_struct_ref.db_name 
_struct_ref.db_code 
_struct_ref.entity_id 
_struct_ref.pdbx_seq_one_letter_code 
_struct_ref.pdbx_align_begin 
_struct_ref.pdbx_db_accession 
_struct_ref.pdbx_db_isoform 
1 PDB 1E3Y       1 ? ? 1E3Y   ? 
2 UNP FADD_HUMAN 1 ? ? Q13158 ? 
# 
loop_
_struct_ref_seq.align_id 
_struct_ref_seq.ref_id 
_struct_ref_seq.pdbx_PDB_id_code 
_struct_ref_seq.pdbx_strand_id 
_struct_ref_seq.seq_align_beg 
_struct_ref_seq.pdbx_seq_align_beg_ins_code 
_struct_ref_seq.seq_align_end 
_struct_ref_seq.pdbx_seq_align_end_ins_code 
_struct_ref_seq.pdbx_db_accession 
_struct_ref_seq.db_align_beg 
_struct_ref_seq.pdbx_db_align_beg_ins_code 
_struct_ref_seq.db_align_end 
_struct_ref_seq.pdbx_db_align_end_ins_code 
_struct_ref_seq.pdbx_auth_seq_align_beg 
_struct_ref_seq.pdbx_auth_seq_align_end 
1 1 1E3Y A 1 ? 4   ? 1E3Y   89 ? 92  ? 89 92  
2 2 1E3Y A 5 ? 104 ? Q13158 93 ? 192 ? 93 192 
# 
_pdbx_struct_assembly.id                   1 
_pdbx_struct_assembly.details              author_defined_assembly 
_pdbx_struct_assembly.method_details       ? 
_pdbx_struct_assembly.oligomeric_details   monomeric 
_pdbx_struct_assembly.oligomeric_count     1 
# 
_pdbx_struct_assembly_gen.assembly_id       1 
_pdbx_struct_assembly_gen.oper_expression   1 
_pdbx_struct_assembly_gen.asym_id_list      A 
# 
_pdbx_struct_oper_list.id                   1 
_pdbx_struct_oper_list.type                 'identity operation' 
_pdbx_struct_oper_list.name                 1_555 
_pdbx_struct_oper_list.symmetry_operation   x,y,z 
_pdbx_struct_oper_list.matrix[1][1]         1.0000000000 
_pdbx_struct_oper_list.matrix[1][2]         0.0000000000 
_pdbx_struct_oper_list.matrix[1][3]         0.0000000000 
_pdbx_struct_oper_list.vector[1]            0.0000000000 
_pdbx_struct_oper_list.matrix[2][1]         0.0000000000 
_pdbx_struct_oper_list.matrix[2][2]         1.0000000000 
_pdbx_struct_oper_list.matrix[2][3]         0.0000000000 
_pdbx_struct_oper_list.vector[2]            0.0000000000 
_pdbx_struct_oper_list.matrix[3][1]         0.0000000000 
_pdbx_struct_oper_list.matrix[3][2]         0.0000000000 
_pdbx_struct_oper_list.matrix[3][3]         1.0000000000 
_pdbx_struct_oper_list.vector[3]            0.0000000000 
# 
loop_
_struct_conf.conf_type_id 
_struct_conf.id 
_struct_conf.pdbx_PDB_helix_id 
_struct_conf.beg_label_comp_id 
_struct_conf.beg_label_asym_id 
_struct_conf.beg_label_seq_id 
_struct_conf.pdbx_beg_PDB_ins_code 
_struct_conf.end_label_comp_id 
_struct_conf.end_label_asym_id 
_struct_conf.end_label_seq_id 
_struct_conf.pdbx_end_PDB_ins_code 
_struct_conf.beg_auth_comp_id 
_struct_conf.beg_auth_asym_id 
_struct_conf.beg_auth_seq_id 
_struct_conf.end_auth_comp_id 
_struct_conf.end_auth_asym_id 
_struct_conf.end_auth_seq_id 
_struct_conf.pdbx_PDB_helix_class 
_struct_conf.details 
_struct_conf.pdbx_PDB_helix_length 
HELX_P HELX_P1 1 ASP A 8  ? ASN A 19  ? ASP A 96  ASN A 107 1 ? 12 
HELX_P HELX_P2 2 ASP A 23 ? VAL A 33  ? ASP A 111 VAL A 121 1 ? 11 
HELX_P HELX_P3 3 SER A 34 ? TYR A 45  ? SER A 122 TYR A 133 1 ? 12 
HELX_P HELX_P4 4 ASN A 48 ? LYS A 65  ? ASN A 136 LYS A 153 1 ? 18 
HELX_P HELX_P5 5 THR A 69 ? CYS A 80  ? THR A 157 CYS A 168 1 ? 12 
HELX_P HELX_P6 6 MET A 82 ? ASN A 100 ? MET A 170 ASN A 188 1 ? 19 
# 
_struct_conf_type.id          HELX_P 
_struct_conf_type.criteria    ? 
_struct_conf_type.reference   ? 
# 
loop_
_pdbx_validate_close_contact.id 
_pdbx_validate_close_contact.PDB_model_num 
_pdbx_validate_close_contact.auth_atom_id_1 
_pdbx_validate_close_contact.auth_asym_id_1 
_pdbx_validate_close_contact.auth_comp_id_1 
_pdbx_validate_close_contact.auth_seq_id_1 
_pdbx_validate_close_contact.PDB_ins_code_1 
_pdbx_validate_close_contact.label_alt_id_1 
_pdbx_validate_close_contact.auth_atom_id_2 
_pdbx_validate_close_contact.auth_asym_id_2 
_pdbx_validate_close_contact.auth_comp_id_2 
_pdbx_validate_close_contact.auth_seq_id_2 
_pdbx_validate_close_contact.PDB_ins_code_2 
_pdbx_validate_close_contact.label_alt_id_2 
_pdbx_validate_close_contact.dist 
1 1 O A GLU 95  ? ? H A LEU 97  ? ? 1.43 
2 1 O A TRP 112 ? ? H A ALA 116 ? ? 1.44 
3 1 O A SER 144 ? ? H A ILE 147 ? ? 1.44 
4 1 O A ARG 184 ? ? H A ASN 188 ? ? 1.55 
5 1 O A LYS 125 ? ? H A ILE 129 ? ? 1.57 
# 
loop_
_pdbx_validate_torsion.id 
_pdbx_validate_torsion.PDB_model_num 
_pdbx_validate_torsion.auth_comp_id 
_pdbx_validate_torsion.auth_asym_id 
_pdbx_validate_torsion.auth_seq_id 
_pdbx_validate_torsion.PDB_ins_code 
_pdbx_validate_torsion.label_alt_id 
_pdbx_validate_torsion.phi 
_pdbx_validate_torsion.psi 
1  1 SER A 90  ? ? -166.37 105.57  
2  1 GLU A 94  ? ? -91.28  32.57   
3  1 GLU A 95  ? ? -40.99  152.47  
4  1 ASP A 96  ? ? 62.16   -58.50  
5  1 VAL A 108 ? ? -47.71  176.97  
6  1 LYS A 110 ? ? -173.02 20.08   
7  1 LYS A 120 ? ? 102.81  40.60   
8  1 LEU A 145 ? ? -27.54  -55.36  
9  1 TRP A 148 ? ? -27.08  -58.08  
10 1 LYS A 153 ? ? -27.44  -65.23  
11 1 ALA A 156 ? ? -104.88 40.67   
12 1 ARG A 189 ? ? 37.43   -140.82 
13 1 SER A 190 ? ? 61.46   72.48   
# 
loop_
_pdbx_validate_planes.id 
_pdbx_validate_planes.PDB_model_num 
_pdbx_validate_planes.auth_comp_id 
_pdbx_validate_planes.auth_asym_id 
_pdbx_validate_planes.auth_seq_id 
_pdbx_validate_planes.PDB_ins_code 
_pdbx_validate_planes.label_alt_id 
_pdbx_validate_planes.rmsd 
_pdbx_validate_planes.type 
1  1 ARG A 113 ? ? 0.154 'SIDE CHAIN' 
2  1 ARG A 114 ? ? 0.202 'SIDE CHAIN' 
3  1 ARG A 117 ? ? 0.317 'SIDE CHAIN' 
4  1 ARG A 132 ? ? 0.317 'SIDE CHAIN' 
5  1 ARG A 135 ? ? 0.195 'SIDE CHAIN' 
6  1 ARG A 140 ? ? 0.113 'SIDE CHAIN' 
7  1 ARG A 142 ? ? 0.276 'SIDE CHAIN' 
8  1 ARG A 146 ? ? 0.212 'SIDE CHAIN' 
9  1 ARG A 166 ? ? 0.303 'SIDE CHAIN' 
10 1 ARG A 184 ? ? 0.215 'SIDE CHAIN' 
11 1 ARG A 189 ? ? 0.262 'SIDE CHAIN' 
# 
_pdbx_entry_details.entry_id                 1E3Y 
_pdbx_entry_details.compound_details         'CHIAN A EXTRA GLY-SER-HIS-MET- AT N-TERMINUS' 
_pdbx_entry_details.source_details           ? 
_pdbx_entry_details.nonpolymer_details       ? 
_pdbx_entry_details.sequence_details         ? 
_pdbx_entry_details.has_ligand_of_interest   ? 
# 
_pdbx_nmr_ensemble.entry_id                             1E3Y 
_pdbx_nmr_ensemble.conformers_calculated_total_number   100 
_pdbx_nmr_ensemble.conformers_submitted_total_number    1 
_pdbx_nmr_ensemble.conformer_selection_criteria         'LEAST RESTRAINT VIOLATION AND GOOD NON-BONDED CONTACTS' 
# 
_pdbx_nmr_exptl_sample_conditions.conditions_id          1 
_pdbx_nmr_exptl_sample_conditions.temperature            298 
_pdbx_nmr_exptl_sample_conditions.pressure_units         atm 
_pdbx_nmr_exptl_sample_conditions.pressure               1 
_pdbx_nmr_exptl_sample_conditions.pH                     6.2 
_pdbx_nmr_exptl_sample_conditions.ionic_strength         '50 MM PHOSPHATE BUFFER, 150MM NACL' 
_pdbx_nmr_exptl_sample_conditions.ionic_strength_units   ? 
_pdbx_nmr_exptl_sample_conditions.pH_units               pH 
_pdbx_nmr_exptl_sample_conditions.temperature_units      K 
_pdbx_nmr_exptl_sample_conditions.label                  ? 
# 
loop_
_pdbx_nmr_exptl.experiment_id 
_pdbx_nmr_exptl.conditions_id 
_pdbx_nmr_exptl.type 
_pdbx_nmr_exptl.solution_id 
1 1 'VARIOUS DOUBLE'                1 
2 1 'TRIPLE RESONANCES EXPERIMENTS' 1 
# 
_pdbx_nmr_details.entry_id   1E3Y 
_pdbx_nmr_details.text       
;THE STRUCTURE WAS DETERMINED USING TRIPLE-RESONANCE NMR SPECTROSCOPY ON 13C, 15N-LABELED FADD-DD. FULL DETAILS ARE GIVEN IN BERGLUND ET AL., J. MOL. BIOL. (2000), IN PRESS
;
# 
_pdbx_nmr_refine.entry_id           1E3Y 
_pdbx_nmr_refine.method             'SIMULATED ANNEALING FROM RANDOM CHAIN STARTING CONFORMERS' 
_pdbx_nmr_refine.details            'REFINEMENT DETAILS CAN BE FOUND IN THE JRNL CITATION ABOVE.' 
_pdbx_nmr_refine.software_ordinal   1 
# 
loop_
_pdbx_nmr_software.classification 
_pdbx_nmr_software.name 
_pdbx_nmr_software.version 
_pdbx_nmr_software.authors 
_pdbx_nmr_software.ordinal 
refinement           X-PLOR  3.851 BRUNGER 1 
'structure solution' NMRPipe ?     ?       2 
'structure solution' ANSIG   ?     ?       3 
'structure solution' X-PLOR  ?     ?       4 
# 
loop_
_chem_comp_atom.comp_id 
_chem_comp_atom.atom_id 
_chem_comp_atom.type_symbol 
_chem_comp_atom.pdbx_aromatic_flag 
_chem_comp_atom.pdbx_stereo_config 
_chem_comp_atom.pdbx_ordinal 
ALA N    N N N 1   
ALA CA   C N S 2   
ALA C    C N N 3   
ALA O    O N N 4   
ALA CB   C N N 5   
ALA OXT  O N N 6   
ALA H    H N N 7   
ALA H2   H N N 8   
ALA HA   H N N 9   
ALA HB1  H N N 10  
ALA HB2  H N N 11  
ALA HB3  H N N 12  
ALA HXT  H N N 13  
ARG N    N N N 14  
ARG CA   C N S 15  
ARG C    C N N 16  
ARG O    O N N 17  
ARG CB   C N N 18  
ARG CG   C N N 19  
ARG CD   C N N 20  
ARG NE   N N N 21  
ARG CZ   C N N 22  
ARG NH1  N N N 23  
ARG NH2  N N N 24  
ARG OXT  O N N 25  
ARG H    H N N 26  
ARG H2   H N N 27  
ARG HA   H N N 28  
ARG HB2  H N N 29  
ARG HB3  H N N 30  
ARG HG2  H N N 31  
ARG HG3  H N N 32  
ARG HD2  H N N 33  
ARG HD3  H N N 34  
ARG HE   H N N 35  
ARG HH11 H N N 36  
ARG HH12 H N N 37  
ARG HH21 H N N 38  
ARG HH22 H N N 39  
ARG HXT  H N N 40  
ASN N    N N N 41  
ASN CA   C N S 42  
ASN C    C N N 43  
ASN O    O N N 44  
ASN CB   C N N 45  
ASN CG   C N N 46  
ASN OD1  O N N 47  
ASN ND2  N N N 48  
ASN OXT  O N N 49  
ASN H    H N N 50  
ASN H2   H N N 51  
ASN HA   H N N 52  
ASN HB2  H N N 53  
ASN HB3  H N N 54  
ASN HD21 H N N 55  
ASN HD22 H N N 56  
ASN HXT  H N N 57  
ASP N    N N N 58  
ASP CA   C N S 59  
ASP C    C N N 60  
ASP O    O N N 61  
ASP CB   C N N 62  
ASP CG   C N N 63  
ASP OD1  O N N 64  
ASP OD2  O N N 65  
ASP OXT  O N N 66  
ASP H    H N N 67  
ASP H2   H N N 68  
ASP HA   H N N 69  
ASP HB2  H N N 70  
ASP HB3  H N N 71  
ASP HD2  H N N 72  
ASP HXT  H N N 73  
CYS N    N N N 74  
CYS CA   C N R 75  
CYS C    C N N 76  
CYS O    O N N 77  
CYS CB   C N N 78  
CYS SG   S N N 79  
CYS OXT  O N N 80  
CYS H    H N N 81  
CYS H2   H N N 82  
CYS HA   H N N 83  
CYS HB2  H N N 84  
CYS HB3  H N N 85  
CYS HG   H N N 86  
CYS HXT  H N N 87  
GLN N    N N N 88  
GLN CA   C N S 89  
GLN C    C N N 90  
GLN O    O N N 91  
GLN CB   C N N 92  
GLN CG   C N N 93  
GLN CD   C N N 94  
GLN OE1  O N N 95  
GLN NE2  N N N 96  
GLN OXT  O N N 97  
GLN H    H N N 98  
GLN H2   H N N 99  
GLN HA   H N N 100 
GLN HB2  H N N 101 
GLN HB3  H N N 102 
GLN HG2  H N N 103 
GLN HG3  H N N 104 
GLN HE21 H N N 105 
GLN HE22 H N N 106 
GLN HXT  H N N 107 
GLU N    N N N 108 
GLU CA   C N S 109 
GLU C    C N N 110 
GLU O    O N N 111 
GLU CB   C N N 112 
GLU CG   C N N 113 
GLU CD   C N N 114 
GLU OE1  O N N 115 
GLU OE2  O N N 116 
GLU OXT  O N N 117 
GLU H    H N N 118 
GLU H2   H N N 119 
GLU HA   H N N 120 
GLU HB2  H N N 121 
GLU HB3  H N N 122 
GLU HG2  H N N 123 
GLU HG3  H N N 124 
GLU HE2  H N N 125 
GLU HXT  H N N 126 
GLY N    N N N 127 
GLY CA   C N N 128 
GLY C    C N N 129 
GLY O    O N N 130 
GLY OXT  O N N 131 
GLY H    H N N 132 
GLY H2   H N N 133 
GLY HA2  H N N 134 
GLY HA3  H N N 135 
GLY HXT  H N N 136 
HIS N    N N N 137 
HIS CA   C N S 138 
HIS C    C N N 139 
HIS O    O N N 140 
HIS CB   C N N 141 
HIS CG   C Y N 142 
HIS ND1  N Y N 143 
HIS CD2  C Y N 144 
HIS CE1  C Y N 145 
HIS NE2  N Y N 146 
HIS OXT  O N N 147 
HIS H    H N N 148 
HIS H2   H N N 149 
HIS HA   H N N 150 
HIS HB2  H N N 151 
HIS HB3  H N N 152 
HIS HD1  H N N 153 
HIS HD2  H N N 154 
HIS HE1  H N N 155 
HIS HE2  H N N 156 
HIS HXT  H N N 157 
ILE N    N N N 158 
ILE CA   C N S 159 
ILE C    C N N 160 
ILE O    O N N 161 
ILE CB   C N S 162 
ILE CG1  C N N 163 
ILE CG2  C N N 164 
ILE CD1  C N N 165 
ILE OXT  O N N 166 
ILE H    H N N 167 
ILE H2   H N N 168 
ILE HA   H N N 169 
ILE HB   H N N 170 
ILE HG12 H N N 171 
ILE HG13 H N N 172 
ILE HG21 H N N 173 
ILE HG22 H N N 174 
ILE HG23 H N N 175 
ILE HD11 H N N 176 
ILE HD12 H N N 177 
ILE HD13 H N N 178 
ILE HXT  H N N 179 
LEU N    N N N 180 
LEU CA   C N S 181 
LEU C    C N N 182 
LEU O    O N N 183 
LEU CB   C N N 184 
LEU CG   C N N 185 
LEU CD1  C N N 186 
LEU CD2  C N N 187 
LEU OXT  O N N 188 
LEU H    H N N 189 
LEU H2   H N N 190 
LEU HA   H N N 191 
LEU HB2  H N N 192 
LEU HB3  H N N 193 
LEU HG   H N N 194 
LEU HD11 H N N 195 
LEU HD12 H N N 196 
LEU HD13 H N N 197 
LEU HD21 H N N 198 
LEU HD22 H N N 199 
LEU HD23 H N N 200 
LEU HXT  H N N 201 
LYS N    N N N 202 
LYS CA   C N S 203 
LYS C    C N N 204 
LYS O    O N N 205 
LYS CB   C N N 206 
LYS CG   C N N 207 
LYS CD   C N N 208 
LYS CE   C N N 209 
LYS NZ   N N N 210 
LYS OXT  O N N 211 
LYS H    H N N 212 
LYS H2   H N N 213 
LYS HA   H N N 214 
LYS HB2  H N N 215 
LYS HB3  H N N 216 
LYS HG2  H N N 217 
LYS HG3  H N N 218 
LYS HD2  H N N 219 
LYS HD3  H N N 220 
LYS HE2  H N N 221 
LYS HE3  H N N 222 
LYS HZ1  H N N 223 
LYS HZ2  H N N 224 
LYS HZ3  H N N 225 
LYS HXT  H N N 226 
MET N    N N N 227 
MET CA   C N S 228 
MET C    C N N 229 
MET O    O N N 230 
MET CB   C N N 231 
MET CG   C N N 232 
MET SD   S N N 233 
MET CE   C N N 234 
MET OXT  O N N 235 
MET H    H N N 236 
MET H2   H N N 237 
MET HA   H N N 238 
MET HB2  H N N 239 
MET HB3  H N N 240 
MET HG2  H N N 241 
MET HG3  H N N 242 
MET HE1  H N N 243 
MET HE2  H N N 244 
MET HE3  H N N 245 
MET HXT  H N N 246 
PHE N    N N N 247 
PHE CA   C N S 248 
PHE C    C N N 249 
PHE O    O N N 250 
PHE CB   C N N 251 
PHE CG   C Y N 252 
PHE CD1  C Y N 253 
PHE CD2  C Y N 254 
PHE CE1  C Y N 255 
PHE CE2  C Y N 256 
PHE CZ   C Y N 257 
PHE OXT  O N N 258 
PHE H    H N N 259 
PHE H2   H N N 260 
PHE HA   H N N 261 
PHE HB2  H N N 262 
PHE HB3  H N N 263 
PHE HD1  H N N 264 
PHE HD2  H N N 265 
PHE HE1  H N N 266 
PHE HE2  H N N 267 
PHE HZ   H N N 268 
PHE HXT  H N N 269 
PRO N    N N N 270 
PRO CA   C N S 271 
PRO C    C N N 272 
PRO O    O N N 273 
PRO CB   C N N 274 
PRO CG   C N N 275 
PRO CD   C N N 276 
PRO OXT  O N N 277 
PRO H    H N N 278 
PRO HA   H N N 279 
PRO HB2  H N N 280 
PRO HB3  H N N 281 
PRO HG2  H N N 282 
PRO HG3  H N N 283 
PRO HD2  H N N 284 
PRO HD3  H N N 285 
PRO HXT  H N N 286 
SER N    N N N 287 
SER CA   C N S 288 
SER C    C N N 289 
SER O    O N N 290 
SER CB   C N N 291 
SER OG   O N N 292 
SER OXT  O N N 293 
SER H    H N N 294 
SER H2   H N N 295 
SER HA   H N N 296 
SER HB2  H N N 297 
SER HB3  H N N 298 
SER HG   H N N 299 
SER HXT  H N N 300 
THR N    N N N 301 
THR CA   C N S 302 
THR C    C N N 303 
THR O    O N N 304 
THR CB   C N R 305 
THR OG1  O N N 306 
THR CG2  C N N 307 
THR OXT  O N N 308 
THR H    H N N 309 
THR H2   H N N 310 
THR HA   H N N 311 
THR HB   H N N 312 
THR HG1  H N N 313 
THR HG21 H N N 314 
THR HG22 H N N 315 
THR HG23 H N N 316 
THR HXT  H N N 317 
TRP N    N N N 318 
TRP CA   C N S 319 
TRP C    C N N 320 
TRP O    O N N 321 
TRP CB   C N N 322 
TRP CG   C Y N 323 
TRP CD1  C Y N 324 
TRP CD2  C Y N 325 
TRP NE1  N Y N 326 
TRP CE2  C Y N 327 
TRP CE3  C Y N 328 
TRP CZ2  C Y N 329 
TRP CZ3  C Y N 330 
TRP CH2  C Y N 331 
TRP OXT  O N N 332 
TRP H    H N N 333 
TRP H2   H N N 334 
TRP HA   H N N 335 
TRP HB2  H N N 336 
TRP HB3  H N N 337 
TRP HD1  H N N 338 
TRP HE1  H N N 339 
TRP HE3  H N N 340 
TRP HZ2  H N N 341 
TRP HZ3  H N N 342 
TRP HH2  H N N 343 
TRP HXT  H N N 344 
TYR N    N N N 345 
TYR CA   C N S 346 
TYR C    C N N 347 
TYR O    O N N 348 
TYR CB   C N N 349 
TYR CG   C Y N 350 
TYR CD1  C Y N 351 
TYR CD2  C Y N 352 
TYR CE1  C Y N 353 
TYR CE2  C Y N 354 
TYR CZ   C Y N 355 
TYR OH   O N N 356 
TYR OXT  O N N 357 
TYR H    H N N 358 
TYR H2   H N N 359 
TYR HA   H N N 360 
TYR HB2  H N N 361 
TYR HB3  H N N 362 
TYR HD1  H N N 363 
TYR HD2  H N N 364 
TYR HE1  H N N 365 
TYR HE2  H N N 366 
TYR HH   H N N 367 
TYR HXT  H N N 368 
VAL N    N N N 369 
VAL CA   C N S 370 
VAL C    C N N 371 
VAL O    O N N 372 
VAL CB   C N N 373 
VAL CG1  C N N 374 
VAL CG2  C N N 375 
VAL OXT  O N N 376 
VAL H    H N N 377 
VAL H2   H N N 378 
VAL HA   H N N 379 
VAL HB   H N N 380 
VAL HG11 H N N 381 
VAL HG12 H N N 382 
VAL HG13 H N N 383 
VAL HG21 H N N 384 
VAL HG22 H N N 385 
VAL HG23 H N N 386 
VAL HXT  H N N 387 
# 
loop_
_chem_comp_bond.comp_id 
_chem_comp_bond.atom_id_1 
_chem_comp_bond.atom_id_2 
_chem_comp_bond.value_order 
_chem_comp_bond.pdbx_aromatic_flag 
_chem_comp_bond.pdbx_stereo_config 
_chem_comp_bond.pdbx_ordinal 
ALA N   CA   sing N N 1   
ALA N   H    sing N N 2   
ALA N   H2   sing N N 3   
ALA CA  C    sing N N 4   
ALA CA  CB   sing N N 5   
ALA CA  HA   sing N N 6   
ALA C   O    doub N N 7   
ALA C   OXT  sing N N 8   
ALA CB  HB1  sing N N 9   
ALA CB  HB2  sing N N 10  
ALA CB  HB3  sing N N 11  
ALA OXT HXT  sing N N 12  
ARG N   CA   sing N N 13  
ARG N   H    sing N N 14  
ARG N   H2   sing N N 15  
ARG CA  C    sing N N 16  
ARG CA  CB   sing N N 17  
ARG CA  HA   sing N N 18  
ARG C   O    doub N N 19  
ARG C   OXT  sing N N 20  
ARG CB  CG   sing N N 21  
ARG CB  HB2  sing N N 22  
ARG CB  HB3  sing N N 23  
ARG CG  CD   sing N N 24  
ARG CG  HG2  sing N N 25  
ARG CG  HG3  sing N N 26  
ARG CD  NE   sing N N 27  
ARG CD  HD2  sing N N 28  
ARG CD  HD3  sing N N 29  
ARG NE  CZ   sing N N 30  
ARG NE  HE   sing N N 31  
ARG CZ  NH1  sing N N 32  
ARG CZ  NH2  doub N N 33  
ARG NH1 HH11 sing N N 34  
ARG NH1 HH12 sing N N 35  
ARG NH2 HH21 sing N N 36  
ARG NH2 HH22 sing N N 37  
ARG OXT HXT  sing N N 38  
ASN N   CA   sing N N 39  
ASN N   H    sing N N 40  
ASN N   H2   sing N N 41  
ASN CA  C    sing N N 42  
ASN CA  CB   sing N N 43  
ASN CA  HA   sing N N 44  
ASN C   O    doub N N 45  
ASN C   OXT  sing N N 46  
ASN CB  CG   sing N N 47  
ASN CB  HB2  sing N N 48  
ASN CB  HB3  sing N N 49  
ASN CG  OD1  doub N N 50  
ASN CG  ND2  sing N N 51  
ASN ND2 HD21 sing N N 52  
ASN ND2 HD22 sing N N 53  
ASN OXT HXT  sing N N 54  
ASP N   CA   sing N N 55  
ASP N   H    sing N N 56  
ASP N   H2   sing N N 57  
ASP CA  C    sing N N 58  
ASP CA  CB   sing N N 59  
ASP CA  HA   sing N N 60  
ASP C   O    doub N N 61  
ASP C   OXT  sing N N 62  
ASP CB  CG   sing N N 63  
ASP CB  HB2  sing N N 64  
ASP CB  HB3  sing N N 65  
ASP CG  OD1  doub N N 66  
ASP CG  OD2  sing N N 67  
ASP OD2 HD2  sing N N 68  
ASP OXT HXT  sing N N 69  
CYS N   CA   sing N N 70  
CYS N   H    sing N N 71  
CYS N   H2   sing N N 72  
CYS CA  C    sing N N 73  
CYS CA  CB   sing N N 74  
CYS CA  HA   sing N N 75  
CYS C   O    doub N N 76  
CYS C   OXT  sing N N 77  
CYS CB  SG   sing N N 78  
CYS CB  HB2  sing N N 79  
CYS CB  HB3  sing N N 80  
CYS SG  HG   sing N N 81  
CYS OXT HXT  sing N N 82  
GLN N   CA   sing N N 83  
GLN N   H    sing N N 84  
GLN N   H2   sing N N 85  
GLN CA  C    sing N N 86  
GLN CA  CB   sing N N 87  
GLN CA  HA   sing N N 88  
GLN C   O    doub N N 89  
GLN C   OXT  sing N N 90  
GLN CB  CG   sing N N 91  
GLN CB  HB2  sing N N 92  
GLN CB  HB3  sing N N 93  
GLN CG  CD   sing N N 94  
GLN CG  HG2  sing N N 95  
GLN CG  HG3  sing N N 96  
GLN CD  OE1  doub N N 97  
GLN CD  NE2  sing N N 98  
GLN NE2 HE21 sing N N 99  
GLN NE2 HE22 sing N N 100 
GLN OXT HXT  sing N N 101 
GLU N   CA   sing N N 102 
GLU N   H    sing N N 103 
GLU N   H2   sing N N 104 
GLU CA  C    sing N N 105 
GLU CA  CB   sing N N 106 
GLU CA  HA   sing N N 107 
GLU C   O    doub N N 108 
GLU C   OXT  sing N N 109 
GLU CB  CG   sing N N 110 
GLU CB  HB2  sing N N 111 
GLU CB  HB3  sing N N 112 
GLU CG  CD   sing N N 113 
GLU CG  HG2  sing N N 114 
GLU CG  HG3  sing N N 115 
GLU CD  OE1  doub N N 116 
GLU CD  OE2  sing N N 117 
GLU OE2 HE2  sing N N 118 
GLU OXT HXT  sing N N 119 
GLY N   CA   sing N N 120 
GLY N   H    sing N N 121 
GLY N   H2   sing N N 122 
GLY CA  C    sing N N 123 
GLY CA  HA2  sing N N 124 
GLY CA  HA3  sing N N 125 
GLY C   O    doub N N 126 
GLY C   OXT  sing N N 127 
GLY OXT HXT  sing N N 128 
HIS N   CA   sing N N 129 
HIS N   H    sing N N 130 
HIS N   H2   sing N N 131 
HIS CA  C    sing N N 132 
HIS CA  CB   sing N N 133 
HIS CA  HA   sing N N 134 
HIS C   O    doub N N 135 
HIS C   OXT  sing N N 136 
HIS CB  CG   sing N N 137 
HIS CB  HB2  sing N N 138 
HIS CB  HB3  sing N N 139 
HIS CG  ND1  sing Y N 140 
HIS CG  CD2  doub Y N 141 
HIS ND1 CE1  doub Y N 142 
HIS ND1 HD1  sing N N 143 
HIS CD2 NE2  sing Y N 144 
HIS CD2 HD2  sing N N 145 
HIS CE1 NE2  sing Y N 146 
HIS CE1 HE1  sing N N 147 
HIS NE2 HE2  sing N N 148 
HIS OXT HXT  sing N N 149 
ILE N   CA   sing N N 150 
ILE N   H    sing N N 151 
ILE N   H2   sing N N 152 
ILE CA  C    sing N N 153 
ILE CA  CB   sing N N 154 
ILE CA  HA   sing N N 155 
ILE C   O    doub N N 156 
ILE C   OXT  sing N N 157 
ILE CB  CG1  sing N N 158 
ILE CB  CG2  sing N N 159 
ILE CB  HB   sing N N 160 
ILE CG1 CD1  sing N N 161 
ILE CG1 HG12 sing N N 162 
ILE CG1 HG13 sing N N 163 
ILE CG2 HG21 sing N N 164 
ILE CG2 HG22 sing N N 165 
ILE CG2 HG23 sing N N 166 
ILE CD1 HD11 sing N N 167 
ILE CD1 HD12 sing N N 168 
ILE CD1 HD13 sing N N 169 
ILE OXT HXT  sing N N 170 
LEU N   CA   sing N N 171 
LEU N   H    sing N N 172 
LEU N   H2   sing N N 173 
LEU CA  C    sing N N 174 
LEU CA  CB   sing N N 175 
LEU CA  HA   sing N N 176 
LEU C   O    doub N N 177 
LEU C   OXT  sing N N 178 
LEU CB  CG   sing N N 179 
LEU CB  HB2  sing N N 180 
LEU CB  HB3  sing N N 181 
LEU CG  CD1  sing N N 182 
LEU CG  CD2  sing N N 183 
LEU CG  HG   sing N N 184 
LEU CD1 HD11 sing N N 185 
LEU CD1 HD12 sing N N 186 
LEU CD1 HD13 sing N N 187 
LEU CD2 HD21 sing N N 188 
LEU CD2 HD22 sing N N 189 
LEU CD2 HD23 sing N N 190 
LEU OXT HXT  sing N N 191 
LYS N   CA   sing N N 192 
LYS N   H    sing N N 193 
LYS N   H2   sing N N 194 
LYS CA  C    sing N N 195 
LYS CA  CB   sing N N 196 
LYS CA  HA   sing N N 197 
LYS C   O    doub N N 198 
LYS C   OXT  sing N N 199 
LYS CB  CG   sing N N 200 
LYS CB  HB2  sing N N 201 
LYS CB  HB3  sing N N 202 
LYS CG  CD   sing N N 203 
LYS CG  HG2  sing N N 204 
LYS CG  HG3  sing N N 205 
LYS CD  CE   sing N N 206 
LYS CD  HD2  sing N N 207 
LYS CD  HD3  sing N N 208 
LYS CE  NZ   sing N N 209 
LYS CE  HE2  sing N N 210 
LYS CE  HE3  sing N N 211 
LYS NZ  HZ1  sing N N 212 
LYS NZ  HZ2  sing N N 213 
LYS NZ  HZ3  sing N N 214 
LYS OXT HXT  sing N N 215 
MET N   CA   sing N N 216 
MET N   H    sing N N 217 
MET N   H2   sing N N 218 
MET CA  C    sing N N 219 
MET CA  CB   sing N N 220 
MET CA  HA   sing N N 221 
MET C   O    doub N N 222 
MET C   OXT  sing N N 223 
MET CB  CG   sing N N 224 
MET CB  HB2  sing N N 225 
MET CB  HB3  sing N N 226 
MET CG  SD   sing N N 227 
MET CG  HG2  sing N N 228 
MET CG  HG3  sing N N 229 
MET SD  CE   sing N N 230 
MET CE  HE1  sing N N 231 
MET CE  HE2  sing N N 232 
MET CE  HE3  sing N N 233 
MET OXT HXT  sing N N 234 
PHE N   CA   sing N N 235 
PHE N   H    sing N N 236 
PHE N   H2   sing N N 237 
PHE CA  C    sing N N 238 
PHE CA  CB   sing N N 239 
PHE CA  HA   sing N N 240 
PHE C   O    doub N N 241 
PHE C   OXT  sing N N 242 
PHE CB  CG   sing N N 243 
PHE CB  HB2  sing N N 244 
PHE CB  HB3  sing N N 245 
PHE CG  CD1  doub Y N 246 
PHE CG  CD2  sing Y N 247 
PHE CD1 CE1  sing Y N 248 
PHE CD1 HD1  sing N N 249 
PHE CD2 CE2  doub Y N 250 
PHE CD2 HD2  sing N N 251 
PHE CE1 CZ   doub Y N 252 
PHE CE1 HE1  sing N N 253 
PHE CE2 CZ   sing Y N 254 
PHE CE2 HE2  sing N N 255 
PHE CZ  HZ   sing N N 256 
PHE OXT HXT  sing N N 257 
PRO N   CA   sing N N 258 
PRO N   CD   sing N N 259 
PRO N   H    sing N N 260 
PRO CA  C    sing N N 261 
PRO CA  CB   sing N N 262 
PRO CA  HA   sing N N 263 
PRO C   O    doub N N 264 
PRO C   OXT  sing N N 265 
PRO CB  CG   sing N N 266 
PRO CB  HB2  sing N N 267 
PRO CB  HB3  sing N N 268 
PRO CG  CD   sing N N 269 
PRO CG  HG2  sing N N 270 
PRO CG  HG3  sing N N 271 
PRO CD  HD2  sing N N 272 
PRO CD  HD3  sing N N 273 
PRO OXT HXT  sing N N 274 
SER N   CA   sing N N 275 
SER N   H    sing N N 276 
SER N   H2   sing N N 277 
SER CA  C    sing N N 278 
SER CA  CB   sing N N 279 
SER CA  HA   sing N N 280 
SER C   O    doub N N 281 
SER C   OXT  sing N N 282 
SER CB  OG   sing N N 283 
SER CB  HB2  sing N N 284 
SER CB  HB3  sing N N 285 
SER OG  HG   sing N N 286 
SER OXT HXT  sing N N 287 
THR N   CA   sing N N 288 
THR N   H    sing N N 289 
THR N   H2   sing N N 290 
THR CA  C    sing N N 291 
THR CA  CB   sing N N 292 
THR CA  HA   sing N N 293 
THR C   O    doub N N 294 
THR C   OXT  sing N N 295 
THR CB  OG1  sing N N 296 
THR CB  CG2  sing N N 297 
THR CB  HB   sing N N 298 
THR OG1 HG1  sing N N 299 
THR CG2 HG21 sing N N 300 
THR CG2 HG22 sing N N 301 
THR CG2 HG23 sing N N 302 
THR OXT HXT  sing N N 303 
TRP N   CA   sing N N 304 
TRP N   H    sing N N 305 
TRP N   H2   sing N N 306 
TRP CA  C    sing N N 307 
TRP CA  CB   sing N N 308 
TRP CA  HA   sing N N 309 
TRP C   O    doub N N 310 
TRP C   OXT  sing N N 311 
TRP CB  CG   sing N N 312 
TRP CB  HB2  sing N N 313 
TRP CB  HB3  sing N N 314 
TRP CG  CD1  doub Y N 315 
TRP CG  CD2  sing Y N 316 
TRP CD1 NE1  sing Y N 317 
TRP CD1 HD1  sing N N 318 
TRP CD2 CE2  doub Y N 319 
TRP CD2 CE3  sing Y N 320 
TRP NE1 CE2  sing Y N 321 
TRP NE1 HE1  sing N N 322 
TRP CE2 CZ2  sing Y N 323 
TRP CE3 CZ3  doub Y N 324 
TRP CE3 HE3  sing N N 325 
TRP CZ2 CH2  doub Y N 326 
TRP CZ2 HZ2  sing N N 327 
TRP CZ3 CH2  sing Y N 328 
TRP CZ3 HZ3  sing N N 329 
TRP CH2 HH2  sing N N 330 
TRP OXT HXT  sing N N 331 
TYR N   CA   sing N N 332 
TYR N   H    sing N N 333 
TYR N   H2   sing N N 334 
TYR CA  C    sing N N 335 
TYR CA  CB   sing N N 336 
TYR CA  HA   sing N N 337 
TYR C   O    doub N N 338 
TYR C   OXT  sing N N 339 
TYR CB  CG   sing N N 340 
TYR CB  HB2  sing N N 341 
TYR CB  HB3  sing N N 342 
TYR CG  CD1  doub Y N 343 
TYR CG  CD2  sing Y N 344 
TYR CD1 CE1  sing Y N 345 
TYR CD1 HD1  sing N N 346 
TYR CD2 CE2  doub Y N 347 
TYR CD2 HD2  sing N N 348 
TYR CE1 CZ   doub Y N 349 
TYR CE1 HE1  sing N N 350 
TYR CE2 CZ   sing Y N 351 
TYR CE2 HE2  sing N N 352 
TYR CZ  OH   sing N N 353 
TYR OH  HH   sing N N 354 
TYR OXT HXT  sing N N 355 
VAL N   CA   sing N N 356 
VAL N   H    sing N N 357 
VAL N   H2   sing N N 358 
VAL CA  C    sing N N 359 
VAL CA  CB   sing N N 360 
VAL CA  HA   sing N N 361 
VAL C   O    doub N N 362 
VAL C   OXT  sing N N 363 
VAL CB  CG1  sing N N 364 
VAL CB  CG2  sing N N 365 
VAL CB  HB   sing N N 366 
VAL CG1 HG11 sing N N 367 
VAL CG1 HG12 sing N N 368 
VAL CG1 HG13 sing N N 369 
VAL CG2 HG21 sing N N 370 
VAL CG2 HG22 sing N N 371 
VAL CG2 HG23 sing N N 372 
VAL OXT HXT  sing N N 373 
# 
_pdbx_nmr_spectrometer.spectrometer_id   1 
_pdbx_nmr_spectrometer.model             UNITYPLUS 
_pdbx_nmr_spectrometer.manufacturer      Varian 
_pdbx_nmr_spectrometer.field_strength    600 
_pdbx_nmr_spectrometer.type              ? 
# 
_atom_sites.entry_id                    1E3Y 
_atom_sites.fract_transf_matrix[1][1]   1.000000 
_atom_sites.fract_transf_matrix[1][2]   0.000000 
_atom_sites.fract_transf_matrix[1][3]   0.000000 
_atom_sites.fract_transf_matrix[2][1]   0.000000 
_atom_sites.fract_transf_matrix[2][2]   1.000000 
_atom_sites.fract_transf_matrix[2][3]   0.000000 
_atom_sites.fract_transf_matrix[3][1]   0.000000 
_atom_sites.fract_transf_matrix[3][2]   0.000000 
_atom_sites.fract_transf_matrix[3][3]   1.000000 
_atom_sites.fract_transf_vector[1]      0.00000 
_atom_sites.fract_transf_vector[2]      0.00000 
_atom_sites.fract_transf_vector[3]      0.00000 
# 
loop_
_atom_type.symbol 
C 
H 
N 
O 
S 
# 
loop_
_atom_site.group_PDB 
_atom_site.id 
_atom_site.type_symbol 
_atom_site.label_atom_id 
_atom_site.label_alt_id 
_atom_site.label_comp_id 
_atom_site.label_asym_id 
_atom_site.label_entity_id 
_atom_site.label_seq_id 
_atom_site.pdbx_PDB_ins_code 
_atom_site.Cartn_x 
_atom_site.Cartn_y 
_atom_site.Cartn_z 
_atom_site.occupancy 
_atom_site.B_iso_or_equiv 
_atom_site.pdbx_formal_charge 
_atom_site.auth_seq_id 
_atom_site.auth_comp_id 
_atom_site.auth_asym_id 
_atom_site.auth_atom_id 
_atom_site.pdbx_PDB_model_num 
ATOM 1    N N    . GLY A 1 1   ? 0.493   -10.292 -14.021 1.00 11.27 ? 89  GLY A N    1 
ATOM 2    C CA   . GLY A 1 1   ? -0.321  -10.035 -12.799 1.00 10.78 ? 89  GLY A CA   1 
ATOM 3    C C    . GLY A 1 1   ? -0.161  -11.205 -11.829 1.00 10.01 ? 89  GLY A C    1 
ATOM 4    O O    . GLY A 1 1   ? 0.641   -12.093 -12.042 1.00 9.83  ? 89  GLY A O    1 
ATOM 5    H H1   . GLY A 1 1   ? 1.390   -10.744 -13.751 1.00 11.49 ? 89  GLY A H1   1 
ATOM 6    H H2   . GLY A 1 1   ? -0.032  -10.919 -14.662 1.00 11.22 ? 89  GLY A H2   1 
ATOM 7    H H3   . GLY A 1 1   ? 0.689   -9.392  -14.505 1.00 11.63 ? 89  GLY A H3   1 
ATOM 8    H HA2  . GLY A 1 1   ? 0.019   -9.123  -12.327 1.00 11.04 ? 89  GLY A HA2  1 
ATOM 9    H HA3  . GLY A 1 1   ? -1.360  -9.935  -13.071 1.00 10.91 ? 89  GLY A HA3  1 
ATOM 10   N N    . SER A 1 2   ? -0.916  -11.219 -10.765 1.00 9.78  ? 90  SER A N    1 
ATOM 11   C CA   . SER A 1 2   ? -0.796  -12.340 -9.791  1.00 9.29  ? 90  SER A CA   1 
ATOM 12   C C    . SER A 1 2   ? -1.981  -12.336 -8.820  1.00 8.31  ? 90  SER A C    1 
ATOM 13   O O    . SER A 1 2   ? -2.059  -11.522 -7.921  1.00 8.45  ? 90  SER A O    1 
ATOM 14   C CB   . SER A 1 2   ? 0.512   -12.077 -9.043  1.00 9.81  ? 90  SER A CB   1 
ATOM 15   O OG   . SER A 1 2   ? 0.307   -11.051 -8.080  1.00 10.14 ? 90  SER A OG   1 
ATOM 16   H H    . SER A 1 2   ? -1.557  -10.495 -10.608 1.00 10.10 ? 90  SER A H    1 
ATOM 17   H HA   . SER A 1 2   ? -0.738  -13.284 -10.309 1.00 9.55  ? 90  SER A HA   1 
ATOM 18   H HB2  . SER A 1 2   ? 0.829   -12.976 -8.541  1.00 10.05 ? 90  SER A HB2  1 
ATOM 19   H HB3  . SER A 1 2   ? 1.275   -11.774 -9.749  1.00 9.96  ? 90  SER A HB3  1 
ATOM 20   H HG   . SER A 1 2   ? -0.177  -11.431 -7.341  1.00 10.40 ? 90  SER A HG   1 
ATOM 21   N N    . HIS A 1 3   ? -2.900  -13.249 -8.989  1.00 7.56  ? 91  HIS A N    1 
ATOM 22   C CA   . HIS A 1 3   ? -4.073  -13.307 -8.068  1.00 6.80  ? 91  HIS A CA   1 
ATOM 23   C C    . HIS A 1 3   ? -3.886  -14.453 -7.070  1.00 5.84  ? 91  HIS A C    1 
ATOM 24   O O    . HIS A 1 3   ? -4.828  -14.923 -6.464  1.00 5.87  ? 91  HIS A O    1 
ATOM 25   C CB   . HIS A 1 3   ? -5.283  -13.572 -8.966  1.00 7.28  ? 91  HIS A CB   1 
ATOM 26   C CG   . HIS A 1 3   ? -5.711  -12.292 -9.633  1.00 7.63  ? 91  HIS A CG   1 
ATOM 27   N ND1  . HIS A 1 3   ? -5.651  -11.065 -8.989  1.00 8.26  ? 91  HIS A ND1  1 
ATOM 28   C CD2  . HIS A 1 3   ? -6.200  -12.031 -10.890 1.00 7.80  ? 91  HIS A CD2  1 
ATOM 29   C CE1  . HIS A 1 3   ? -6.091  -10.132 -9.855  1.00 8.74  ? 91  HIS A CE1  1 
ATOM 30   N NE2  . HIS A 1 3   ? -6.439  -10.668 -11.028 1.00 8.51  ? 91  HIS A NE2  1 
ATOM 31   H H    . HIS A 1 3   ? -2.815  -13.902 -9.714  1.00 7.69  ? 91  HIS A H    1 
ATOM 32   H HA   . HIS A 1 3   ? -4.193  -12.369 -7.550  1.00 6.96  ? 91  HIS A HA   1 
ATOM 33   H HB2  . HIS A 1 3   ? -5.019  -14.299 -9.721  1.00 7.68  ? 91  HIS A HB2  1 
ATOM 34   H HB3  . HIS A 1 3   ? -6.097  -13.955 -8.369  1.00 7.30  ? 91  HIS A HB3  1 
ATOM 35   H HD1  . HIS A 1 3   ? -5.350  -10.906 -8.071  1.00 8.50  ? 91  HIS A HD1  1 
ATOM 36   H HD2  . HIS A 1 3   ? -6.377  -12.774 -11.654 1.00 7.65  ? 91  HIS A HD2  1 
ATOM 37   H HE1  . HIS A 1 3   ? -6.151  -9.077  -9.630  1.00 9.42  ? 91  HIS A HE1  1 
ATOM 38   N N    . MET A 1 4   ? -2.673  -14.907 -6.898  1.00 5.33  ? 92  MET A N    1 
ATOM 39   C CA   . MET A 1 4   ? -2.419  -16.025 -5.946  1.00 4.77  ? 92  MET A CA   1 
ATOM 40   C C    . MET A 1 4   ? -0.920  -16.132 -5.646  1.00 4.09  ? 92  MET A C    1 
ATOM 41   O O    . MET A 1 4   ? -0.107  -16.244 -6.542  1.00 4.32  ? 92  MET A O    1 
ATOM 42   C CB   . MET A 1 4   ? -2.911  -17.277 -6.672  1.00 5.20  ? 92  MET A CB   1 
ATOM 43   C CG   . MET A 1 4   ? -2.925  -18.459 -5.700  1.00 5.63  ? 92  MET A CG   1 
ATOM 44   S SD   . MET A 1 4   ? -3.316  -19.977 -6.606  1.00 6.50  ? 92  MET A SD   1 
ATOM 45   C CE   . MET A 1 4   ? -1.771  -20.850 -6.260  1.00 6.97  ? 92  MET A CE   1 
ATOM 46   H H    . MET A 1 4   ? -1.928  -14.515 -7.401  1.00 5.59  ? 92  MET A H    1 
ATOM 47   H HA   . MET A 1 4   ? -2.979  -15.881 -5.035  1.00 4.99  ? 92  MET A HA   1 
ATOM 48   H HB2  . MET A 1 4   ? -3.909  -17.106 -7.048  1.00 5.58  ? 92  MET A HB2  1 
ATOM 49   H HB3  . MET A 1 4   ? -2.248  -17.498 -7.495  1.00 5.30  ? 92  MET A HB3  1 
ATOM 50   H HG2  . MET A 1 4   ? -1.954  -18.556 -5.238  1.00 5.61  ? 92  MET A HG2  1 
ATOM 51   H HG3  . MET A 1 4   ? -3.672  -18.291 -4.939  1.00 5.87  ? 92  MET A HG3  1 
ATOM 52   H HE1  . MET A 1 4   ? -1.055  -20.160 -5.833  1.00 6.95  ? 92  MET A HE1  1 
ATOM 53   H HE2  . MET A 1 4   ? -1.962  -21.655 -5.565  1.00 7.36  ? 92  MET A HE2  1 
ATOM 54   H HE3  . MET A 1 4   ? -1.372  -21.256 -7.176  1.00 7.25  ? 92  MET A HE3  1 
ATOM 55   N N    . GLY A 1 5   ? -0.548  -16.100 -4.395  1.00 3.56  ? 93  GLY A N    1 
ATOM 56   C CA   . GLY A 1 5   ? 0.899   -16.201 -4.045  1.00 3.26  ? 93  GLY A CA   1 
ATOM 57   C C    . GLY A 1 5   ? 1.372   -14.895 -3.404  1.00 2.78  ? 93  GLY A C    1 
ATOM 58   O O    . GLY A 1 5   ? 2.511   -14.765 -3.003  1.00 2.78  ? 93  GLY A O    1 
ATOM 59   H H    . GLY A 1 5   ? -1.219  -16.010 -3.686  1.00 3.61  ? 93  GLY A H    1 
ATOM 60   H HA2  . GLY A 1 5   ? 1.042   -17.014 -3.351  1.00 3.57  ? 93  GLY A HA2  1 
ATOM 61   H HA3  . GLY A 1 5   ? 1.470   -16.384 -4.939  1.00 3.45  ? 93  GLY A HA3  1 
ATOM 62   N N    . GLU A 1 6   ? 0.504   -13.931 -3.302  1.00 2.49  ? 94  GLU A N    1 
ATOM 63   C CA   . GLU A 1 6   ? 0.890   -12.635 -2.686  1.00 2.16  ? 94  GLU A CA   1 
ATOM 64   C C    . GLU A 1 6   ? 0.600   -12.663 -1.190  1.00 1.87  ? 94  GLU A C    1 
ATOM 65   O O    . GLU A 1 6   ? 0.263   -11.661 -0.590  1.00 1.68  ? 94  GLU A O    1 
ATOM 66   C CB   . GLU A 1 6   ? 0.039   -11.576 -3.388  1.00 2.20  ? 94  GLU A CB   1 
ATOM 67   C CG   . GLU A 1 6   ? -1.444  -11.913 -3.224  1.00 2.57  ? 94  GLU A CG   1 
ATOM 68   C CD   . GLU A 1 6   ? -2.104  -11.989 -4.601  1.00 2.74  ? 94  GLU A CD   1 
ATOM 69   O OE1  . GLU A 1 6   ? -2.285  -10.946 -5.208  1.00 2.99  ? 94  GLU A OE1  1 
ATOM 70   O OE2  . GLU A 1 6   ? -2.417  -13.089 -5.027  1.00 3.18  ? 94  GLU A OE2  1 
ATOM 71   H H    . GLU A 1 6   ? -0.399  -14.062 -3.622  1.00 2.60  ? 94  GLU A H    1 
ATOM 72   H HA   . GLU A 1 6   ? 1.930   -12.449 -2.857  1.00 2.28  ? 94  GLU A HA   1 
ATOM 73   H HB2  . GLU A 1 6   ? 0.238   -10.608 -2.949  1.00 2.39  ? 94  GLU A HB2  1 
ATOM 74   H HB3  . GLU A 1 6   ? 0.287   -11.553 -4.438  1.00 2.42  ? 94  GLU A HB3  1 
ATOM 75   H HG2  . GLU A 1 6   ? -1.544  -12.865 -2.722  1.00 2.95  ? 94  GLU A HG2  1 
ATOM 76   H HG3  . GLU A 1 6   ? -1.926  -11.145 -2.638  1.00 2.99  ? 94  GLU A HG3  1 
ATOM 77   N N    . GLU A 1 7   ? 0.724   -13.810 -0.593  1.00 1.99  ? 95  GLU A N    1 
ATOM 78   C CA   . GLU A 1 7   ? 0.456   -13.937 0.873   1.00 1.86  ? 95  GLU A CA   1 
ATOM 79   C C    . GLU A 1 7   ? 1.024   -12.740 1.633   1.00 1.65  ? 95  GLU A C    1 
ATOM 80   O O    . GLU A 1 7   ? 1.974   -12.118 1.207   1.00 1.85  ? 95  GLU A O    1 
ATOM 81   C CB   . GLU A 1 7   ? 1.153   -15.228 1.306   1.00 2.19  ? 95  GLU A CB   1 
ATOM 82   C CG   . GLU A 1 7   ? 2.669   -15.014 1.324   1.00 2.69  ? 95  GLU A CG   1 
ATOM 83   C CD   . GLU A 1 7   ? 3.359   -16.144 0.557   1.00 3.33  ? 95  GLU A CD   1 
ATOM 84   O OE1  . GLU A 1 7   ? 3.369   -17.255 1.060   1.00 3.68  ? 95  GLU A OE1  1 
ATOM 85   O OE2  . GLU A 1 7   ? 3.865   -15.878 -0.520  1.00 3.89  ? 95  GLU A OE2  1 
ATOM 86   H H    . GLU A 1 7   ? 0.992   -14.595 -1.114  1.00 2.26  ? 95  GLU A H    1 
ATOM 87   H HA   . GLU A 1 7   ? -0.605  -14.014 1.049   1.00 1.78  ? 95  GLU A HA   1 
ATOM 88   H HB2  . GLU A 1 7   ? 0.814   -15.500 2.296   1.00 2.18  ? 95  GLU A HB2  1 
ATOM 89   H HB3  . GLU A 1 7   ? 0.910   -16.020 0.612   1.00 2.69  ? 95  GLU A HB3  1 
ATOM 90   H HG2  . GLU A 1 7   ? 2.904   -14.069 0.859   1.00 3.02  ? 95  GLU A HG2  1 
ATOM 91   H HG3  . GLU A 1 7   ? 3.019   -15.010 2.345   1.00 2.95  ? 95  GLU A HG3  1 
ATOM 92   N N    . ASP A 1 8   ? 0.436   -12.414 2.750   1.00 1.47  ? 96  ASP A N    1 
ATOM 93   C CA   . ASP A 1 8   ? 0.910   -11.249 3.550   1.00 1.30  ? 96  ASP A CA   1 
ATOM 94   C C    . ASP A 1 8   ? 0.753   -9.982  2.717   1.00 1.08  ? 96  ASP A C    1 
ATOM 95   O O    . ASP A 1 8   ? 0.049   -9.066  3.089   1.00 0.98  ? 96  ASP A O    1 
ATOM 96   C CB   . ASP A 1 8   ? 2.377   -11.561 3.885   1.00 1.44  ? 96  ASP A CB   1 
ATOM 97   C CG   . ASP A 1 8   ? 3.301   -10.445 3.386   1.00 1.63  ? 96  ASP A CG   1 
ATOM 98   O OD1  . ASP A 1 8   ? 3.243   -9.361  3.941   1.00 1.89  ? 96  ASP A OD1  1 
ATOM 99   O OD2  . ASP A 1 8   ? 4.052   -10.697 2.458   1.00 2.23  ? 96  ASP A OD2  1 
ATOM 100  H H    . ASP A 1 8   ? -0.325  -12.932 3.060   1.00 1.63  ? 96  ASP A H    1 
ATOM 101  H HA   . ASP A 1 8   ? 0.333   -11.163 4.453   1.00 1.31  ? 96  ASP A HA   1 
ATOM 102  H HB2  . ASP A 1 8   ? 2.482   -11.657 4.955   1.00 1.76  ? 96  ASP A HB2  1 
ATOM 103  H HB3  . ASP A 1 8   ? 2.655   -12.493 3.416   1.00 1.71  ? 96  ASP A HB3  1 
ATOM 104  N N    . LEU A 1 9   ? 1.373   -9.933  1.580   1.00 1.12  ? 97  LEU A N    1 
ATOM 105  C CA   . LEU A 1 9   ? 1.225   -8.741  0.719   1.00 1.05  ? 97  LEU A CA   1 
ATOM 106  C C    . LEU A 1 9   ? -0.257  -8.491  0.489   1.00 0.91  ? 97  LEU A C    1 
ATOM 107  O O    . LEU A 1 9   ? -0.683  -7.377  0.262   1.00 0.85  ? 97  LEU A O    1 
ATOM 108  C CB   . LEU A 1 9   ? 1.903   -9.113  -0.590  1.00 1.33  ? 97  LEU A CB   1 
ATOM 109  C CG   . LEU A 1 9   ? 3.272   -8.450  -0.676  1.00 1.42  ? 97  LEU A CG   1 
ATOM 110  C CD1  . LEU A 1 9   ? 3.835   -8.695  -2.068  1.00 1.81  ? 97  LEU A CD1  1 
ATOM 111  C CD2  . LEU A 1 9   ? 3.141   -6.944  -0.433  1.00 2.16  ? 97  LEU A CD2  1 
ATOM 112  H H    . LEU A 1 9   ? 1.916   -10.691 1.282   1.00 1.26  ? 97  LEU A H    1 
ATOM 113  H HA   . LEU A 1 9   ? 1.699   -7.883  1.165   1.00 1.02  ? 97  LEU A HA   1 
ATOM 114  H HB2  . LEU A 1 9   ? 2.020   -10.186 -0.640  1.00 1.63  ? 97  LEU A HB2  1 
ATOM 115  H HB3  . LEU A 1 9   ? 1.292   -8.781  -1.416  1.00 2.01  ? 97  LEU A HB3  1 
ATOM 116  H HG   . LEU A 1 9   ? 3.932   -8.884  0.062   1.00 1.96  ? 97  LEU A HG   1 
ATOM 117  H HD11 . LEU A 1 9   ? 3.126   -8.344  -2.806  1.00 2.35  ? 97  LEU A HD11 1 
ATOM 118  H HD12 . LEU A 1 9   ? 4.768   -8.164  -2.181  1.00 2.14  ? 97  LEU A HD12 1 
ATOM 119  H HD13 . LEU A 1 9   ? 3.999   -9.753  -2.203  1.00 2.24  ? 97  LEU A HD13 1 
ATOM 120  H HD21 . LEU A 1 9   ? 2.096   -6.681  -0.358  1.00 2.65  ? 97  LEU A HD21 1 
ATOM 121  H HD22 . LEU A 1 9   ? 3.645   -6.683  0.486   1.00 2.75  ? 97  LEU A HD22 1 
ATOM 122  H HD23 . LEU A 1 9   ? 3.590   -6.406  -1.254  1.00 2.45  ? 97  LEU A HD23 1 
ATOM 123  N N    . CYS A 1 10  ? -1.054  -9.525  0.555   1.00 0.92  ? 98  CYS A N    1 
ATOM 124  C CA   . CYS A 1 10  ? -2.509  -9.334  0.348   1.00 0.85  ? 98  CYS A CA   1 
ATOM 125  C C    . CYS A 1 10  ? -3.005  -8.238  1.280   1.00 0.72  ? 98  CYS A C    1 
ATOM 126  O O    . CYS A 1 10  ? -3.769  -7.391  0.891   1.00 0.69  ? 98  CYS A O    1 
ATOM 127  C CB   . CYS A 1 10  ? -3.152  -10.678 0.691   1.00 0.94  ? 98  CYS A CB   1 
ATOM 128  S SG   . CYS A 1 10  ? -4.884  -10.670 0.163   1.00 1.31  ? 98  CYS A SG   1 
ATOM 129  H H    . CYS A 1 10  ? -0.694  -10.421 0.747   1.00 1.03  ? 98  CYS A H    1 
ATOM 130  H HA   . CYS A 1 10  ? -2.708  -9.072  -0.675  1.00 0.90  ? 98  CYS A HA   1 
ATOM 131  H HB2  . CYS A 1 10  ? -2.623  -11.471 0.182   1.00 1.15  ? 98  CYS A HB2  1 
ATOM 132  H HB3  . CYS A 1 10  ? -3.101  -10.840 1.757   1.00 1.08  ? 98  CYS A HB3  1 
ATOM 133  H HG   . CYS A 1 10  ? -4.917  -10.969 -0.749  1.00 1.71  ? 98  CYS A HG   1 
ATOM 134  N N    . ALA A 1 11  ? -2.556  -8.238  2.503   1.00 0.72  ? 99  ALA A N    1 
ATOM 135  C CA   . ALA A 1 11  ? -2.992  -7.176  3.452   1.00 0.67  ? 99  ALA A CA   1 
ATOM 136  C C    . ALA A 1 11  ? -2.397  -5.836  3.043   1.00 0.59  ? 99  ALA A C    1 
ATOM 137  O O    . ALA A 1 11  ? -3.000  -4.800  3.228   1.00 0.68  ? 99  ALA A O    1 
ATOM 138  C CB   . ALA A 1 11  ? -2.460  -7.613  4.815   1.00 0.83  ? 99  ALA A CB   1 
ATOM 139  H H    . ALA A 1 11  ? -1.924  -8.927  2.793   1.00 0.82  ? 99  ALA A H    1 
ATOM 140  H HA   . ALA A 1 11  ? -4.056  -7.105  3.480   1.00 0.70  ? 99  ALA A HA   1 
ATOM 141  H HB1  . ALA A 1 11  ? -1.631  -8.287  4.674   1.00 1.33  ? 99  ALA A HB1  1 
ATOM 142  H HB2  . ALA A 1 11  ? -2.131  -6.746  5.368   1.00 1.28  ? 99  ALA A HB2  1 
ATOM 143  H HB3  . ALA A 1 11  ? -3.243  -8.115  5.362   1.00 1.35  ? 99  ALA A HB3  1 
ATOM 144  N N    . ALA A 1 12  ? -1.222  -5.842  2.487   1.00 0.59  ? 100 ALA A N    1 
ATOM 145  C CA   . ALA A 1 12  ? -0.600  -4.562  2.072   1.00 0.63  ? 100 ALA A CA   1 
ATOM 146  C C    . ALA A 1 12  ? -1.307  -4.003  0.840   1.00 0.63  ? 100 ALA A C    1 
ATOM 147  O O    . ALA A 1 12  ? -1.581  -2.822  0.757   1.00 0.70  ? 100 ALA A O    1 
ATOM 148  C CB   . ALA A 1 12  ? 0.853   -4.910  1.755   1.00 0.77  ? 100 ALA A CB   1 
ATOM 149  H H    . ALA A 1 12  ? -0.749  -6.685  2.345   1.00 0.67  ? 100 ALA A H    1 
ATOM 150  H HA   . ALA A 1 12  ? -0.646  -3.855  2.878   1.00 0.67  ? 100 ALA A HA   1 
ATOM 151  H HB1  . ALA A 1 12  ? 1.507   -4.359  2.414   1.00 1.40  ? 100 ALA A HB1  1 
ATOM 152  H HB2  . ALA A 1 12  ? 1.008   -5.970  1.898   1.00 1.20  ? 100 ALA A HB2  1 
ATOM 153  H HB3  . ALA A 1 12  ? 1.070   -4.650  0.730   1.00 1.26  ? 100 ALA A HB3  1 
ATOM 154  N N    . PHE A 1 13  ? -1.618  -4.835  -0.112  1.00 0.62  ? 101 PHE A N    1 
ATOM 155  C CA   . PHE A 1 13  ? -2.316  -4.332  -1.322  1.00 0.66  ? 101 PHE A CA   1 
ATOM 156  C C    . PHE A 1 13  ? -3.813  -4.226  -1.022  1.00 0.64  ? 101 PHE A C    1 
ATOM 157  O O    . PHE A 1 13  ? -4.488  -3.310  -1.463  1.00 0.70  ? 101 PHE A O    1 
ATOM 158  C CB   . PHE A 1 13  ? -2.015  -5.371  -2.405  1.00 0.73  ? 101 PHE A CB   1 
ATOM 159  C CG   . PHE A 1 13  ? -0.513  -5.447  -2.634  1.00 0.80  ? 101 PHE A CG   1 
ATOM 160  C CD1  . PHE A 1 13  ? 0.347   -4.503  -2.045  1.00 0.79  ? 101 PHE A CD1  1 
ATOM 161  C CD2  . PHE A 1 13  ? 0.021   -6.465  -3.439  1.00 1.03  ? 101 PHE A CD2  1 
ATOM 162  C CE1  . PHE A 1 13  ? 1.726   -4.579  -2.263  1.00 0.89  ? 101 PHE A CE1  1 
ATOM 163  C CE2  . PHE A 1 13  ? 1.402   -6.536  -3.655  1.00 1.20  ? 101 PHE A CE2  1 
ATOM 164  C CZ   . PHE A 1 13  ? 2.254   -5.594  -3.068  1.00 1.08  ? 101 PHE A CZ   1 
ATOM 165  H H    . PHE A 1 13  ? -1.402  -5.788  -0.029  1.00 0.63  ? 101 PHE A H    1 
ATOM 166  H HA   . PHE A 1 13  ? -1.923  -3.370  -1.610  1.00 0.70  ? 101 PHE A HA   1 
ATOM 167  H HB2  . PHE A 1 13  ? -2.381  -6.337  -2.087  1.00 0.71  ? 101 PHE A HB2  1 
ATOM 168  H HB3  . PHE A 1 13  ? -2.504  -5.085  -3.323  1.00 0.84  ? 101 PHE A HB3  1 
ATOM 169  H HD1  . PHE A 1 13  ? -0.052  -3.717  -1.422  1.00 0.85  ? 101 PHE A HD1  1 
ATOM 170  H HD2  . PHE A 1 13  ? -0.629  -7.196  -3.892  1.00 1.17  ? 101 PHE A HD2  1 
ATOM 171  H HE1  . PHE A 1 13  ? 2.383   -3.852  -1.807  1.00 0.93  ? 101 PHE A HE1  1 
ATOM 172  H HE2  . PHE A 1 13  ? 1.811   -7.320  -4.278  1.00 1.46  ? 101 PHE A HE2  1 
ATOM 173  H HZ   . PHE A 1 13  ? 3.319   -5.650  -3.237  1.00 1.22  ? 101 PHE A HZ   1 
ATOM 174  N N    . ASN A 1 14  ? -4.328  -5.129  -0.231  1.00 0.62  ? 102 ASN A N    1 
ATOM 175  C CA   . ASN A 1 14  ? -5.762  -5.051  0.135   1.00 0.65  ? 102 ASN A CA   1 
ATOM 176  C C    . ASN A 1 14  ? -5.955  -3.841  1.035   1.00 0.61  ? 102 ASN A C    1 
ATOM 177  O O    . ASN A 1 14  ? -7.008  -3.254  1.077   1.00 0.65  ? 102 ASN A O    1 
ATOM 178  C CB   . ASN A 1 14  ? -6.074  -6.342  0.898   1.00 0.69  ? 102 ASN A CB   1 
ATOM 179  C CG   . ASN A 1 14  ? -7.426  -6.213  1.604   1.00 1.26  ? 102 ASN A CG   1 
ATOM 180  O OD1  . ASN A 1 14  ? -8.320  -5.552  1.115   1.00 1.79  ? 102 ASN A OD1  1 
ATOM 181  N ND2  . ASN A 1 14  ? -7.610  -6.820  2.745   1.00 1.77  ? 102 ASN A ND2  1 
ATOM 182  H H    . ASN A 1 14  ? -3.767  -5.833  0.144   1.00 0.63  ? 102 ASN A H    1 
ATOM 183  H HA   . ASN A 1 14  ? -6.373  -4.975  -0.746  1.00 0.71  ? 102 ASN A HA   1 
ATOM 184  H HB2  . ASN A 1 14  ? -6.106  -7.172  0.206   1.00 0.83  ? 102 ASN A HB2  1 
ATOM 185  H HB3  . ASN A 1 14  ? -5.308  -6.516  1.635   1.00 0.94  ? 102 ASN A HB3  1 
ATOM 186  H HD21 . ASN A 1 14  ? -6.887  -7.351  3.139   1.00 1.94  ? 102 ASN A HD21 1 
ATOM 187  H HD22 . ASN A 1 14  ? -8.470  -6.742  3.208   1.00 2.26  ? 102 ASN A HD22 1 
ATOM 188  N N    . VAL A 1 15  ? -4.932  -3.460  1.752   1.00 0.58  ? 103 VAL A N    1 
ATOM 189  C CA   . VAL A 1 15  ? -5.049  -2.277  2.643   1.00 0.62  ? 103 VAL A CA   1 
ATOM 190  C C    . VAL A 1 15  ? -5.261  -1.025  1.803   1.00 0.63  ? 103 VAL A C    1 
ATOM 191  O O    . VAL A 1 15  ? -6.251  -0.331  1.924   1.00 0.65  ? 103 VAL A O    1 
ATOM 192  C CB   . VAL A 1 15  ? -3.706  -2.219  3.368   1.00 0.68  ? 103 VAL A CB   1 
ATOM 193  C CG1  . VAL A 1 15  ? -3.225  -0.771  3.488   1.00 0.79  ? 103 VAL A CG1  1 
ATOM 194  C CG2  . VAL A 1 15  ? -3.869  -2.826  4.756   1.00 0.80  ? 103 VAL A CG2  1 
ATOM 195  H H    . VAL A 1 15  ? -4.079  -3.949  1.697   1.00 0.57  ? 103 VAL A H    1 
ATOM 196  H HA   . VAL A 1 15  ? -5.850  -2.405  3.349   1.00 0.65  ? 103 VAL A HA   1 
ATOM 197  H HB   . VAL A 1 15  ? -2.976  -2.788  2.811   1.00 0.63  ? 103 VAL A HB   1 
ATOM 198  H HG11 . VAL A 1 15  ? -3.954  -0.195  4.033   1.00 1.41  ? 103 VAL A HG11 1 
ATOM 199  H HG12 . VAL A 1 15  ? -2.281  -0.746  4.009   1.00 1.27  ? 103 VAL A HG12 1 
ATOM 200  H HG13 . VAL A 1 15  ? -3.102  -0.352  2.500   1.00 1.22  ? 103 VAL A HG13 1 
ATOM 201  H HG21 . VAL A 1 15  ? -4.641  -3.579  4.728   1.00 1.31  ? 103 VAL A HG21 1 
ATOM 202  H HG22 . VAL A 1 15  ? -2.940  -3.276  5.061   1.00 1.38  ? 103 VAL A HG22 1 
ATOM 203  H HG23 . VAL A 1 15  ? -4.145  -2.052  5.457   1.00 1.22  ? 103 VAL A HG23 1 
ATOM 204  N N    . ILE A 1 16  ? -4.324  -0.744  0.947   1.00 0.67  ? 104 ILE A N    1 
ATOM 205  C CA   . ILE A 1 16  ? -4.430  0.445   0.076   1.00 0.75  ? 104 ILE A CA   1 
ATOM 206  C C    . ILE A 1 16  ? -5.829  0.494   -0.527  1.00 0.76  ? 104 ILE A C    1 
ATOM 207  O O    . ILE A 1 16  ? -6.409  1.542   -0.729  1.00 0.85  ? 104 ILE A O    1 
ATOM 208  C CB   . ILE A 1 16  ? -3.394  0.203   -1.021  1.00 0.80  ? 104 ILE A CB   1 
ATOM 209  C CG1  . ILE A 1 16  ? -2.010  -0.066  -0.421  1.00 0.85  ? 104 ILE A CG1  1 
ATOM 210  C CG2  . ILE A 1 16  ? -3.314  1.434   -1.899  1.00 1.06  ? 104 ILE A CG2  1 
ATOM 211  C CD1  . ILE A 1 16  ? -1.220  -0.964  -1.376  1.00 0.78  ? 104 ILE A CD1  1 
ATOM 212  H H    . ILE A 1 16  ? -3.546  -1.325  0.874   1.00 0.67  ? 104 ILE A H    1 
ATOM 213  H HA   . ILE A 1 16  ? -4.205  1.350   0.618   1.00 0.82  ? 104 ILE A HA   1 
ATOM 214  H HB   . ILE A 1 16  ? -3.698  -0.643  -1.620  1.00 0.78  ? 104 ILE A HB   1 
ATOM 215  H HG12 . ILE A 1 16  ? -1.486  0.869   -0.291  1.00 1.15  ? 104 ILE A HG12 1 
ATOM 216  H HG13 . ILE A 1 16  ? -2.112  -0.558  0.533   1.00 0.90  ? 104 ILE A HG13 1 
ATOM 217  H HG21 . ILE A 1 16  ? -4.097  2.116   -1.619  1.00 1.46  ? 104 ILE A HG21 1 
ATOM 218  H HG22 . ILE A 1 16  ? -2.354  1.907   -1.764  1.00 1.58  ? 104 ILE A HG22 1 
ATOM 219  H HG23 . ILE A 1 16  ? -3.435  1.143   -2.928  1.00 1.43  ? 104 ILE A HG23 1 
ATOM 220  H HD11 . ILE A 1 16  ? -1.906  -1.475  -2.037  1.00 1.31  ? 104 ILE A HD11 1 
ATOM 221  H HD12 . ILE A 1 16  ? -0.543  -0.360  -1.960  1.00 1.24  ? 104 ILE A HD12 1 
ATOM 222  H HD13 . ILE A 1 16  ? -0.659  -1.691  -0.810  1.00 1.21  ? 104 ILE A HD13 1 
ATOM 223  N N    . CYS A 1 17  ? -6.357  -0.656  -0.821  1.00 0.72  ? 105 CYS A N    1 
ATOM 224  C CA   . CYS A 1 17  ? -7.723  -0.735  -1.429  1.00 0.80  ? 105 CYS A CA   1 
ATOM 225  C C    . CYS A 1 17  ? -8.828  -0.888  -0.366  1.00 0.76  ? 105 CYS A C    1 
ATOM 226  O O    . CYS A 1 17  ? -9.992  -0.684  -0.642  1.00 0.83  ? 105 CYS A O    1 
ATOM 227  C CB   . CYS A 1 17  ? -7.675  -1.989  -2.295  1.00 0.85  ? 105 CYS A CB   1 
ATOM 228  S SG   . CYS A 1 17  ? -6.370  -1.817  -3.538  1.00 1.38  ? 105 CYS A SG   1 
ATOM 229  H H    . CYS A 1 17  ? -5.842  -1.476  -0.645  1.00 0.68  ? 105 CYS A H    1 
ATOM 230  H HA   . CYS A 1 17  ? -7.912  0.126   -2.047  1.00 0.89  ? 105 CYS A HA   1 
ATOM 231  H HB2  . CYS A 1 17  ? -7.468  -2.843  -1.668  1.00 0.94  ? 105 CYS A HB2  1 
ATOM 232  H HB3  . CYS A 1 17  ? -8.627  -2.124  -2.787  1.00 1.14  ? 105 CYS A HB3  1 
ATOM 233  H HG   . CYS A 1 17  ? -5.528  -1.977  -3.107  1.00 1.83  ? 105 CYS A HG   1 
ATOM 234  N N    . ASP A 1 18  ? -8.482  -1.297  0.821   1.00 0.69  ? 106 ASP A N    1 
ATOM 235  C CA   . ASP A 1 18  ? -9.520  -1.525  1.875   1.00 0.72  ? 106 ASP A CA   1 
ATOM 236  C C    . ASP A 1 18  ? -9.979  -0.228  2.561   1.00 0.86  ? 106 ASP A C    1 
ATOM 237  O O    . ASP A 1 18  ? -11.162 0.026   2.672   1.00 1.15  ? 106 ASP A O    1 
ATOM 238  C CB   . ASP A 1 18  ? -8.857  -2.456  2.890   1.00 0.75  ? 106 ASP A CB   1 
ATOM 239  C CG   . ASP A 1 18  ? -9.845  -2.766  4.017   1.00 1.14  ? 106 ASP A CG   1 
ATOM 240  O OD1  . ASP A 1 18  ? -10.139 -1.865  4.784   1.00 1.67  ? 106 ASP A OD1  1 
ATOM 241  O OD2  . ASP A 1 18  ? -10.291 -3.899  4.092   1.00 1.68  ? 106 ASP A OD2  1 
ATOM 242  H H    . ASP A 1 18  ? -7.547  -1.502  1.008   1.00 0.65  ? 106 ASP A H    1 
ATOM 243  H HA   . ASP A 1 18  ? -10.365 -2.024  1.438   1.00 0.86  ? 106 ASP A HA   1 
ATOM 244  H HB2  . ASP A 1 18  ? -8.573  -3.376  2.401   1.00 1.14  ? 106 ASP A HB2  1 
ATOM 245  H HB3  . ASP A 1 18  ? -7.982  -1.979  3.301   1.00 0.91  ? 106 ASP A HB3  1 
ATOM 246  N N    . ASN A 1 19  ? -9.077  0.582   3.049   1.00 0.85  ? 107 ASN A N    1 
ATOM 247  C CA   . ASN A 1 19  ? -9.511  1.825   3.748   1.00 1.15  ? 107 ASN A CA   1 
ATOM 248  C C    . ASN A 1 19  ? -9.711  2.963   2.749   1.00 1.34  ? 107 ASN A C    1 
ATOM 249  O O    . ASN A 1 19  ? -9.787  4.118   3.118   1.00 1.77  ? 107 ASN A O    1 
ATOM 250  C CB   . ASN A 1 19  ? -8.378  2.181   4.707   1.00 1.26  ? 107 ASN A CB   1 
ATOM 251  C CG   . ASN A 1 19  ? -7.440  0.987   4.892   1.00 1.16  ? 107 ASN A CG   1 
ATOM 252  O OD1  . ASN A 1 19  ? -7.805  -0.001  5.497   1.00 2.15  ? 107 ASN A OD1  1 
ATOM 253  N ND2  . ASN A 1 19  ? -6.238  1.040   4.391   1.00 0.83  ? 107 ASN A ND2  1 
ATOM 254  H H    . ASN A 1 19  ? -8.128  0.367   2.986   1.00 0.79  ? 107 ASN A H    1 
ATOM 255  H HA   . ASN A 1 19  ? -10.412 1.642   4.300   1.00 1.35  ? 107 ASN A HA   1 
ATOM 256  H HB2  . ASN A 1 19  ? -7.824  3.008   4.294   1.00 1.71  ? 107 ASN A HB2  1 
ATOM 257  H HB3  . ASN A 1 19  ? -8.791  2.466   5.661   1.00 1.71  ? 107 ASN A HB3  1 
ATOM 258  H HD21 . ASN A 1 19  ? -5.944  1.846   3.906   1.00 1.05  ? 107 ASN A HD21 1 
ATOM 259  H HD22 . ASN A 1 19  ? -5.636  0.273   4.485   1.00 1.28  ? 107 ASN A HD22 1 
ATOM 260  N N    . VAL A 1 20  ? -9.797  2.644   1.489   1.00 1.57  ? 108 VAL A N    1 
ATOM 261  C CA   . VAL A 1 20  ? -9.998  3.701   0.458   1.00 1.95  ? 108 VAL A CA   1 
ATOM 262  C C    . VAL A 1 20  ? -11.128 4.648   0.882   1.00 1.23  ? 108 VAL A C    1 
ATOM 263  O O    . VAL A 1 20  ? -11.736 4.484   1.922   1.00 1.31  ? 108 VAL A O    1 
ATOM 264  C CB   . VAL A 1 20  ? -10.351 2.939   -0.820  1.00 2.66  ? 108 VAL A CB   1 
ATOM 265  C CG1  . VAL A 1 20  ? -10.769 3.917   -1.923  1.00 3.06  ? 108 VAL A CG1  1 
ATOM 266  C CG2  . VAL A 1 20  ? -9.121  2.161   -1.288  1.00 3.45  ? 108 VAL A CG2  1 
ATOM 267  H H    . VAL A 1 20  ? -9.729  1.709   1.223   1.00 1.82  ? 108 VAL A H    1 
ATOM 268  H HA   . VAL A 1 20  ? -9.084  4.256   0.311   1.00 2.56  ? 108 VAL A HA   1 
ATOM 269  H HB   . VAL A 1 20  ? -11.157 2.253   -0.616  1.00 2.63  ? 108 VAL A HB   1 
ATOM 270  H HG11 . VAL A 1 20  ? -10.038 4.712   -1.998  1.00 3.16  ? 108 VAL A HG11 1 
ATOM 271  H HG12 . VAL A 1 20  ? -10.827 3.394   -2.866  1.00 3.50  ? 108 VAL A HG12 1 
ATOM 272  H HG13 . VAL A 1 20  ? -11.735 4.339   -1.686  1.00 3.28  ? 108 VAL A HG13 1 
ATOM 273  H HG21 . VAL A 1 20  ? -8.308  2.851   -1.468  1.00 3.84  ? 108 VAL A HG21 1 
ATOM 274  H HG22 . VAL A 1 20  ? -8.831  1.455   -0.526  1.00 3.74  ? 108 VAL A HG22 1 
ATOM 275  H HG23 . VAL A 1 20  ? -9.354  1.633   -2.201  1.00 3.78  ? 108 VAL A HG23 1 
ATOM 276  N N    . GLY A 1 21  ? -11.380 5.660   0.109   1.00 1.53  ? 109 GLY A N    1 
ATOM 277  C CA   . GLY A 1 21  ? -12.418 6.650   0.476   1.00 1.35  ? 109 GLY A CA   1 
ATOM 278  C C    . GLY A 1 21  ? -11.674 7.941   0.779   1.00 1.46  ? 109 GLY A C    1 
ATOM 279  O O    . GLY A 1 21  ? -12.093 9.023   0.426   1.00 2.27  ? 109 GLY A O    1 
ATOM 280  H H    . GLY A 1 21  ? -10.859 5.792   -0.699  1.00 2.27  ? 109 GLY A H    1 
ATOM 281  H HA2  . GLY A 1 21  ? -13.110 6.793   -0.343  1.00 1.81  ? 109 GLY A HA2  1 
ATOM 282  H HA3  . GLY A 1 21  ? -12.939 6.320   1.352   1.00 1.42  ? 109 GLY A HA3  1 
ATOM 283  N N    . LYS A 1 22  ? -10.543 7.791   1.414   1.00 1.20  ? 110 LYS A N    1 
ATOM 284  C CA   . LYS A 1 22  ? -9.673  8.944   1.764   1.00 1.82  ? 110 LYS A CA   1 
ATOM 285  C C    . LYS A 1 22  ? -8.349  8.420   2.344   1.00 1.88  ? 110 LYS A C    1 
ATOM 286  O O    . LYS A 1 22  ? -7.637  9.123   3.032   1.00 2.66  ? 110 LYS A O    1 
ATOM 287  C CB   . LYS A 1 22  ? -10.446 9.719   2.823   1.00 2.19  ? 110 LYS A CB   1 
ATOM 288  C CG   . LYS A 1 22  ? -11.333 10.754  2.136   1.00 2.70  ? 110 LYS A CG   1 
ATOM 289  C CD   . LYS A 1 22  ? -10.937 12.155  2.595   1.00 3.04  ? 110 LYS A CD   1 
ATOM 290  C CE   . LYS A 1 22  ? -10.065 12.810  1.521   1.00 3.72  ? 110 LYS A CE   1 
ATOM 291  N NZ   . LYS A 1 22  ? -9.913  14.230  1.949   1.00 4.22  ? 110 LYS A NZ   1 
ATOM 292  H H    . LYS A 1 22  ? -10.256 6.894   1.654   1.00 1.11  ? 110 LYS A H    1 
ATOM 293  H HA   . LYS A 1 22  ? -9.495  9.563   0.897   1.00 2.21  ? 110 LYS A HA   1 
ATOM 294  H HB2  . LYS A 1 22  ? -11.058 9.033   3.389   1.00 2.37  ? 110 LYS A HB2  1 
ATOM 295  H HB3  . LYS A 1 22  ? -9.755  10.217  3.483   1.00 2.69  ? 110 LYS A HB3  1 
ATOM 296  H HG2  . LYS A 1 22  ? -11.203 10.677  1.067   1.00 3.16  ? 110 LYS A HG2  1 
ATOM 297  H HG3  . LYS A 1 22  ? -12.365 10.568  2.389   1.00 3.01  ? 110 LYS A HG3  1 
ATOM 298  H HD2  . LYS A 1 22  ? -11.827 12.748  2.751   1.00 3.10  ? 110 LYS A HD2  1 
ATOM 299  H HD3  . LYS A 1 22  ? -10.381 12.090  3.517   1.00 3.36  ? 110 LYS A HD3  1 
ATOM 300  H HE2  . LYS A 1 22  ? -9.102  12.324  1.474   1.00 4.11  ? 110 LYS A HE2  1 
ATOM 301  H HE3  . LYS A 1 22  ? -10.557 12.766  0.561   1.00 3.94  ? 110 LYS A HE3  1 
ATOM 302  H HZ1  . LYS A 1 22  ? -10.524 14.417  2.770   1.00 4.34  ? 110 LYS A HZ1  1 
ATOM 303  H HZ2  . LYS A 1 22  ? -8.922  14.408  2.210   1.00 4.44  ? 110 LYS A HZ2  1 
ATOM 304  H HZ3  . LYS A 1 22  ? -10.183 14.858  1.165   1.00 4.67  ? 110 LYS A HZ3  1 
ATOM 305  N N    . ASP A 1 23  ? -8.028  7.180   2.073   1.00 1.17  ? 111 ASP A N    1 
ATOM 306  C CA   . ASP A 1 23  ? -6.763  6.585   2.606   1.00 1.22  ? 111 ASP A CA   1 
ATOM 307  C C    . ASP A 1 23  ? -5.679  6.570   1.527   1.00 1.15  ? 111 ASP A C    1 
ATOM 308  O O    . ASP A 1 23  ? -4.502  6.649   1.814   1.00 1.63  ? 111 ASP A O    1 
ATOM 309  C CB   . ASP A 1 23  ? -7.136  5.153   2.997   1.00 1.43  ? 111 ASP A CB   1 
ATOM 310  C CG   . ASP A 1 23  ? -5.891  4.414   3.493   1.00 2.59  ? 111 ASP A CG   1 
ATOM 311  O OD1  . ASP A 1 23  ? -4.905  4.400   2.772   1.00 3.13  ? 111 ASP A OD1  1 
ATOM 312  O OD2  . ASP A 1 23  ? -5.945  3.870   4.583   1.00 3.34  ? 111 ASP A OD2  1 
ATOM 313  H H    . ASP A 1 23  ? -8.622  6.635   1.522   1.00 0.89  ? 111 ASP A H    1 
ATOM 314  H HA   . ASP A 1 23  ? -6.424  7.119   3.474   1.00 1.24  ? 111 ASP A HA   1 
ATOM 315  H HB2  . ASP A 1 23  ? -7.876  5.177   3.783   1.00 1.52  ? 111 ASP A HB2  1 
ATOM 316  H HB3  . ASP A 1 23  ? -7.540  4.639   2.138   1.00 1.59  ? 111 ASP A HB3  1 
ATOM 317  N N    . TRP A 1 24  ? -6.064  6.448   0.289   1.00 0.97  ? 112 TRP A N    1 
ATOM 318  C CA   . TRP A 1 24  ? -5.052  6.403   -0.802  1.00 1.19  ? 112 TRP A CA   1 
ATOM 319  C C    . TRP A 1 24  ? -4.315  7.731   -0.950  1.00 1.03  ? 112 TRP A C    1 
ATOM 320  O O    . TRP A 1 24  ? -3.123  7.762   -1.162  1.00 1.03  ? 112 TRP A O    1 
ATOM 321  C CB   . TRP A 1 24  ? -5.855  6.078   -2.064  1.00 1.53  ? 112 TRP A CB   1 
ATOM 322  C CG   . TRP A 1 24  ? -6.366  7.344   -2.681  1.00 1.19  ? 112 TRP A CG   1 
ATOM 323  C CD1  . TRP A 1 24  ? -7.530  7.952   -2.356  1.00 1.04  ? 112 TRP A CD1  1 
ATOM 324  C CD2  . TRP A 1 24  ? -5.747  8.168   -3.714  1.00 1.15  ? 112 TRP A CD2  1 
ATOM 325  N NE1  . TRP A 1 24  ? -7.669  9.092   -3.127  1.00 1.06  ? 112 TRP A NE1  1 
ATOM 326  C CE2  . TRP A 1 24  ? -6.597  9.268   -3.979  1.00 1.06  ? 112 TRP A CE2  1 
ATOM 327  C CE3  . TRP A 1 24  ? -4.547  8.067   -4.441  1.00 1.33  ? 112 TRP A CE3  1 
ATOM 328  C CZ2  . TRP A 1 24  ? -6.267  10.234  -4.930  1.00 1.16  ? 112 TRP A CZ2  1 
ATOM 329  C CZ3  . TRP A 1 24  ? -4.212  9.039   -5.399  1.00 1.28  ? 112 TRP A CZ3  1 
ATOM 330  C CH2  . TRP A 1 24  ? -5.071  10.120  -5.644  1.00 1.18  ? 112 TRP A CH2  1 
ATOM 331  H H    . TRP A 1 24  ? -7.017  6.365   0.075   1.00 1.11  ? 112 TRP A H    1 
ATOM 332  H HA   . TRP A 1 24  ? -4.348  5.623   -0.607  1.00 1.35  ? 112 TRP A HA   1 
ATOM 333  H HB2  . TRP A 1 24  ? -5.222  5.562   -2.772  1.00 1.87  ? 112 TRP A HB2  1 
ATOM 334  H HB3  . TRP A 1 24  ? -6.689  5.447   -1.800  1.00 1.88  ? 112 TRP A HB3  1 
ATOM 335  H HD1  . TRP A 1 24  ? -8.237  7.604   -1.615  1.00 1.05  ? 112 TRP A HD1  1 
ATOM 336  H HE1  . TRP A 1 24  ? -8.428  9.711   -3.088  1.00 1.20  ? 112 TRP A HE1  1 
ATOM 337  H HE3  . TRP A 1 24  ? -3.876  7.239   -4.261  1.00 1.60  ? 112 TRP A HE3  1 
ATOM 338  H HZ2  . TRP A 1 24  ? -6.931  11.065  -5.115  1.00 1.35  ? 112 TRP A HZ2  1 
ATOM 339  H HZ3  . TRP A 1 24  ? -3.287  8.953   -5.952  1.00 1.43  ? 112 TRP A HZ3  1 
ATOM 340  H HH2  . TRP A 1 24  ? -4.809  10.863  -6.382  1.00 1.27  ? 112 TRP A HH2  1 
ATOM 341  N N    . ARG A 1 25  ? -5.001  8.828   -0.851  1.00 0.99  ? 113 ARG A N    1 
ATOM 342  C CA   . ARG A 1 25  ? -4.313  10.126  -0.998  1.00 0.98  ? 113 ARG A CA   1 
ATOM 343  C C    . ARG A 1 25  ? -3.238  10.245  0.081   1.00 0.81  ? 113 ARG A C    1 
ATOM 344  O O    . ARG A 1 25  ? -2.264  10.963  -0.069  1.00 0.86  ? 113 ARG A O    1 
ATOM 345  C CB   . ARG A 1 25  ? -5.437  11.156  -0.833  1.00 1.12  ? 113 ARG A CB   1 
ATOM 346  C CG   . ARG A 1 25  ? -4.886  12.487  -0.331  1.00 1.59  ? 113 ARG A CG   1 
ATOM 347  C CD   . ARG A 1 25  ? -5.058  13.556  -1.414  1.00 2.02  ? 113 ARG A CD   1 
ATOM 348  N NE   . ARG A 1 25  ? -5.146  14.847  -0.674  1.00 2.24  ? 113 ARG A NE   1 
ATOM 349  C CZ   . ARG A 1 25  ? -6.170  15.090  0.101   1.00 2.70  ? 113 ARG A CZ   1 
ATOM 350  N NH1  . ARG A 1 25  ? -7.335  14.571  -0.174  1.00 3.54  ? 113 ARG A NH1  1 
ATOM 351  N NH2  . ARG A 1 25  ? -6.028  15.856  1.148   1.00 3.28  ? 113 ARG A NH2  1 
ATOM 352  H H    . ARG A 1 25  ? -5.962  8.804   -0.682  1.00 1.03  ? 113 ARG A H    1 
ATOM 353  H HA   . ARG A 1 25  ? -3.868  10.202  -1.976  1.00 1.07  ? 113 ARG A HA   1 
ATOM 354  H HB2  . ARG A 1 25  ? -5.924  11.309  -1.785  1.00 1.59  ? 113 ARG A HB2  1 
ATOM 355  H HB3  . ARG A 1 25  ? -6.159  10.781  -0.122  1.00 1.63  ? 113 ARG A HB3  1 
ATOM 356  H HG2  . ARG A 1 25  ? -5.427  12.779  0.556   1.00 2.15  ? 113 ARG A HG2  1 
ATOM 357  H HG3  . ARG A 1 25  ? -3.843  12.379  -0.097  1.00 2.10  ? 113 ARG A HG3  1 
ATOM 358  H HD2  . ARG A 1 25  ? -4.204  13.557  -2.076  1.00 2.44  ? 113 ARG A HD2  1 
ATOM 359  H HD3  . ARG A 1 25  ? -5.967  13.385  -1.970  1.00 2.58  ? 113 ARG A HD3  1 
ATOM 360  H HE   . ARG A 1 25  ? -4.435  15.514  -0.768  1.00 2.56  ? 113 ARG A HE   1 
ATOM 361  H HH11 . ARG A 1 25  ? -7.447  13.988  -0.977  1.00 3.66  ? 113 ARG A HH11 1 
ATOM 362  H HH12 . ARG A 1 25  ? -8.117  14.757  0.421   1.00 3.77  ? 113 ARG A HH12 1 
ATOM 363  H HH21 . ARG A 1 25  ? -5.136  16.257  1.357   1.00 3.49  ? 113 ARG A HH21 1 
ATOM 364  H HH22 . ARG A 1 25  ? -6.811  16.042  1.742   1.00 3.82  ? 113 ARG A HH22 1 
ATOM 365  N N    . ARG A 1 26  ? -3.384  9.518   1.152   1.00 0.70  ? 114 ARG A N    1 
ATOM 366  C CA   . ARG A 1 26  ? -2.354  9.578   2.215   1.00 0.67  ? 114 ARG A CA   1 
ATOM 367  C C    . ARG A 1 26  ? -1.303  8.529   1.918   1.00 0.63  ? 114 ARG A C    1 
ATOM 368  O O    . ARG A 1 26  ? -0.115  8.773   2.005   1.00 0.65  ? 114 ARG A O    1 
ATOM 369  C CB   . ARG A 1 26  ? -3.083  9.272   3.525   1.00 0.74  ? 114 ARG A CB   1 
ATOM 370  C CG   . ARG A 1 26  ? -3.640  10.570  4.116   1.00 1.18  ? 114 ARG A CG   1 
ATOM 371  C CD   . ARG A 1 26  ? -2.712  11.068  5.227   1.00 1.62  ? 114 ARG A CD   1 
ATOM 372  N NE   . ARG A 1 26  ? -1.772  12.006  4.553   1.00 2.22  ? 114 ARG A NE   1 
ATOM 373  C CZ   . ARG A 1 26  ? -1.268  13.015  5.212   1.00 2.82  ? 114 ARG A CZ   1 
ATOM 374  N NH1  . ARG A 1 26  ? -0.882  12.860  6.449   1.00 3.22  ? 114 ARG A NH1  1 
ATOM 375  N NH2  . ARG A 1 26  ? -1.150  14.178  4.634   1.00 3.78  ? 114 ARG A NH2  1 
ATOM 376  H H    . ARG A 1 26  ? -4.149  8.912   1.239   1.00 0.72  ? 114 ARG A H    1 
ATOM 377  H HA   . ARG A 1 26  ? -1.913  10.554  2.243   1.00 0.75  ? 114 ARG A HA   1 
ATOM 378  H HB2  . ARG A 1 26  ? -3.894  8.584   3.333   1.00 1.10  ? 114 ARG A HB2  1 
ATOM 379  H HB3  . ARG A 1 26  ? -2.392  8.828   4.226   1.00 1.11  ? 114 ARG A HB3  1 
ATOM 380  H HG2  . ARG A 1 26  ? -3.707  11.318  3.339   1.00 1.63  ? 114 ARG A HG2  1 
ATOM 381  H HG3  . ARG A 1 26  ? -4.621  10.386  4.524   1.00 1.89  ? 114 ARG A HG3  1 
ATOM 382  H HD2  . ARG A 1 26  ? -3.282  11.584  5.988   1.00 2.15  ? 114 ARG A HD2  1 
ATOM 383  H HD3  . ARG A 1 26  ? -2.165  10.244  5.659   1.00 1.98  ? 114 ARG A HD3  1 
ATOM 384  H HE   . ARG A 1 26  ? -1.532  11.867  3.613   1.00 2.58  ? 114 ARG A HE   1 
ATOM 385  H HH11 . ARG A 1 26  ? -0.972  11.968  6.893   1.00 3.21  ? 114 ARG A HH11 1 
ATOM 386  H HH12 . ARG A 1 26  ? -0.497  13.632  6.953   1.00 3.85  ? 114 ARG A HH12 1 
ATOM 387  H HH21 . ARG A 1 26  ? -1.444  14.298  3.685   1.00 3.89  ? 114 ARG A HH21 1 
ATOM 388  H HH22 . ARG A 1 26  ? -0.763  14.951  5.137   1.00 4.12  ? 114 ARG A HH22 1 
ATOM 389  N N    . LEU A 1 27  ? -1.735  7.369   1.533   1.00 0.66  ? 115 LEU A N    1 
ATOM 390  C CA   . LEU A 1 27  ? -0.768  6.312   1.190   1.00 0.72  ? 115 LEU A CA   1 
ATOM 391  C C    . LEU A 1 27  ? -0.074  6.704   -0.102  1.00 0.67  ? 115 LEU A C    1 
ATOM 392  O O    . LEU A 1 27  ? 1.110   6.543   -0.255  1.00 0.72  ? 115 LEU A O    1 
ATOM 393  C CB   . LEU A 1 27  ? -1.608  5.048   1.002   1.00 0.84  ? 115 LEU A CB   1 
ATOM 394  C CG   . LEU A 1 27  ? -0.990  3.885   1.780   1.00 0.99  ? 115 LEU A CG   1 
ATOM 395  C CD1  . LEU A 1 27  ? -0.842  4.268   3.254   1.00 1.31  ? 115 LEU A CD1  1 
ATOM 396  C CD2  . LEU A 1 27  ? -1.904  2.663   1.664   1.00 1.76  ? 115 LEU A CD2  1 
ATOM 397  H H    . LEU A 1 27  ? -2.698  7.206   1.446   1.00 0.71  ? 115 LEU A H    1 
ATOM 398  H HA   . LEU A 1 27  ? -0.048  6.184   1.978   1.00 0.76  ? 115 LEU A HA   1 
ATOM 399  H HB2  . LEU A 1 27  ? -2.611  5.228   1.360   1.00 1.24  ? 115 LEU A HB2  1 
ATOM 400  H HB3  . LEU A 1 27  ? -1.643  4.795   -0.048  1.00 1.19  ? 115 LEU A HB3  1 
ATOM 401  H HG   . LEU A 1 27  ? -0.019  3.652   1.370   1.00 1.65  ? 115 LEU A HG   1 
ATOM 402  H HD11 . LEU A 1 27  ? -1.048  5.321   3.377   1.00 1.82  ? 115 LEU A HD11 1 
ATOM 403  H HD12 . LEU A 1 27  ? -1.539  3.694   3.846   1.00 1.72  ? 115 LEU A HD12 1 
ATOM 404  H HD13 . LEU A 1 27  ? 0.166   4.058   3.580   1.00 1.84  ? 115 LEU A HD13 1 
ATOM 405  H HD21 . LEU A 1 27  ? -2.700  2.874   0.967   1.00 2.34  ? 115 LEU A HD21 1 
ATOM 406  H HD22 . LEU A 1 27  ? -1.330  1.818   1.312   1.00 2.11  ? 115 LEU A HD22 1 
ATOM 407  H HD23 . LEU A 1 27  ? -2.322  2.433   2.633   1.00 2.28  ? 115 LEU A HD23 1 
ATOM 408  N N    . ALA A 1 28  ? -0.797  7.253   -1.031  1.00 0.65  ? 116 ALA A N    1 
ATOM 409  C CA   . ALA A 1 28  ? -0.149  7.672   -2.291  1.00 0.66  ? 116 ALA A CA   1 
ATOM 410  C C    . ALA A 1 28  ? 0.938   8.697   -1.977  1.00 0.59  ? 116 ALA A C    1 
ATOM 411  O O    . ALA A 1 28  ? 2.089   8.547   -2.357  1.00 0.62  ? 116 ALA A O    1 
ATOM 412  C CB   . ALA A 1 28  ? -1.264  8.305   -3.125  1.00 0.72  ? 116 ALA A CB   1 
ATOM 413  H H    . ALA A 1 28  ? -1.756  7.409   -0.892  1.00 0.69  ? 116 ALA A H    1 
ATOM 414  H HA   . ALA A 1 28  ? 0.264   6.821   -2.805  1.00 0.72  ? 116 ALA A HA   1 
ATOM 415  H HB1  . ALA A 1 28  ? -2.135  7.664   -3.109  1.00 1.32  ? 116 ALA A HB1  1 
ATOM 416  H HB2  . ALA A 1 28  ? -0.927  8.427   -4.145  1.00 1.25  ? 116 ALA A HB2  1 
ATOM 417  H HB3  . ALA A 1 28  ? -1.519  9.269   -2.713  1.00 1.14  ? 116 ALA A HB3  1 
ATOM 418  N N    . ARG A 1 29  ? 0.590   9.739   -1.271  1.00 0.56  ? 117 ARG A N    1 
ATOM 419  C CA   . ARG A 1 29  ? 1.608   10.765  -0.947  1.00 0.57  ? 117 ARG A CA   1 
ATOM 420  C C    . ARG A 1 29  ? 2.801   10.133  -0.242  1.00 0.58  ? 117 ARG A C    1 
ATOM 421  O O    . ARG A 1 29  ? 3.934   10.280  -0.667  1.00 0.59  ? 117 ARG A O    1 
ATOM 422  C CB   . ARG A 1 29  ? 0.900   11.758  -0.024  1.00 0.65  ? 117 ARG A CB   1 
ATOM 423  C CG   . ARG A 1 29  ? -0.012  12.671  -0.850  1.00 0.92  ? 117 ARG A CG   1 
ATOM 424  C CD   . ARG A 1 29  ? 0.819   13.770  -1.519  1.00 1.62  ? 117 ARG A CD   1 
ATOM 425  N NE   . ARG A 1 29  ? 1.413   14.550  -0.397  1.00 1.98  ? 117 ARG A NE   1 
ATOM 426  C CZ   . ARG A 1 29  ? 1.053   15.789  -0.203  1.00 2.55  ? 117 ARG A CZ   1 
ATOM 427  N NH1  . ARG A 1 29  ? 1.769   16.761  -0.700  1.00 3.09  ? 117 ARG A NH1  1 
ATOM 428  N NH2  . ARG A 1 29  ? -0.024  16.057  0.482   1.00 3.43  ? 117 ARG A NH2  1 
ATOM 429  H H    . ARG A 1 29  ? -0.334  9.842   -0.952  1.00 0.57  ? 117 ARG A H    1 
ATOM 430  H HA   . ARG A 1 29  ? 1.930   11.261  -1.837  1.00 0.57  ? 117 ARG A HA   1 
ATOM 431  H HB2  . ARG A 1 29  ? 0.307   11.215  0.698   1.00 0.98  ? 117 ARG A HB2  1 
ATOM 432  H HB3  . ARG A 1 29  ? 1.634   12.355  0.491   1.00 0.98  ? 117 ARG A HB3  1 
ATOM 433  H HG2  . ARG A 1 29  ? -0.513  12.087  -1.609  1.00 1.22  ? 117 ARG A HG2  1 
ATOM 434  H HG3  . ARG A 1 29  ? -0.748  13.124  -0.203  1.00 1.20  ? 117 ARG A HG3  1 
ATOM 435  H HD2  . ARG A 1 29  ? 1.597   13.333  -2.130  1.00 2.05  ? 117 ARG A HD2  1 
ATOM 436  H HD3  . ARG A 1 29  ? 0.185   14.408  -2.116  1.00 2.05  ? 117 ARG A HD3  1 
ATOM 437  H HE   . ARG A 1 29  ? 2.075   14.134  0.193   1.00 2.27  ? 117 ARG A HE   1 
ATOM 438  H HH11 . ARG A 1 29  ? 2.593   16.555  -1.229  1.00 3.48  ? 117 ARG A HH11 1 
ATOM 439  H HH12 . ARG A 1 29  ? 1.495   17.710  -0.552  1.00 3.76  ? 117 ARG A HH12 1 
ATOM 440  H HH21 . ARG A 1 29  ? -0.576  15.312  0.859   1.00 3.21  ? 117 ARG A HH21 1 
ATOM 441  H HH22 . ARG A 1 29  ? -0.300  17.007  0.631   1.00 3.70  ? 117 ARG A HH22 1 
ATOM 442  N N    . GLN A 1 30  ? 2.543   9.433   0.828   1.00 0.62  ? 118 GLN A N    1 
ATOM 443  C CA   . GLN A 1 30  ? 3.635   8.794   1.607   1.00 0.68  ? 118 GLN A CA   1 
ATOM 444  C C    . GLN A 1 30  ? 4.338   7.717   0.783   1.00 0.68  ? 118 GLN A C    1 
ATOM 445  O O    . GLN A 1 30  ? 5.526   7.499   0.917   1.00 0.74  ? 118 GLN A O    1 
ATOM 446  C CB   . GLN A 1 30  ? 2.920   8.206   2.828   1.00 0.71  ? 118 GLN A CB   1 
ATOM 447  C CG   . GLN A 1 30  ? 3.669   6.982   3.344   1.00 1.21  ? 118 GLN A CG   1 
ATOM 448  C CD   . GLN A 1 30  ? 5.004   7.419   3.950   1.00 1.95  ? 118 GLN A CD   1 
ATOM 449  O OE1  . GLN A 1 30  ? 5.061   8.380   4.691   1.00 2.69  ? 118 GLN A OE1  1 
ATOM 450  N NE2  . GLN A 1 30  ? 6.088   6.752   3.665   1.00 2.54  ? 118 GLN A NE2  1 
ATOM 451  H H    . GLN A 1 30  ? 1.618   9.325   1.124   1.00 0.63  ? 118 GLN A H    1 
ATOM 452  H HA   . GLN A 1 30  ? 4.343   9.538   1.924   1.00 0.74  ? 118 GLN A HA   1 
ATOM 453  H HB2  . GLN A 1 30  ? 2.876   8.952   3.608   1.00 1.14  ? 118 GLN A HB2  1 
ATOM 454  H HB3  . GLN A 1 30  ? 1.916   7.920   2.552   1.00 1.19  ? 118 GLN A HB3  1 
ATOM 455  H HG2  . GLN A 1 30  ? 3.072   6.491   4.096   1.00 1.73  ? 118 GLN A HG2  1 
ATOM 456  H HG3  . GLN A 1 30  ? 3.847   6.303   2.527   1.00 1.76  ? 118 GLN A HG3  1 
ATOM 457  H HE21 . GLN A 1 30  ? 6.045   5.976   3.067   1.00 2.63  ? 118 GLN A HE21 1 
ATOM 458  H HE22 . GLN A 1 30  ? 6.948   7.026   4.049   1.00 3.26  ? 118 GLN A HE22 1 
ATOM 459  N N    . LEU A 1 31  ? 3.625   7.052   -0.074  1.00 0.66  ? 119 LEU A N    1 
ATOM 460  C CA   . LEU A 1 31  ? 4.269   6.006   -0.903  1.00 0.70  ? 119 LEU A CA   1 
ATOM 461  C C    . LEU A 1 31  ? 5.230   6.675   -1.888  1.00 0.72  ? 119 LEU A C    1 
ATOM 462  O O    . LEU A 1 31  ? 6.019   6.018   -2.532  1.00 0.82  ? 119 LEU A O    1 
ATOM 463  C CB   . LEU A 1 31  ? 3.118   5.312   -1.628  1.00 0.68  ? 119 LEU A CB   1 
ATOM 464  C CG   . LEU A 1 31  ? 2.368   4.409   -0.642  1.00 0.70  ? 119 LEU A CG   1 
ATOM 465  C CD1  . LEU A 1 31  ? 1.248   3.667   -1.372  1.00 0.70  ? 119 LEU A CD1  1 
ATOM 466  C CD2  . LEU A 1 31  ? 3.335   3.401   -0.024  1.00 0.74  ? 119 LEU A CD2  1 
ATOM 467  H H    . LEU A 1 31  ? 2.678   7.245   -0.176  1.00 0.66  ? 119 LEU A H    1 
ATOM 468  H HA   . LEU A 1 31  ? 4.792   5.303   -0.279  1.00 0.77  ? 119 LEU A HA   1 
ATOM 469  H HB2  . LEU A 1 31  ? 2.441   6.057   -2.024  1.00 0.66  ? 119 LEU A HB2  1 
ATOM 470  H HB3  . LEU A 1 31  ? 3.509   4.715   -2.437  1.00 0.71  ? 119 LEU A HB3  1 
ATOM 471  H HG   . LEU A 1 31  ? 1.940   5.013   0.142   1.00 0.75  ? 119 LEU A HG   1 
ATOM 472  H HD11 . LEU A 1 31  ? 0.768   4.338   -2.068  1.00 1.08  ? 119 LEU A HD11 1 
ATOM 473  H HD12 . LEU A 1 31  ? 1.662   2.828   -1.908  1.00 1.31  ? 119 LEU A HD12 1 
ATOM 474  H HD13 . LEU A 1 31  ? 0.523   3.314   -0.654  1.00 1.29  ? 119 LEU A HD13 1 
ATOM 475  H HD21 . LEU A 1 31  ? 4.055   3.091   -0.765  1.00 1.25  ? 119 LEU A HD21 1 
ATOM 476  H HD22 . LEU A 1 31  ? 3.849   3.863   0.806   1.00 1.24  ? 119 LEU A HD22 1 
ATOM 477  H HD23 . LEU A 1 31  ? 2.783   2.542   0.328   1.00 1.04  ? 119 LEU A HD23 1 
ATOM 478  N N    . LYS A 1 32  ? 5.154   7.990   -1.981  1.00 0.70  ? 120 LYS A N    1 
ATOM 479  C CA   . LYS A 1 32  ? 6.041   8.797   -2.892  1.00 0.74  ? 120 LYS A CA   1 
ATOM 480  C C    . LYS A 1 32  ? 5.268   9.216   -4.132  1.00 0.63  ? 120 LYS A C    1 
ATOM 481  O O    . LYS A 1 32  ? 5.785   9.202   -5.231  1.00 0.68  ? 120 LYS A O    1 
ATOM 482  C CB   . LYS A 1 32  ? 7.240   7.927   -3.293  1.00 0.91  ? 120 LYS A CB   1 
ATOM 483  C CG   . LYS A 1 32  ? 8.155   7.717   -2.086  1.00 1.85  ? 120 LYS A CG   1 
ATOM 484  C CD   . LYS A 1 32  ? 9.495   8.411   -2.341  1.00 2.43  ? 120 LYS A CD   1 
ATOM 485  C CE   . LYS A 1 32  ? 10.618  7.637   -1.647  1.00 3.46  ? 120 LYS A CE   1 
ATOM 486  N NZ   . LYS A 1 32  ? 11.508  8.681   -1.062  1.00 4.14  ? 120 LYS A NZ   1 
ATOM 487  H H    . LYS A 1 32  ? 4.491   8.464   -1.434  1.00 0.69  ? 120 LYS A H    1 
ATOM 488  H HA   . LYS A 1 32  ? 6.387   9.676   -2.372  1.00 0.79  ? 120 LYS A HA   1 
ATOM 489  H HB2  . LYS A 1 32  ? 6.893   6.976   -3.659  1.00 1.22  ? 120 LYS A HB2  1 
ATOM 490  H HB3  . LYS A 1 32  ? 7.794   8.427   -4.074  1.00 1.36  ? 120 LYS A HB3  1 
ATOM 491  H HG2  . LYS A 1 32  ? 7.693   8.136   -1.204  1.00 2.36  ? 120 LYS A HG2  1 
ATOM 492  H HG3  . LYS A 1 32  ? 8.321   6.660   -1.938  1.00 2.20  ? 120 LYS A HG3  1 
ATOM 493  H HD2  . LYS A 1 32  ? 9.685   8.444   -3.405  1.00 2.46  ? 120 LYS A HD2  1 
ATOM 494  H HD3  . LYS A 1 32  ? 9.460   9.417   -1.951  1.00 2.72  ? 120 LYS A HD3  1 
ATOM 495  H HE2  . LYS A 1 32  ? 10.213  7.005   -0.868  1.00 3.88  ? 120 LYS A HE2  1 
ATOM 496  H HE3  . LYS A 1 32  ? 11.167  7.045   -2.364  1.00 3.77  ? 120 LYS A HE3  1 
ATOM 497  H HZ1  . LYS A 1 32  ? 10.935  9.487   -0.741  1.00 4.36  ? 120 LYS A HZ1  1 
ATOM 498  H HZ2  . LYS A 1 32  ? 12.026  8.280   -0.253  1.00 4.60  ? 120 LYS A HZ2  1 
ATOM 499  H HZ3  . LYS A 1 32  ? 12.184  9.004   -1.782  1.00 4.36  ? 120 LYS A HZ3  1 
ATOM 500  N N    . VAL A 1 33  ? 4.034   9.599   -3.975  1.00 0.53  ? 121 VAL A N    1 
ATOM 501  C CA   . VAL A 1 33  ? 3.259   10.025  -5.176  1.00 0.49  ? 121 VAL A CA   1 
ATOM 502  C C    . VAL A 1 33  ? 3.302   11.547  -5.304  1.00 0.59  ? 121 VAL A C    1 
ATOM 503  O O    . VAL A 1 33  ? 2.799   12.271  -4.467  1.00 0.74  ? 121 VAL A O    1 
ATOM 504  C CB   . VAL A 1 33  ? 1.836   9.506   -4.973  1.00 0.43  ? 121 VAL A CB   1 
ATOM 505  C CG1  . VAL A 1 33  ? 0.868   10.276  -5.869  1.00 0.46  ? 121 VAL A CG1  1 
ATOM 506  C CG2  . VAL A 1 33  ? 1.799   8.021   -5.353  1.00 0.51  ? 121 VAL A CG2  1 
ATOM 507  H H    . VAL A 1 33  ? 3.628   9.619   -3.078  1.00 0.53  ? 121 VAL A H    1 
ATOM 508  H HA   . VAL A 1 33  ? 3.686   9.576   -6.060  1.00 0.55  ? 121 VAL A HA   1 
ATOM 509  H HB   . VAL A 1 33  ? 1.548   9.628   -3.944  1.00 0.50  ? 121 VAL A HB   1 
ATOM 510  H HG11 . VAL A 1 33  ? 1.185   10.187  -6.896  1.00 1.04  ? 121 VAL A HG11 1 
ATOM 511  H HG12 . VAL A 1 33  ? -0.126  9.869   -5.762  1.00 1.15  ? 121 VAL A HG12 1 
ATOM 512  H HG13 . VAL A 1 33  ? 0.863   11.318  -5.583  1.00 1.14  ? 121 VAL A HG13 1 
ATOM 513  H HG21 . VAL A 1 33  ? 2.535   7.831   -6.122  1.00 1.15  ? 121 VAL A HG21 1 
ATOM 514  H HG22 . VAL A 1 33  ? 2.024   7.419   -4.485  1.00 1.05  ? 121 VAL A HG22 1 
ATOM 515  H HG23 . VAL A 1 33  ? 0.817   7.764   -5.724  1.00 1.11  ? 121 VAL A HG23 1 
ATOM 516  N N    . SER A 1 34  ? 3.914   12.028  -6.346  1.00 0.67  ? 122 SER A N    1 
ATOM 517  C CA   . SER A 1 34  ? 4.016   13.503  -6.546  1.00 0.84  ? 122 SER A CA   1 
ATOM 518  C C    . SER A 1 34  ? 2.623   14.136  -6.554  1.00 0.72  ? 122 SER A C    1 
ATOM 519  O O    . SER A 1 34  ? 1.661   13.532  -6.984  1.00 0.92  ? 122 SER A O    1 
ATOM 520  C CB   . SER A 1 34  ? 4.690   13.669  -7.907  1.00 1.04  ? 122 SER A CB   1 
ATOM 521  O OG   . SER A 1 34  ? 3.700   13.666  -8.928  1.00 1.84  ? 122 SER A OG   1 
ATOM 522  H H    . SER A 1 34  ? 4.314   11.415  -6.996  1.00 0.70  ? 122 SER A H    1 
ATOM 523  H HA   . SER A 1 34  ? 4.627   13.944  -5.777  1.00 1.01  ? 122 SER A HA   1 
ATOM 524  H HB2  . SER A 1 34  ? 5.223   14.605  -7.935  1.00 1.52  ? 122 SER A HB2  1 
ATOM 525  H HB3  . SER A 1 34  ? 5.387   12.856  -8.063  1.00 1.21  ? 122 SER A HB3  1 
ATOM 526  H HG   . SER A 1 34  ? 4.067   14.108  -9.698  1.00 2.23  ? 122 SER A HG   1 
ATOM 527  N N    . ASP A 1 35  ? 2.503   15.349  -6.083  1.00 0.87  ? 123 ASP A N    1 
ATOM 528  C CA   . ASP A 1 35  ? 1.163   16.002  -6.075  1.00 0.81  ? 123 ASP A CA   1 
ATOM 529  C C    . ASP A 1 35  ? 0.600   16.027  -7.477  1.00 0.73  ? 123 ASP A C    1 
ATOM 530  O O    . ASP A 1 35  ? -0.589  15.916  -7.707  1.00 0.73  ? 123 ASP A O    1 
ATOM 531  C CB   . ASP A 1 35  ? 1.394   17.417  -5.543  1.00 0.99  ? 123 ASP A CB   1 
ATOM 532  C CG   . ASP A 1 35  ? 1.136   17.448  -4.035  1.00 1.44  ? 123 ASP A CG   1 
ATOM 533  O OD1  . ASP A 1 35  ? 1.223   16.400  -3.417  1.00 1.95  ? 123 ASP A OD1  1 
ATOM 534  O OD2  . ASP A 1 35  ? 0.857   18.521  -3.525  1.00 1.97  ? 123 ASP A OD2  1 
ATOM 535  H H    . ASP A 1 35  ? 3.287   15.827  -5.740  1.00 1.21  ? 123 ASP A H    1 
ATOM 536  H HA   . ASP A 1 35  ? 0.514   15.467  -5.449  1.00 0.79  ? 123 ASP A HA   1 
ATOM 537  H HB2  . ASP A 1 35  ? 2.414   17.713  -5.741  1.00 1.19  ? 123 ASP A HB2  1 
ATOM 538  H HB3  . ASP A 1 35  ? 0.719   18.101  -6.035  1.00 1.44  ? 123 ASP A HB3  1 
ATOM 539  N N    . THR A 1 36  ? 1.469   16.138  -8.403  1.00 0.78  ? 124 THR A N    1 
ATOM 540  C CA   . THR A 1 36  ? 1.073   16.143  -9.825  1.00 0.84  ? 124 THR A CA   1 
ATOM 541  C C    . THR A 1 36  ? 0.340   14.841  -10.137 1.00 0.75  ? 124 THR A C    1 
ATOM 542  O O    . THR A 1 36  ? -0.451  14.754  -11.055 1.00 0.82  ? 124 THR A O    1 
ATOM 543  C CB   . THR A 1 36  ? 2.397   16.200  -10.579 1.00 0.99  ? 124 THR A CB   1 
ATOM 544  O OG1  . THR A 1 36  ? 3.364   16.887  -9.789  1.00 1.22  ? 124 THR A OG1  1 
ATOM 545  C CG2  . THR A 1 36  ? 2.195   16.930  -11.901 1.00 1.34  ? 124 THR A CG2  1 
ATOM 546  H H    . THR A 1 36  ? 2.401   16.196  -8.154  1.00 0.85  ? 124 THR A H    1 
ATOM 547  H HA   . THR A 1 36  ? 0.465   17.000  -10.058 1.00 0.92  ? 124 THR A HA   1 
ATOM 548  H HB   . THR A 1 36  ? 2.738   15.195  -10.771 1.00 1.07  ? 124 THR A HB   1 
ATOM 549  H HG1  . THR A 1 36  ? 3.646   17.669  -10.271 1.00 1.61  ? 124 THR A HG1  1 
ATOM 550  H HG21 . THR A 1 36  ? 1.430   17.681  -11.777 1.00 1.84  ? 124 THR A HG21 1 
ATOM 551  H HG22 . THR A 1 36  ? 3.120   17.401  -12.194 1.00 1.91  ? 124 THR A HG22 1 
ATOM 552  H HG23 . THR A 1 36  ? 1.890   16.226  -12.659 1.00 1.56  ? 124 THR A HG23 1 
ATOM 553  N N    . LYS A 1 37  ? 0.616   13.824  -9.370  1.00 0.65  ? 125 LYS A N    1 
ATOM 554  C CA   . LYS A 1 37  ? -0.025  12.517  -9.586  1.00 0.63  ? 125 LYS A CA   1 
ATOM 555  C C    . LYS A 1 37  ? -1.417  12.500  -8.967  1.00 0.55  ? 125 LYS A C    1 
ATOM 556  O O    . LYS A 1 37  ? -2.385  12.160  -9.617  1.00 0.57  ? 125 LYS A O    1 
ATOM 557  C CB   . LYS A 1 37  ? 0.906   11.549  -8.876  1.00 0.70  ? 125 LYS A CB   1 
ATOM 558  C CG   . LYS A 1 37  ? 0.467   10.132  -9.174  1.00 1.22  ? 125 LYS A CG   1 
ATOM 559  C CD   . LYS A 1 37  ? 1.694   9.224   -9.242  1.00 1.29  ? 125 LYS A CD   1 
ATOM 560  C CE   . LYS A 1 37  ? 1.337   7.941   -9.991  1.00 1.45  ? 125 LYS A CE   1 
ATOM 561  N NZ   . LYS A 1 37  ? 1.577   8.258   -11.426 1.00 2.37  ? 125 LYS A NZ   1 
ATOM 562  H H    . LYS A 1 37  ? 1.258   13.918  -8.646  1.00 0.64  ? 125 LYS A H    1 
ATOM 563  H HA   . LYS A 1 37  ? -0.077  12.292  -10.631 1.00 0.69  ? 125 LYS A HA   1 
ATOM 564  H HB2  . LYS A 1 37  ? 1.917   11.697  -9.226  1.00 1.24  ? 125 LYS A HB2  1 
ATOM 565  H HB3  . LYS A 1 37  ? 0.861   11.722  -7.813  1.00 1.12  ? 125 LYS A HB3  1 
ATOM 566  H HG2  . LYS A 1 37  ? -0.194  9.798   -8.393  1.00 1.90  ? 125 LYS A HG2  1 
ATOM 567  H HG3  . LYS A 1 37  ? -0.046  10.117  -10.119 1.00 1.93  ? 125 LYS A HG3  1 
ATOM 568  H HD2  . LYS A 1 37  ? 2.491   9.735   -9.762  1.00 1.89  ? 125 LYS A HD2  1 
ATOM 569  H HD3  . LYS A 1 37  ? 2.016   8.978   -8.241  1.00 1.80  ? 125 LYS A HD3  1 
ATOM 570  H HE2  . LYS A 1 37  ? 1.975   7.130   -9.670  1.00 1.74  ? 125 LYS A HE2  1 
ATOM 571  H HE3  . LYS A 1 37  ? 0.299   7.691   -9.835  1.00 1.83  ? 125 LYS A HE3  1 
ATOM 572  H HZ1  . LYS A 1 37  ? 1.035   9.106   -11.689 1.00 2.84  ? 125 LYS A HZ1  1 
ATOM 573  H HZ2  . LYS A 1 37  ? 2.591   8.433   -11.576 1.00 2.79  ? 125 LYS A HZ2  1 
ATOM 574  H HZ3  . LYS A 1 37  ? 1.271   7.458   -12.013 1.00 2.81  ? 125 LYS A HZ3  1 
ATOM 575  N N    . ILE A 1 38  ? -1.535  12.878  -7.726  1.00 0.51  ? 126 ILE A N    1 
ATOM 576  C CA   . ILE A 1 38  ? -2.883  12.900  -7.092  1.00 0.51  ? 126 ILE A CA   1 
ATOM 577  C C    . ILE A 1 38  ? -3.849  13.597  -8.049  1.00 0.54  ? 126 ILE A C    1 
ATOM 578  O O    . ILE A 1 38  ? -4.993  13.222  -8.186  1.00 0.61  ? 126 ILE A O    1 
ATOM 579  C CB   . ILE A 1 38  ? -2.705  13.701  -5.794  1.00 0.53  ? 126 ILE A CB   1 
ATOM 580  C CG1  . ILE A 1 38  ? -2.500  12.733  -4.627  1.00 0.59  ? 126 ILE A CG1  1 
ATOM 581  C CG2  . ILE A 1 38  ? -3.947  14.556  -5.519  1.00 0.70  ? 126 ILE A CG2  1 
ATOM 582  C CD1  . ILE A 1 38  ? -1.005  12.569  -4.353  1.00 0.53  ? 126 ILE A CD1  1 
ATOM 583  H H    . ILE A 1 38  ? -0.746  13.161  -7.223  1.00 0.53  ? 126 ILE A H    1 
ATOM 584  H HA   . ILE A 1 38  ? -3.218  11.898  -6.873  1.00 0.55  ? 126 ILE A HA   1 
ATOM 585  H HB   . ILE A 1 38  ? -1.841  14.343  -5.886  1.00 0.55  ? 126 ILE A HB   1 
ATOM 586  H HG12 . ILE A 1 38  ? -2.988  13.125  -3.747  1.00 0.82  ? 126 ILE A HG12 1 
ATOM 587  H HG13 . ILE A 1 38  ? -2.926  11.773  -4.878  1.00 0.73  ? 126 ILE A HG13 1 
ATOM 588  H HG21 . ILE A 1 38  ? -4.819  13.920  -5.479  1.00 1.24  ? 126 ILE A HG21 1 
ATOM 589  H HG22 . ILE A 1 38  ? -3.829  15.067  -4.575  1.00 1.26  ? 126 ILE A HG22 1 
ATOM 590  H HG23 . ILE A 1 38  ? -4.067  15.281  -6.309  1.00 1.26  ? 126 ILE A HG23 1 
ATOM 591  H HD11 . ILE A 1 38  ? -0.440  13.009  -5.160  1.00 1.08  ? 126 ILE A HD11 1 
ATOM 592  H HD12 . ILE A 1 38  ? -0.754  13.062  -3.425  1.00 1.26  ? 126 ILE A HD12 1 
ATOM 593  H HD13 . ILE A 1 38  ? -0.768  11.518  -4.276  1.00 1.11  ? 126 ILE A HD13 1 
ATOM 594  N N    . ASP A 1 39  ? -3.374  14.605  -8.723  1.00 0.55  ? 127 ASP A N    1 
ATOM 595  C CA   . ASP A 1 39  ? -4.231  15.334  -9.689  1.00 0.62  ? 127 ASP A CA   1 
ATOM 596  C C    . ASP A 1 39  ? -4.434  14.499  -10.957 1.00 0.61  ? 127 ASP A C    1 
ATOM 597  O O    . ASP A 1 39  ? -5.409  14.656  -11.662 1.00 0.67  ? 127 ASP A O    1 
ATOM 598  C CB   . ASP A 1 39  ? -3.459  16.609  -10.011 1.00 0.70  ? 127 ASP A CB   1 
ATOM 599  C CG   . ASP A 1 39  ? -3.547  17.575  -8.827  1.00 1.25  ? 127 ASP A CG   1 
ATOM 600  O OD1  . ASP A 1 39  ? -4.527  18.298  -8.749  1.00 1.87  ? 127 ASP A OD1  1 
ATOM 601  O OD2  . ASP A 1 39  ? -2.634  17.576  -8.019  1.00 1.78  ? 127 ASP A OD2  1 
ATOM 602  H H    . ASP A 1 39  ? -2.444  14.878  -8.598  1.00 0.55  ? 127 ASP A H    1 
ATOM 603  H HA   . ASP A 1 39  ? -5.176  15.576  -9.238  1.00 0.66  ? 127 ASP A HA   1 
ATOM 604  H HB2  . ASP A 1 39  ? -2.425  16.362  -10.201 1.00 1.05  ? 127 ASP A HB2  1 
ATOM 605  H HB3  . ASP A 1 39  ? -3.885  17.076  -10.887 1.00 0.86  ? 127 ASP A HB3  1 
ATOM 606  N N    . SER A 1 40  ? -3.528  13.600  -11.247 1.00 0.58  ? 128 SER A N    1 
ATOM 607  C CA   . SER A 1 40  ? -3.684  12.759  -12.458 1.00 0.62  ? 128 SER A CA   1 
ATOM 608  C C    . SER A 1 40  ? -4.478  11.524  -12.077 1.00 0.61  ? 128 SER A C    1 
ATOM 609  O O    . SER A 1 40  ? -5.421  11.135  -12.737 1.00 0.75  ? 128 SER A O    1 
ATOM 610  C CB   . SER A 1 40  ? -2.262  12.385  -12.876 1.00 0.64  ? 128 SER A CB   1 
ATOM 611  O OG   . SER A 1 40  ? -1.462  13.559  -12.924 1.00 1.46  ? 128 SER A OG   1 
ATOM 612  H H    . SER A 1 40  ? -2.759  13.463  -10.660 1.00 0.56  ? 128 SER A H    1 
ATOM 613  H HA   . SER A 1 40  ? -4.174  13.310  -13.237 1.00 0.68  ? 128 SER A HA   1 
ATOM 614  H HB2  . SER A 1 40  ? -1.843  11.699  -12.159 1.00 1.15  ? 128 SER A HB2  1 
ATOM 615  H HB3  . SER A 1 40  ? -2.287  11.914  -13.850 1.00 0.91  ? 128 SER A HB3  1 
ATOM 616  H HG   . SER A 1 40  ? -0.603  13.319  -13.281 1.00 1.88  ? 128 SER A HG   1 
ATOM 617  N N    . ILE A 1 41  ? -4.105  10.924  -10.990 1.00 0.53  ? 129 ILE A N    1 
ATOM 618  C CA   . ILE A 1 41  ? -4.822  9.728   -10.508 1.00 0.59  ? 129 ILE A CA   1 
ATOM 619  C C    . ILE A 1 41  ? -6.302  10.058  -10.319 1.00 0.59  ? 129 ILE A C    1 
ATOM 620  O O    . ILE A 1 41  ? -7.171  9.353   -10.789 1.00 0.66  ? 129 ILE A O    1 
ATOM 621  C CB   . ILE A 1 41  ? -4.164  9.423   -9.167  1.00 0.63  ? 129 ILE A CB   1 
ATOM 622  C CG1  . ILE A 1 41  ? -2.671  9.133   -9.360  1.00 0.95  ? 129 ILE A CG1  1 
ATOM 623  C CG2  . ILE A 1 41  ? -4.841  8.219   -8.547  1.00 0.65  ? 129 ILE A CG2  1 
ATOM 624  C CD1  . ILE A 1 41  ? -2.487  8.038   -10.411 1.00 0.72  ? 129 ILE A CD1  1 
ATOM 625  H H    . ILE A 1 41  ? -3.351  11.273  -10.476 1.00 0.52  ? 129 ILE A H    1 
ATOM 626  H HA   . ILE A 1 41  ? -4.700  8.904   -11.189 1.00 0.70  ? 129 ILE A HA   1 
ATOM 627  H HB   . ILE A 1 41  ? -4.282  10.275  -8.512  1.00 0.79  ? 129 ILE A HB   1 
ATOM 628  H HG12 . ILE A 1 41  ? -2.169  10.030  -9.686  1.00 1.66  ? 129 ILE A HG12 1 
ATOM 629  H HG13 . ILE A 1 41  ? -2.246  8.803   -8.424  1.00 1.74  ? 129 ILE A HG13 1 
ATOM 630  H HG21 . ILE A 1 41  ? -5.123  7.529   -9.326  1.00 1.20  ? 129 ILE A HG21 1 
ATOM 631  H HG22 . ILE A 1 41  ? -4.159  7.741   -7.863  1.00 1.20  ? 129 ILE A HG22 1 
ATOM 632  H HG23 . ILE A 1 41  ? -5.719  8.545   -8.017  1.00 1.25  ? 129 ILE A HG23 1 
ATOM 633  H HD11 . ILE A 1 41  ? -2.996  8.326   -11.318 1.00 1.25  ? 129 ILE A HD11 1 
ATOM 634  H HD12 . ILE A 1 41  ? -1.435  7.911   -10.615 1.00 1.48  ? 129 ILE A HD12 1 
ATOM 635  H HD13 . ILE A 1 41  ? -2.898  7.109   -10.040 1.00 1.31  ? 129 ILE A HD13 1 
ATOM 636  N N    . GLU A 1 42  ? -6.593  11.137  -9.646  1.00 0.57  ? 130 GLU A N    1 
ATOM 637  C CA   . GLU A 1 42  ? -8.009  11.522  -9.445  1.00 0.67  ? 130 GLU A CA   1 
ATOM 638  C C    . GLU A 1 42  ? -8.602  11.864  -10.803 1.00 0.73  ? 130 GLU A C    1 
ATOM 639  O O    . GLU A 1 42  ? -9.719  11.508  -11.128 1.00 0.82  ? 130 GLU A O    1 
ATOM 640  C CB   . GLU A 1 42  ? -7.938  12.736  -8.512  1.00 0.74  ? 130 GLU A CB   1 
ATOM 641  C CG   . GLU A 1 42  ? -8.217  14.038  -9.263  1.00 1.04  ? 130 GLU A CG   1 
ATOM 642  C CD   . GLU A 1 42  ? -9.717  14.170  -9.540  1.00 1.48  ? 130 GLU A CD   1 
ATOM 643  O OE1  . GLU A 1 42  ? -10.470 14.244  -8.582  1.00 2.16  ? 130 GLU A OE1  1 
ATOM 644  O OE2  . GLU A 1 42  ? -10.086 14.194  -10.703 1.00 1.78  ? 130 GLU A OE2  1 
ATOM 645  H H    . GLU A 1 42  ? -5.881  11.704  -9.290  1.00 0.55  ? 130 GLU A H    1 
ATOM 646  H HA   . GLU A 1 42  ? -8.555  10.722  -8.979  1.00 0.72  ? 130 GLU A HA   1 
ATOM 647  H HB2  . GLU A 1 42  ? -8.656  12.621  -7.717  1.00 1.01  ? 130 GLU A HB2  1 
ATOM 648  H HB3  . GLU A 1 42  ? -6.948  12.786  -8.096  1.00 1.08  ? 130 GLU A HB3  1 
ATOM 649  H HG2  . GLU A 1 42  ? -7.887  14.871  -8.661  1.00 1.43  ? 130 GLU A HG2  1 
ATOM 650  H HG3  . GLU A 1 42  ? -7.675  14.034  -10.192 1.00 1.38  ? 130 GLU A HG3  1 
ATOM 651  N N    . ASP A 1 43  ? -7.838  12.544  -11.600 1.00 0.75  ? 131 ASP A N    1 
ATOM 652  C CA   . ASP A 1 43  ? -8.314  12.915  -12.959 1.00 0.88  ? 131 ASP A CA   1 
ATOM 653  C C    . ASP A 1 43  ? -8.683  11.652  -13.740 1.00 0.91  ? 131 ASP A C    1 
ATOM 654  O O    . ASP A 1 43  ? -9.508  11.681  -14.631 1.00 1.06  ? 131 ASP A O    1 
ATOM 655  C CB   . ASP A 1 43  ? -7.128  13.624  -13.616 1.00 0.91  ? 131 ASP A CB   1 
ATOM 656  C CG   . ASP A 1 43  ? -7.291  15.140  -13.480 1.00 1.43  ? 131 ASP A CG   1 
ATOM 657  O OD1  . ASP A 1 43  ? -8.302  15.564  -12.942 1.00 1.90  ? 131 ASP A OD1  1 
ATOM 658  O OD2  . ASP A 1 43  ? -6.402  15.852  -13.917 1.00 1.84  ? 131 ASP A OD2  1 
ATOM 659  H H    . ASP A 1 43  ? -6.941  12.806  -11.300 1.00 0.72  ? 131 ASP A H    1 
ATOM 660  H HA   . ASP A 1 43  ? -9.156  13.582  -12.894 1.00 0.97  ? 131 ASP A HA   1 
ATOM 661  H HB2  . ASP A 1 43  ? -6.213  13.314  -13.132 1.00 0.88  ? 131 ASP A HB2  1 
ATOM 662  H HB3  . ASP A 1 43  ? -7.089  13.361  -14.662 1.00 1.11  ? 131 ASP A HB3  1 
ATOM 663  N N    . ARG A 1 44  ? -8.073  10.541  -13.415 1.00 0.84  ? 132 ARG A N    1 
ATOM 664  C CA   . ARG A 1 44  ? -8.386  9.282   -14.143 1.00 0.93  ? 132 ARG A CA   1 
ATOM 665  C C    . ARG A 1 44  ? -9.632  8.616   -13.555 1.00 0.84  ? 132 ARG A C    1 
ATOM 666  O O    . ARG A 1 44  ? -10.400 7.985   -14.253 1.00 0.90  ? 132 ARG A O    1 
ATOM 667  C CB   . ARG A 1 44  ? -7.160  8.394   -13.939 1.00 1.02  ? 132 ARG A CB   1 
ATOM 668  C CG   . ARG A 1 44  ? -6.092  8.751   -14.974 1.00 1.49  ? 132 ARG A CG   1 
ATOM 669  C CD   . ARG A 1 44  ? -5.490  7.466   -15.544 1.00 2.12  ? 132 ARG A CD   1 
ATOM 670  N NE   . ARG A 1 44  ? -4.349  7.915   -16.389 1.00 2.45  ? 132 ARG A NE   1 
ATOM 671  C CZ   . ARG A 1 44  ? -4.486  7.987   -17.685 1.00 2.99  ? 132 ARG A CZ   1 
ATOM 672  N NH1  . ARG A 1 44  ? -4.160  6.969   -18.432 1.00 3.59  ? 132 ARG A NH1  1 
ATOM 673  N NH2  . ARG A 1 44  ? -4.951  9.077   -18.232 1.00 3.80  ? 132 ARG A NH2  1 
ATOM 674  H H    . ARG A 1 44  ? -7.407  10.535  -12.699 1.00 0.78  ? 132 ARG A H    1 
ATOM 675  H HA   . ARG A 1 44  ? -8.523  9.484   -15.186 1.00 1.07  ? 132 ARG A HA   1 
ATOM 676  H HB2  . ARG A 1 44  ? -6.766  8.547   -12.945 1.00 1.47  ? 132 ARG A HB2  1 
ATOM 677  H HB3  . ARG A 1 44  ? -7.442  7.360   -14.059 1.00 1.31  ? 132 ARG A HB3  1 
ATOM 678  H HG2  . ARG A 1 44  ? -6.542  9.326   -15.771 1.00 1.82  ? 132 ARG A HG2  1 
ATOM 679  H HG3  . ARG A 1 44  ? -5.315  9.334   -14.503 1.00 2.13  ? 132 ARG A HG3  1 
ATOM 680  H HD2  . ARG A 1 44  ? -5.140  6.829   -14.742 1.00 2.74  ? 132 ARG A HD2  1 
ATOM 681  H HD3  . ARG A 1 44  ? -6.215  6.946   -16.148 1.00 2.45  ? 132 ARG A HD3  1 
ATOM 682  H HE   . ARG A 1 44  ? -3.495  8.156   -15.972 1.00 2.68  ? 132 ARG A HE   1 
ATOM 683  H HH11 . ARG A 1 44  ? -3.806  6.133   -18.014 1.00 3.91  ? 132 ARG A HH11 1 
ATOM 684  H HH12 . ARG A 1 44  ? -4.265  7.025   -19.427 1.00 4.09  ? 132 ARG A HH12 1 
ATOM 685  H HH21 . ARG A 1 44  ? -5.202  9.856   -17.658 1.00 3.74  ? 132 ARG A HH21 1 
ATOM 686  H HH22 . ARG A 1 44  ? -5.055  9.133   -19.224 1.00 4.19  ? 132 ARG A HH22 1 
ATOM 687  N N    . TYR A 1 45  ? -9.839  8.751   -12.275 1.00 0.85  ? 133 TYR A N    1 
ATOM 688  C CA   . TYR A 1 45  ? -11.034 8.125   -11.640 1.00 0.84  ? 133 TYR A CA   1 
ATOM 689  C C    . TYR A 1 45  ? -11.772 9.155   -10.787 1.00 0.90  ? 133 TYR A C    1 
ATOM 690  O O    . TYR A 1 45  ? -11.601 9.205   -9.587  1.00 1.07  ? 133 TYR A O    1 
ATOM 691  C CB   . TYR A 1 45  ? -10.475 7.008   -10.767 1.00 1.01  ? 133 TYR A CB   1 
ATOM 692  C CG   . TYR A 1 45  ? -9.977  5.893   -11.650 1.00 0.95  ? 133 TYR A CG   1 
ATOM 693  C CD1  . TYR A 1 45  ? -10.889 5.001   -12.226 1.00 0.99  ? 133 TYR A CD1  1 
ATOM 694  C CD2  . TYR A 1 45  ? -8.607  5.755   -11.898 1.00 1.11  ? 133 TYR A CD2  1 
ATOM 695  C CE1  . TYR A 1 45  ? -10.430 3.967   -13.049 1.00 1.02  ? 133 TYR A CE1  1 
ATOM 696  C CE2  . TYR A 1 45  ? -8.148  4.721   -12.722 1.00 1.18  ? 133 TYR A CE2  1 
ATOM 697  C CZ   . TYR A 1 45  ? -9.060  3.826   -13.298 1.00 1.06  ? 133 TYR A CZ   1 
ATOM 698  O OH   . TYR A 1 45  ? -8.607  2.805   -14.108 1.00 1.20  ? 133 TYR A OH   1 
ATOM 699  H H    . TYR A 1 45  ? -9.207  9.263   -11.730 1.00 0.95  ? 133 TYR A H    1 
ATOM 700  H HA   . TYR A 1 45  ? -11.690 7.715   -12.391 1.00 0.82  ? 133 TYR A HA   1 
ATOM 701  H HB2  . TYR A 1 45  ? -9.660  7.391   -10.172 1.00 1.15  ? 133 TYR A HB2  1 
ATOM 702  H HB3  . TYR A 1 45  ? -11.252 6.633   -10.116 1.00 1.17  ? 133 TYR A HB3  1 
ATOM 703  H HD1  . TYR A 1 45  ? -11.946 5.110   -12.034 1.00 1.15  ? 133 TYR A HD1  1 
ATOM 704  H HD2  . TYR A 1 45  ? -7.903  6.445   -11.450 1.00 1.30  ? 133 TYR A HD2  1 
ATOM 705  H HE1  . TYR A 1 45  ? -11.133 3.279   -13.494 1.00 1.15  ? 133 TYR A HE1  1 
ATOM 706  H HE2  . TYR A 1 45  ? -7.094  4.615   -12.915 1.00 1.43  ? 133 TYR A HE2  1 
ATOM 707  H HH   . TYR A 1 45  ? -8.548  2.008   -13.574 1.00 1.60  ? 133 TYR A HH   1 
ATOM 708  N N    . PRO A 1 46  ? -12.568 9.951   -11.444 1.00 0.93  ? 134 PRO A N    1 
ATOM 709  C CA   . PRO A 1 46  ? -13.338 11.003  -10.742 1.00 1.10  ? 134 PRO A CA   1 
ATOM 710  C C    . PRO A 1 46  ? -14.492 10.393  -9.941  1.00 1.07  ? 134 PRO A C    1 
ATOM 711  O O    . PRO A 1 46  ? -15.135 11.063  -9.158  1.00 1.44  ? 134 PRO A O    1 
ATOM 712  C CB   . PRO A 1 46  ? -13.868 11.871  -11.875 1.00 1.28  ? 134 PRO A CB   1 
ATOM 713  C CG   . PRO A 1 46  ? -13.910 10.974  -13.070 1.00 1.23  ? 134 PRO A CG   1 
ATOM 714  C CD   . PRO A 1 46  ? -12.824 9.947   -12.889 1.00 1.02  ? 134 PRO A CD   1 
ATOM 715  H HA   . PRO A 1 46  ? -12.695 11.585  -10.102 1.00 1.21  ? 134 PRO A HA   1 
ATOM 716  H HB2  . PRO A 1 46  ? -14.860 12.228  -11.636 1.00 1.40  ? 134 PRO A HB2  1 
ATOM 717  H HB3  . PRO A 1 46  ? -13.202 12.697  -12.058 1.00 1.41  ? 134 PRO A HB3  1 
ATOM 718  H HG2  . PRO A 1 46  ? -14.875 10.488  -13.132 1.00 1.27  ? 134 PRO A HG2  1 
ATOM 719  H HG3  . PRO A 1 46  ? -13.724 11.544  -13.967 1.00 1.36  ? 134 PRO A HG3  1 
ATOM 720  H HD2  . PRO A 1 46  ? -13.168 8.973   -13.214 1.00 1.05  ? 134 PRO A HD2  1 
ATOM 721  H HD3  . PRO A 1 46  ? -11.935 10.236  -13.426 1.00 1.07  ? 134 PRO A HD3  1 
ATOM 722  N N    . ARG A 1 47  ? -14.772 9.134   -10.136 1.00 1.02  ? 135 ARG A N    1 
ATOM 723  C CA   . ARG A 1 47  ? -15.898 8.506   -9.385  1.00 1.09  ? 135 ARG A CA   1 
ATOM 724  C C    . ARG A 1 47  ? -15.494 7.149   -8.793  1.00 0.87  ? 135 ARG A C    1 
ATOM 725  O O    . ARG A 1 47  ? -16.339 6.347   -8.448  1.00 1.06  ? 135 ARG A O    1 
ATOM 726  C CB   . ARG A 1 47  ? -17.006 8.320   -10.426 1.00 1.45  ? 135 ARG A CB   1 
ATOM 727  C CG   . ARG A 1 47  ? -16.601 7.233   -11.427 1.00 2.13  ? 135 ARG A CG   1 
ATOM 728  C CD   . ARG A 1 47  ? -17.297 5.917   -11.068 1.00 2.69  ? 135 ARG A CD   1 
ATOM 729  N NE   . ARG A 1 47  ? -18.518 5.881   -11.920 1.00 3.40  ? 135 ARG A NE   1 
ATOM 730  C CZ   . ARG A 1 47  ? -18.648 4.958   -12.831 1.00 4.12  ? 135 ARG A CZ   1 
ATOM 731  N NH1  . ARG A 1 47  ? -18.246 3.740   -12.588 1.00 5.26  ? 135 ARG A NH1  1 
ATOM 732  N NH2  . ARG A 1 47  ? -19.177 5.253   -13.987 1.00 4.42  ? 135 ARG A NH2  1 
ATOM 733  H H    . ARG A 1 47  ? -14.252 8.609   -10.779 1.00 1.23  ? 135 ARG A H    1 
ATOM 734  H HA   . ARG A 1 47  ? -16.241 9.165   -8.607  1.00 1.22  ? 135 ARG A HA   1 
ATOM 735  H HB2  . ARG A 1 47  ? -17.919 8.028   -9.930  1.00 1.68  ? 135 ARG A HB2  1 
ATOM 736  H HB3  . ARG A 1 47  ? -17.163 9.249   -10.953 1.00 1.86  ? 135 ARG A HB3  1 
ATOM 737  H HG2  . ARG A 1 47  ? -16.891 7.534   -12.424 1.00 2.54  ? 135 ARG A HG2  1 
ATOM 738  H HG3  . ARG A 1 47  ? -15.530 7.091   -11.393 1.00 2.52  ? 135 ARG A HG3  1 
ATOM 739  H HD2  . ARG A 1 47  ? -16.654 5.078   -11.294 1.00 2.80  ? 135 ARG A HD2  1 
ATOM 740  H HD3  . ARG A 1 47  ? -17.574 5.910   -10.027 1.00 3.07  ? 135 ARG A HD3  1 
ATOM 741  H HE   . ARG A 1 47  ? -19.225 6.548   -11.792 1.00 3.65  ? 135 ARG A HE   1 
ATOM 742  H HH11 . ARG A 1 47  ? -17.841 3.516   -11.703 1.00 5.39  ? 135 ARG A HH11 1 
ATOM 743  H HH12 . ARG A 1 47  ? -18.345 3.032   -13.287 1.00 5.60  ? 135 ARG A HH12 1 
ATOM 744  H HH21 . ARG A 1 47  ? -19.483 6.187   -14.173 1.00 4.16  ? 135 ARG A HH21 1 
ATOM 745  H HH22 . ARG A 1 47  ? -19.276 4.546   -14.686 1.00 5.16  ? 135 ARG A HH22 1 
ATOM 746  N N    . ASN A 1 48  ? -14.224 6.872   -8.665  1.00 0.78  ? 136 ASN A N    1 
ATOM 747  C CA   . ASN A 1 48  ? -13.828 5.555   -8.095  1.00 0.72  ? 136 ASN A CA   1 
ATOM 748  C C    . ASN A 1 48  ? -12.435 5.605   -7.465  1.00 0.67  ? 136 ASN A C    1 
ATOM 749  O O    . ASN A 1 48  ? -11.426 5.468   -8.134  1.00 0.66  ? 136 ASN A O    1 
ATOM 750  C CB   . ASN A 1 48  ? -13.849 4.593   -9.283  1.00 0.98  ? 136 ASN A CB   1 
ATOM 751  C CG   . ASN A 1 48  ? -14.828 3.451   -9.001  1.00 1.29  ? 136 ASN A CG   1 
ATOM 752  O OD1  . ASN A 1 48  ? -15.359 3.342   -7.914  1.00 1.85  ? 136 ASN A OD1  1 
ATOM 753  N ND2  . ASN A 1 48  ? -15.089 2.586   -9.943  1.00 1.88  ? 136 ASN A ND2  1 
ATOM 754  H H    . ASN A 1 48  ? -13.546 7.513   -8.938  1.00 0.99  ? 136 ASN A H    1 
ATOM 755  H HA   . ASN A 1 48  ? -14.547 5.243   -7.363  1.00 0.76  ? 136 ASN A HA   1 
ATOM 756  H HB2  . ASN A 1 48  ? -14.162 5.125   -10.170 1.00 1.43  ? 136 ASN A HB2  1 
ATOM 757  H HB3  . ASN A 1 48  ? -12.861 4.188   -9.435  1.00 1.04  ? 136 ASN A HB3  1 
ATOM 758  H HD21 . ASN A 1 48  ? -14.661 2.673   -10.820 1.00 2.34  ? 136 ASN A HD21 1 
ATOM 759  H HD22 . ASN A 1 48  ? -15.713 1.849   -9.773  1.00 2.25  ? 136 ASN A HD22 1 
ATOM 760  N N    . LEU A 1 49  ? -12.375 5.764   -6.171  1.00 0.75  ? 137 LEU A N    1 
ATOM 761  C CA   . LEU A 1 49  ? -11.053 5.783   -5.485  1.00 0.77  ? 137 LEU A CA   1 
ATOM 762  C C    . LEU A 1 49  ? -10.477 4.376   -5.515  1.00 0.73  ? 137 LEU A C    1 
ATOM 763  O O    . LEU A 1 49  ? -9.300  4.165   -5.722  1.00 0.76  ? 137 LEU A O    1 
ATOM 764  C CB   . LEU A 1 49  ? -11.336 6.184   -4.035  1.00 0.95  ? 137 LEU A CB   1 
ATOM 765  C CG   . LEU A 1 49  ? -12.340 7.331   -3.984  1.00 1.32  ? 137 LEU A CG   1 
ATOM 766  C CD1  . LEU A 1 49  ? -12.382 7.897   -2.566  1.00 2.06  ? 137 LEU A CD1  1 
ATOM 767  C CD2  . LEU A 1 49  ? -11.907 8.428   -4.947  1.00 1.88  ? 137 LEU A CD2  1 
ATOM 768  H H    . LEU A 1 49  ? -13.200 5.842   -5.651  1.00 0.87  ? 137 LEU A H    1 
ATOM 769  H HA   . LEU A 1 49  ? -10.387 6.489   -5.948  1.00 0.77  ? 137 LEU A HA   1 
ATOM 770  H HB2  . LEU A 1 49  ? -11.740 5.336   -3.505  1.00 1.34  ? 137 LEU A HB2  1 
ATOM 771  H HB3  . LEU A 1 49  ? -10.416 6.496   -3.564  1.00 1.22  ? 137 LEU A HB3  1 
ATOM 772  H HG   . LEU A 1 49  ? -13.318 6.962   -4.259  1.00 1.40  ? 137 LEU A HG   1 
ATOM 773  H HD11 . LEU A 1 49  ? -12.170 7.109   -1.863  1.00 2.52  ? 137 LEU A HD11 1 
ATOM 774  H HD12 . LEU A 1 49  ? -11.639 8.674   -2.470  1.00 2.32  ? 137 LEU A HD12 1 
ATOM 775  H HD13 . LEU A 1 49  ? -13.361 8.306   -2.369  1.00 2.60  ? 137 LEU A HD13 1 
ATOM 776  H HD21 . LEU A 1 49  ? -10.849 8.608   -4.827  1.00 2.29  ? 137 LEU A HD21 1 
ATOM 777  H HD22 . LEU A 1 49  ? -12.107 8.115   -5.960  1.00 2.20  ? 137 LEU A HD22 1 
ATOM 778  H HD23 . LEU A 1 49  ? -12.454 9.334   -4.732  1.00 2.41  ? 137 LEU A HD23 1 
ATOM 779  N N    . THR A 1 50  ? -11.320 3.410   -5.303  1.00 0.74  ? 138 THR A N    1 
ATOM 780  C CA   . THR A 1 50  ? -10.868 1.998   -5.299  1.00 0.79  ? 138 THR A CA   1 
ATOM 781  C C    . THR A 1 50  ? -10.086 1.678   -6.576  1.00 0.75  ? 138 THR A C    1 
ATOM 782  O O    . THR A 1 50  ? -9.187  0.861   -6.574  1.00 0.89  ? 138 THR A O    1 
ATOM 783  C CB   . THR A 1 50  ? -12.162 1.193   -5.234  1.00 0.84  ? 138 THR A CB   1 
ATOM 784  O OG1  . THR A 1 50  ? -13.173 1.971   -4.606  1.00 0.88  ? 138 THR A OG1  1 
ATOM 785  C CG2  . THR A 1 50  ? -11.930 -0.084  -4.430  1.00 1.00  ? 138 THR A CG2  1 
ATOM 786  H H    . THR A 1 50  ? -12.267 3.618   -5.142  1.00 0.75  ? 138 THR A H    1 
ATOM 787  H HA   . THR A 1 50  ? -10.267 1.797   -4.431  1.00 0.89  ? 138 THR A HA   1 
ATOM 788  H HB   . THR A 1 50  ? -12.476 0.938   -6.232  1.00 0.79  ? 138 THR A HB   1 
ATOM 789  H HG1  . THR A 1 50  ? -13.724 2.351   -5.293  1.00 1.13  ? 138 THR A HG1  1 
ATOM 790  H HG21 . THR A 1 50  ? -11.202 0.109   -3.656  1.00 1.43  ? 138 THR A HG21 1 
ATOM 791  H HG22 . THR A 1 50  ? -12.859 -0.398  -3.979  1.00 1.46  ? 138 THR A HG22 1 
ATOM 792  H HG23 . THR A 1 50  ? -11.565 -0.861  -5.084  1.00 1.45  ? 138 THR A HG23 1 
ATOM 793  N N    . GLU A 1 51  ? -10.420 2.313   -7.663  1.00 0.63  ? 139 GLU A N    1 
ATOM 794  C CA   . GLU A 1 51  ? -9.692  2.039   -8.935  1.00 0.69  ? 139 GLU A CA   1 
ATOM 795  C C    . GLU A 1 51  ? -8.409  2.874   -9.011  1.00 0.62  ? 139 GLU A C    1 
ATOM 796  O O    . GLU A 1 51  ? -7.345  2.364   -9.310  1.00 0.68  ? 139 GLU A O    1 
ATOM 797  C CB   . GLU A 1 51  ? -10.662 2.447   -10.044 1.00 0.79  ? 139 GLU A CB   1 
ATOM 798  C CG   . GLU A 1 51  ? -11.586 1.273   -10.371 1.00 1.15  ? 139 GLU A CG   1 
ATOM 799  C CD   . GLU A 1 51  ? -10.754 0.094   -10.879 1.00 1.60  ? 139 GLU A CD   1 
ATOM 800  O OE1  . GLU A 1 51  ? -10.340 0.138   -12.025 1.00 2.07  ? 139 GLU A OE1  1 
ATOM 801  O OE2  . GLU A 1 51  ? -10.544 -0.831  -10.112 1.00 2.18  ? 139 GLU A OE2  1 
ATOM 802  H H    . GLU A 1 51  ? -11.149 2.967   -7.643  1.00 0.59  ? 139 GLU A H    1 
ATOM 803  H HA   . GLU A 1 51  ? -9.462  0.988   -9.017  1.00 0.80  ? 139 GLU A HA   1 
ATOM 804  H HB2  . GLU A 1 51  ? -11.250 3.290   -9.715  1.00 0.99  ? 139 GLU A HB2  1 
ATOM 805  H HB3  . GLU A 1 51  ? -10.105 2.720   -10.928 1.00 1.03  ? 139 GLU A HB3  1 
ATOM 806  H HG2  . GLU A 1 51  ? -12.122 0.979   -9.480  1.00 1.54  ? 139 GLU A HG2  1 
ATOM 807  H HG3  . GLU A 1 51  ? -12.290 1.569   -11.134 1.00 1.63  ? 139 GLU A HG3  1 
ATOM 808  N N    . ARG A 1 52  ? -8.494  4.152   -8.750  1.00 0.58  ? 140 ARG A N    1 
ATOM 809  C CA   . ARG A 1 52  ? -7.268  5.000   -8.823  1.00 0.58  ? 140 ARG A CA   1 
ATOM 810  C C    . ARG A 1 52  ? -6.195  4.472   -7.865  1.00 0.50  ? 140 ARG A C    1 
ATOM 811  O O    . ARG A 1 52  ? -5.026  4.440   -8.188  1.00 0.44  ? 140 ARG A O    1 
ATOM 812  C CB   . ARG A 1 52  ? -7.721  6.415   -8.434  1.00 0.67  ? 140 ARG A CB   1 
ATOM 813  C CG   . ARG A 1 52  ? -7.802  6.559   -6.910  1.00 1.20  ? 140 ARG A CG   1 
ATOM 814  C CD   . ARG A 1 52  ? -8.047  8.027   -6.547  1.00 1.73  ? 140 ARG A CD   1 
ATOM 815  N NE   . ARG A 1 52  ? -9.327  8.388   -7.220  1.00 2.07  ? 140 ARG A NE   1 
ATOM 816  C CZ   . ARG A 1 52  ? -9.863  9.562   -7.020  1.00 2.73  ? 140 ARG A CZ   1 
ATOM 817  N NH1  . ARG A 1 52  ? -9.125  10.558  -6.606  1.00 3.18  ? 140 ARG A NH1  1 
ATOM 818  N NH2  . ARG A 1 52  ? -11.135 9.743   -7.242  1.00 3.72  ? 140 ARG A NH2  1 
ATOM 819  H H    . ARG A 1 52  ? -9.357  4.551   -8.515  1.00 0.61  ? 140 ARG A H    1 
ATOM 820  H HA   . ARG A 1 52  ? -6.889  5.006   -9.832  1.00 0.66  ? 140 ARG A HA   1 
ATOM 821  H HB2  . ARG A 1 52  ? -7.013  7.132   -8.822  1.00 1.23  ? 140 ARG A HB2  1 
ATOM 822  H HB3  . ARG A 1 52  ? -8.691  6.605   -8.861  1.00 1.27  ? 140 ARG A HB3  1 
ATOM 823  H HG2  . ARG A 1 52  ? -8.612  5.955   -6.534  1.00 1.84  ? 140 ARG A HG2  1 
ATOM 824  H HG3  . ARG A 1 52  ? -6.874  6.235   -6.465  1.00 1.80  ? 140 ARG A HG3  1 
ATOM 825  H HD2  . ARG A 1 52  ? -8.141  8.136   -5.476  1.00 2.24  ? 140 ARG A HD2  1 
ATOM 826  H HD3  . ARG A 1 52  ? -7.247  8.645   -6.920  1.00 2.31  ? 140 ARG A HD3  1 
ATOM 827  H HE   . ARG A 1 52  ? -9.767  7.744   -7.812  1.00 2.30  ? 140 ARG A HE   1 
ATOM 828  H HH11 . ARG A 1 52  ? -8.149  10.423  -6.443  1.00 3.23  ? 140 ARG A HH11 1 
ATOM 829  H HH12 . ARG A 1 52  ? -9.539  11.454  -6.451  1.00 3.77  ? 140 ARG A HH12 1 
ATOM 830  H HH21 . ARG A 1 52  ? -11.699 8.984   -7.568  1.00 3.78  ? 140 ARG A HH21 1 
ATOM 831  H HH22 . ARG A 1 52  ? -11.547 10.641  -7.086  1.00 3.94  ? 140 ARG A HH22 1 
ATOM 832  N N    . VAL A 1 53  ? -6.579  4.054   -6.693  1.00 0.62  ? 141 VAL A N    1 
ATOM 833  C CA   . VAL A 1 53  ? -5.571  3.528   -5.730  1.00 0.66  ? 141 VAL A CA   1 
ATOM 834  C C    . VAL A 1 53  ? -4.750  2.418   -6.394  1.00 0.60  ? 141 VAL A C    1 
ATOM 835  O O    . VAL A 1 53  ? -3.530  2.482   -6.473  1.00 0.56  ? 141 VAL A O    1 
ATOM 836  C CB   . VAL A 1 53  ? -6.395  2.969   -4.568  1.00 0.86  ? 141 VAL A CB   1 
ATOM 837  C CG1  . VAL A 1 53  ? -5.467  2.278   -3.574  1.00 1.11  ? 141 VAL A CG1  1 
ATOM 838  C CG2  . VAL A 1 53  ? -7.128  4.105   -3.856  1.00 1.31  ? 141 VAL A CG2  1 
ATOM 839  H H    . VAL A 1 53  ? -7.527  4.084   -6.447  1.00 0.74  ? 141 VAL A H    1 
ATOM 840  H HA   . VAL A 1 53  ? -4.927  4.320   -5.386  1.00 0.67  ? 141 VAL A HA   1 
ATOM 841  H HB   . VAL A 1 53  ? -7.113  2.255   -4.946  1.00 1.42  ? 141 VAL A HB   1 
ATOM 842  H HG11 . VAL A 1 53  ? -4.778  1.641   -4.109  1.00 1.55  ? 141 VAL A HG11 1 
ATOM 843  H HG12 . VAL A 1 53  ? -4.915  3.025   -3.021  1.00 1.68  ? 141 VAL A HG12 1 
ATOM 844  H HG13 . VAL A 1 53  ? -6.052  1.681   -2.890  1.00 1.64  ? 141 VAL A HG13 1 
ATOM 845  H HG21 . VAL A 1 53  ? -6.744  5.055   -4.200  1.00 1.86  ? 141 VAL A HG21 1 
ATOM 846  H HG22 . VAL A 1 53  ? -8.183  4.045   -4.070  1.00 1.78  ? 141 VAL A HG22 1 
ATOM 847  H HG23 . VAL A 1 53  ? -6.974  4.017   -2.792  1.00 1.77  ? 141 VAL A HG23 1 
ATOM 848  N N    . ARG A 1 54  ? -5.409  1.403   -6.880  1.00 0.67  ? 142 ARG A N    1 
ATOM 849  C CA   . ARG A 1 54  ? -4.678  0.294   -7.545  1.00 0.71  ? 142 ARG A CA   1 
ATOM 850  C C    . ARG A 1 54  ? -3.747  0.861   -8.616  1.00 0.59  ? 142 ARG A C    1 
ATOM 851  O O    . ARG A 1 54  ? -2.687  0.331   -8.873  1.00 0.68  ? 142 ARG A O    1 
ATOM 852  C CB   . ARG A 1 54  ? -5.763  -0.577  -8.177  1.00 0.83  ? 142 ARG A CB   1 
ATOM 853  C CG   . ARG A 1 54  ? -6.059  -1.769  -7.266  1.00 1.13  ? 142 ARG A CG   1 
ATOM 854  C CD   . ARG A 1 54  ? -6.596  -2.931  -8.107  1.00 1.58  ? 142 ARG A CD   1 
ATOM 855  N NE   . ARG A 1 54  ? -6.726  -4.068  -7.152  1.00 2.05  ? 142 ARG A NE   1 
ATOM 856  C CZ   . ARG A 1 54  ? -6.276  -5.249  -7.480  1.00 2.58  ? 142 ARG A CZ   1 
ATOM 857  N NH1  . ARG A 1 54  ? -5.334  -5.808  -6.772  1.00 3.52  ? 142 ARG A NH1  1 
ATOM 858  N NH2  . ARG A 1 54  ? -6.772  -5.872  -8.514  1.00 3.06  ? 142 ARG A NH2  1 
ATOM 859  H H    . ARG A 1 54  ? -6.386  1.375   -6.810  1.00 0.74  ? 142 ARG A H    1 
ATOM 860  H HA   . ARG A 1 54  ? -4.117  -0.276  -6.820  1.00 0.78  ? 142 ARG A HA   1 
ATOM 861  H HB2  . ARG A 1 54  ? -6.662  0.009   -8.309  1.00 1.15  ? 142 ARG A HB2  1 
ATOM 862  H HB3  . ARG A 1 54  ? -5.423  -0.935  -9.138  1.00 1.02  ? 142 ARG A HB3  1 
ATOM 863  H HG2  . ARG A 1 54  ? -5.150  -2.075  -6.767  1.00 1.50  ? 142 ARG A HG2  1 
ATOM 864  H HG3  . ARG A 1 54  ? -6.797  -1.487  -6.531  1.00 1.79  ? 142 ARG A HG3  1 
ATOM 865  H HD2  . ARG A 1 54  ? -7.559  -2.675  -8.526  1.00 2.20  ? 142 ARG A HD2  1 
ATOM 866  H HD3  . ARG A 1 54  ? -5.898  -3.183  -8.889  1.00 2.05  ? 142 ARG A HD3  1 
ATOM 867  H HE   . ARG A 1 54  ? -7.147  -3.929  -6.279  1.00 2.47  ? 142 ARG A HE   1 
ATOM 868  H HH11 . ARG A 1 54  ? -4.957  -5.332  -5.977  1.00 3.24  ? 142 ARG A HH11 1 
ATOM 869  H HH12 . ARG A 1 54  ? -4.988  -6.711  -7.023  1.00 3.57  ? 142 ARG A HH12 1 
ATOM 870  H HH21 . ARG A 1 54  ? -7.497  -5.446  -9.056  1.00 3.62  ? 142 ARG A HH21 1 
ATOM 871  H HH22 . ARG A 1 54  ? -6.426  -6.776  -8.766  1.00 3.73  ? 142 ARG A HH22 1 
ATOM 872  N N    . GLU A 1 55  ? -4.129  1.944   -9.240  1.00 0.49  ? 143 GLU A N    1 
ATOM 873  C CA   . GLU A 1 55  ? -3.241  2.533   -10.281 1.00 0.46  ? 143 GLU A CA   1 
ATOM 874  C C    . GLU A 1 55  ? -1.933  2.972   -9.643  1.00 0.43  ? 143 GLU A C    1 
ATOM 875  O O    . GLU A 1 55  ? -0.872  2.649   -10.139 1.00 0.46  ? 143 GLU A O    1 
ATOM 876  C CB   . GLU A 1 55  ? -4.003  3.725   -10.858 1.00 0.46  ? 143 GLU A CB   1 
ATOM 877  C CG   . GLU A 1 55  ? -5.317  3.239   -11.467 1.00 0.98  ? 143 GLU A CG   1 
ATOM 878  C CD   . GLU A 1 55  ? -5.039  2.567   -12.812 1.00 1.64  ? 143 GLU A CD   1 
ATOM 879  O OE1  . GLU A 1 55  ? -4.686  3.271   -13.743 1.00 2.15  ? 143 GLU A OE1  1 
ATOM 880  O OE2  . GLU A 1 55  ? -5.181  1.357   -12.889 1.00 2.32  ? 143 GLU A OE2  1 
ATOM 881  H H    . GLU A 1 55  ? -4.984  2.368   -9.020  1.00 0.51  ? 143 GLU A H    1 
ATOM 882  H HA   . GLU A 1 55  ? -3.039  1.806   -11.056 1.00 0.55  ? 143 GLU A HA   1 
ATOM 883  H HB2  . GLU A 1 55  ? -4.208  4.436   -10.072 1.00 0.93  ? 143 GLU A HB2  1 
ATOM 884  H HB3  . GLU A 1 55  ? -3.407  4.197   -11.624 1.00 0.93  ? 143 GLU A HB3  1 
ATOM 885  H HG2  . GLU A 1 55  ? -5.783  2.529   -10.798 1.00 1.45  ? 143 GLU A HG2  1 
ATOM 886  H HG3  . GLU A 1 55  ? -5.976  4.079   -11.615 1.00 1.66  ? 143 GLU A HG3  1 
ATOM 887  N N    . SER A 1 56  ? -1.970  3.682   -8.537  1.00 0.40  ? 144 SER A N    1 
ATOM 888  C CA   . SER A 1 56  ? -0.675  4.069   -7.914  1.00 0.41  ? 144 SER A CA   1 
ATOM 889  C C    . SER A 1 56  ? 0.181   2.821   -7.825  1.00 0.43  ? 144 SER A C    1 
ATOM 890  O O    . SER A 1 56  ? 1.281   2.795   -8.304  1.00 0.54  ? 144 SER A O    1 
ATOM 891  C CB   . SER A 1 56  ? -0.960  4.588   -6.505  1.00 0.48  ? 144 SER A CB   1 
ATOM 892  O OG   . SER A 1 56  ? -1.738  5.774   -6.586  1.00 1.23  ? 144 SER A OG   1 
ATOM 893  H H    . SER A 1 56  ? -2.826  3.930   -8.120  1.00 0.41  ? 144 SER A H    1 
ATOM 894  H HA   . SER A 1 56  ? -0.181  4.831   -8.501  1.00 0.42  ? 144 SER A HA   1 
ATOM 895  H HB2  . SER A 1 56  ? -1.499  3.842   -5.946  1.00 1.02  ? 144 SER A HB2  1 
ATOM 896  H HB3  . SER A 1 56  ? -0.005  4.795   -6.007  1.00 0.96  ? 144 SER A HB3  1 
ATOM 897  H HG   . SER A 1 56  ? -1.480  6.349   -5.862  1.00 1.46  ? 144 SER A HG   1 
ATOM 898  N N    . LEU A 1 57  ? -0.326  1.774   -7.220  1.00 0.42  ? 145 LEU A N    1 
ATOM 899  C CA   . LEU A 1 57  ? 0.491   0.526   -7.105  1.00 0.47  ? 145 LEU A CA   1 
ATOM 900  C C    . LEU A 1 57  ? 1.500   0.420   -8.256  1.00 0.46  ? 145 LEU A C    1 
ATOM 901  O O    . LEU A 1 57  ? 2.691   0.291   -8.037  1.00 0.47  ? 145 LEU A O    1 
ATOM 902  C CB   . LEU A 1 57  ? -0.475  -0.656  -7.162  1.00 0.59  ? 145 LEU A CB   1 
ATOM 903  C CG   . LEU A 1 57  ? -1.397  -0.655  -5.945  1.00 0.72  ? 145 LEU A CG   1 
ATOM 904  C CD1  . LEU A 1 57  ? -2.452  -1.741  -6.125  1.00 1.36  ? 145 LEU A CD1  1 
ATOM 905  C CD2  . LEU A 1 57  ? -0.586  -0.952  -4.680  1.00 0.75  ? 145 LEU A CD2  1 
ATOM 906  H H    . LEU A 1 57  ? -1.231  1.812   -6.843  1.00 0.44  ? 145 LEU A H    1 
ATOM 907  H HA   . LEU A 1 57  ? 1.004   0.527   -6.163  1.00 0.52  ? 145 LEU A HA   1 
ATOM 908  H HB2  . LEU A 1 57  ? -1.064  -0.597  -8.062  1.00 0.94  ? 145 LEU A HB2  1 
ATOM 909  H HB3  . LEU A 1 57  ? 0.096   -1.576  -7.169  1.00 0.89  ? 145 LEU A HB3  1 
ATOM 910  H HG   . LEU A 1 57  ? -1.879  0.309   -5.854  1.00 1.06  ? 145 LEU A HG   1 
ATOM 911  H HD11 . LEU A 1 57  ? -2.729  -1.802  -7.166  1.00 1.78  ? 145 LEU A HD11 1 
ATOM 912  H HD12 . LEU A 1 57  ? -2.049  -2.688  -5.804  1.00 1.89  ? 145 LEU A HD12 1 
ATOM 913  H HD13 . LEU A 1 57  ? -3.322  -1.500  -5.534  1.00 1.88  ? 145 LEU A HD13 1 
ATOM 914  H HD21 . LEU A 1 57  ? 0.425   -1.224  -4.952  1.00 1.23  ? 145 LEU A HD21 1 
ATOM 915  H HD22 . LEU A 1 57  ? -0.570  -0.075  -4.052  1.00 1.38  ? 145 LEU A HD22 1 
ATOM 916  H HD23 . LEU A 1 57  ? -1.047  -1.769  -4.144  1.00 1.22  ? 145 LEU A HD23 1 
ATOM 917  N N    . ARG A 1 58  ? 1.045   0.477   -9.482  1.00 0.48  ? 146 ARG A N    1 
ATOM 918  C CA   . ARG A 1 58  ? 2.005   0.375   -10.614 1.00 0.54  ? 146 ARG A CA   1 
ATOM 919  C C    . ARG A 1 58  ? 3.122   1.416   -10.430 1.00 0.50  ? 146 ARG A C    1 
ATOM 920  O O    . ARG A 1 58  ? 4.267   1.167   -10.746 1.00 0.55  ? 146 ARG A O    1 
ATOM 921  C CB   . ARG A 1 58  ? 1.165   0.609   -11.880 1.00 0.59  ? 146 ARG A CB   1 
ATOM 922  C CG   . ARG A 1 58  ? 1.261   2.062   -12.331 1.00 1.49  ? 146 ARG A CG   1 
ATOM 923  C CD   . ARG A 1 58  ? 0.507   2.232   -13.653 1.00 1.95  ? 146 ARG A CD   1 
ATOM 924  N NE   . ARG A 1 58  ? -0.643  3.116   -13.324 1.00 2.63  ? 146 ARG A NE   1 
ATOM 925  C CZ   . ARG A 1 58  ? -1.381  3.611   -14.279 1.00 3.16  ? 146 ARG A CZ   1 
ATOM 926  N NH1  . ARG A 1 58  ? -1.745  2.858   -15.280 1.00 3.64  ? 146 ARG A NH1  1 
ATOM 927  N NH2  . ARG A 1 58  ? -1.756  4.861   -14.232 1.00 4.04  ? 146 ARG A NH2  1 
ATOM 928  H H    . ARG A 1 58  ? 0.083   0.591   -9.658  1.00 0.48  ? 146 ARG A H    1 
ATOM 929  H HA   . ARG A 1 58  ? 2.432   -0.616  -10.640 1.00 0.61  ? 146 ARG A HA   1 
ATOM 930  H HB2  . ARG A 1 58  ? 1.523   -0.035  -12.670 1.00 1.20  ? 146 ARG A HB2  1 
ATOM 931  H HB3  . ARG A 1 58  ? 0.130   0.372   -11.668 1.00 1.12  ? 146 ARG A HB3  1 
ATOM 932  H HG2  . ARG A 1 58  ? 0.818   2.691   -11.580 1.00 2.12  ? 146 ARG A HG2  1 
ATOM 933  H HG3  . ARG A 1 58  ? 2.297   2.332   -12.471 1.00 2.08  ? 146 ARG A HG3  1 
ATOM 934  H HD2  . ARG A 1 58  ? 1.145   2.697   -14.392 1.00 2.15  ? 146 ARG A HD2  1 
ATOM 935  H HD3  . ARG A 1 58  ? 0.151   1.278   -14.008 1.00 2.41  ? 146 ARG A HD3  1 
ATOM 936  H HE   . ARG A 1 58  ? -0.848  3.325   -12.388 1.00 3.08  ? 146 ARG A HE   1 
ATOM 937  H HH11 . ARG A 1 58  ? -1.457  1.900   -15.317 1.00 3.71  ? 146 ARG A HH11 1 
ATOM 938  H HH12 . ARG A 1 58  ? -2.311  3.237   -16.012 1.00 4.22  ? 146 ARG A HH12 1 
ATOM 939  H HH21 . ARG A 1 58  ? -1.476  5.437   -13.463 1.00 4.16  ? 146 ARG A HH21 1 
ATOM 940  H HH22 . ARG A 1 58  ? -2.322  5.240   -14.962 1.00 4.28  ? 146 ARG A HH22 1 
ATOM 941  N N    . ILE A 1 59  ? 2.801   2.564   -9.886  1.00 0.47  ? 147 ILE A N    1 
ATOM 942  C CA   . ILE A 1 59  ? 3.839   3.600   -9.637  1.00 0.51  ? 147 ILE A CA   1 
ATOM 943  C C    . ILE A 1 59  ? 4.330   3.483   -8.186  1.00 0.48  ? 147 ILE A C    1 
ATOM 944  O O    . ILE A 1 59  ? 5.511   3.376   -7.927  1.00 0.52  ? 147 ILE A O    1 
ATOM 945  C CB   . ILE A 1 59  ? 3.138   4.934   -9.850  1.00 0.57  ? 147 ILE A CB   1 
ATOM 946  C CG1  . ILE A 1 59  ? 2.487   4.956   -11.229 1.00 0.71  ? 147 ILE A CG1  1 
ATOM 947  C CG2  . ILE A 1 59  ? 4.163   6.055   -9.758  1.00 0.69  ? 147 ILE A CG2  1 
ATOM 948  C CD1  . ILE A 1 59  ? 0.976   4.861   -11.058 1.00 1.23  ? 147 ILE A CD1  1 
ATOM 949  H H    . ILE A 1 59  ? 1.881   2.737   -9.614  1.00 0.47  ? 147 ILE A H    1 
ATOM 950  H HA   . ILE A 1 59  ? 4.649   3.494   -10.331 1.00 0.56  ? 147 ILE A HA   1 
ATOM 951  H HB   . ILE A 1 59  ? 2.385   5.073   -9.088  1.00 0.63  ? 147 ILE A HB   1 
ATOM 952  H HG12 . ILE A 1 59  ? 2.738   5.876   -11.735 1.00 1.37  ? 147 ILE A HG12 1 
ATOM 953  H HG13 . ILE A 1 59  ? 2.837   4.114   -11.808 1.00 1.36  ? 147 ILE A HG13 1 
ATOM 954  H HG21 . ILE A 1 59  ? 5.129   5.634   -9.525  1.00 1.22  ? 147 ILE A HG21 1 
ATOM 955  H HG22 . ILE A 1 59  ? 4.214   6.572   -10.703 1.00 1.22  ? 147 ILE A HG22 1 
ATOM 956  H HG23 . ILE A 1 59  ? 3.872   6.744   -8.982  1.00 1.29  ? 147 ILE A HG23 1 
ATOM 957  H HD11 . ILE A 1 59  ? 0.752   4.083   -10.344 1.00 1.76  ? 147 ILE A HD11 1 
ATOM 958  H HD12 . ILE A 1 59  ? 0.594   5.801   -10.699 1.00 1.77  ? 147 ILE A HD12 1 
ATOM 959  H HD13 . ILE A 1 59  ? 0.522   4.622   -12.007 1.00 1.87  ? 147 ILE A HD13 1 
ATOM 960  N N    . TRP A 1 60  ? 3.409   3.498   -7.244  1.00 0.46  ? 148 TRP A N    1 
ATOM 961  C CA   . TRP A 1 60  ? 3.753   3.379   -5.797  1.00 0.48  ? 148 TRP A CA   1 
ATOM 962  C C    . TRP A 1 60  ? 5.066   2.604   -5.609  1.00 0.46  ? 148 TRP A C    1 
ATOM 963  O O    . TRP A 1 60  ? 6.014   3.089   -5.024  1.00 0.50  ? 148 TRP A O    1 
ATOM 964  C CB   . TRP A 1 60  ? 2.579   2.592   -5.202  1.00 0.52  ? 148 TRP A CB   1 
ATOM 965  C CG   . TRP A 1 60  ? 3.061   1.594   -4.187  1.00 0.54  ? 148 TRP A CG   1 
ATOM 966  C CD1  . TRP A 1 60  ? 3.543   1.898   -2.962  1.00 0.63  ? 148 TRP A CD1  1 
ATOM 967  C CD2  . TRP A 1 60  ? 3.102   0.140   -4.291  1.00 0.54  ? 148 TRP A CD2  1 
ATOM 968  N NE1  . TRP A 1 60  ? 3.868   0.726   -2.303  1.00 0.65  ? 148 TRP A NE1  1 
ATOM 969  C CE2  . TRP A 1 60  ? 3.613   -0.385  -3.082  1.00 0.60  ? 148 TRP A CE2  1 
ATOM 970  C CE3  . TRP A 1 60  ? 2.746   -0.764  -5.304  1.00 0.55  ? 148 TRP A CE3  1 
ATOM 971  C CZ2  . TRP A 1 60  ? 3.760   -1.759  -2.889  1.00 0.64  ? 148 TRP A CZ2  1 
ATOM 972  C CZ3  . TRP A 1 60  ? 2.890   -2.141  -5.116  1.00 0.61  ? 148 TRP A CZ3  1 
ATOM 973  C CH2  . TRP A 1 60  ? 3.393   -2.639  -3.914  1.00 0.65  ? 148 TRP A CH2  1 
ATOM 974  H H    . TRP A 1 60  ? 2.470   3.585   -7.494  1.00 0.46  ? 148 TRP A H    1 
ATOM 975  H HA   . TRP A 1 60  ? 3.796   4.355   -5.343  1.00 0.53  ? 148 TRP A HA   1 
ATOM 976  H HB2  . TRP A 1 60  ? 1.897   3.280   -4.724  1.00 0.58  ? 148 TRP A HB2  1 
ATOM 977  H HB3  . TRP A 1 60  ? 2.062   2.074   -5.995  1.00 0.50  ? 148 TRP A HB3  1 
ATOM 978  H HD1  . TRP A 1 60  ? 3.652   2.894   -2.561  1.00 0.69  ? 148 TRP A HD1  1 
ATOM 979  H HE1  . TRP A 1 60  ? 4.235   0.669   -1.395  1.00 0.73  ? 148 TRP A HE1  1 
ATOM 980  H HE3  . TRP A 1 60  ? 2.364   -0.397  -6.235  1.00 0.54  ? 148 TRP A HE3  1 
ATOM 981  H HZ2  . TRP A 1 60  ? 4.153   -2.140  -1.956  1.00 0.70  ? 148 TRP A HZ2  1 
ATOM 982  H HZ3  . TRP A 1 60  ? 2.609   -2.824  -5.905  1.00 0.67  ? 148 TRP A HZ3  1 
ATOM 983  H HH2  . TRP A 1 60  ? 3.493   -3.698  -3.781  1.00 0.71  ? 148 TRP A HH2  1 
ATOM 984  N N    . LYS A 1 61  ? 5.106   1.392   -6.098  1.00 0.45  ? 149 LYS A N    1 
ATOM 985  C CA   . LYS A 1 61  ? 6.328   0.554   -5.955  1.00 0.46  ? 149 LYS A CA   1 
ATOM 986  C C    . LYS A 1 61  ? 7.358   0.905   -7.035  1.00 0.45  ? 149 LYS A C    1 
ATOM 987  O O    . LYS A 1 61  ? 8.549   0.765   -6.840  1.00 0.48  ? 149 LYS A O    1 
ATOM 988  C CB   . LYS A 1 61  ? 5.825   -0.883  -6.126  1.00 0.58  ? 149 LYS A CB   1 
ATOM 989  C CG   . LYS A 1 61  ? 7.008   -1.853  -6.210  1.00 1.11  ? 149 LYS A CG   1 
ATOM 990  C CD   . LYS A 1 61  ? 6.552   -3.157  -6.873  1.00 1.25  ? 149 LYS A CD   1 
ATOM 991  C CE   . LYS A 1 61  ? 7.029   -4.351  -6.041  1.00 1.72  ? 149 LYS A CE   1 
ATOM 992  N NZ   . LYS A 1 61  ? 6.210   -4.314  -4.796  1.00 2.15  ? 149 LYS A NZ   1 
ATOM 993  H H    . LYS A 1 61  ? 4.324   1.028   -6.553  1.00 0.46  ? 149 LYS A H    1 
ATOM 994  H HA   . LYS A 1 61  ? 6.749   0.679   -4.976  1.00 0.48  ? 149 LYS A HA   1 
ATOM 995  H HB2  . LYS A 1 61  ? 5.205   -1.146  -5.280  1.00 0.93  ? 149 LYS A HB2  1 
ATOM 996  H HB3  . LYS A 1 61  ? 5.240   -0.952  -7.031  1.00 0.72  ? 149 LYS A HB3  1 
ATOM 997  H HG2  . LYS A 1 61  ? 7.799   -1.408  -6.797  1.00 1.53  ? 149 LYS A HG2  1 
ATOM 998  H HG3  . LYS A 1 61  ? 7.371   -2.065  -5.217  1.00 1.66  ? 149 LYS A HG3  1 
ATOM 999  H HD2  . LYS A 1 61  ? 5.473   -3.170  -6.936  1.00 1.80  ? 149 LYS A HD2  1 
ATOM 1000 H HD3  . LYS A 1 61  ? 6.972   -3.221  -7.865  1.00 1.60  ? 149 LYS A HD3  1 
ATOM 1001 H HE2  . LYS A 1 61  ? 6.858   -5.273  -6.579  1.00 2.20  ? 149 LYS A HE2  1 
ATOM 1002 H HE3  . LYS A 1 61  ? 8.075   -4.245  -5.798  1.00 2.31  ? 149 LYS A HE3  1 
ATOM 1003 H HZ1  . LYS A 1 61  ? 5.322   -3.802  -4.976  1.00 2.60  ? 149 LYS A HZ1  1 
ATOM 1004 H HZ2  . LYS A 1 61  ? 5.991   -5.284  -4.496  1.00 2.41  ? 149 LYS A HZ2  1 
ATOM 1005 H HZ3  . LYS A 1 61  ? 6.744   -3.830  -4.045  1.00 2.58  ? 149 LYS A HZ3  1 
ATOM 1006 N N    . ASN A 1 62  ? 6.909   1.356   -8.171  1.00 0.54  ? 150 ASN A N    1 
ATOM 1007 C CA   . ASN A 1 62  ? 7.859   1.712   -9.265  1.00 0.65  ? 150 ASN A CA   1 
ATOM 1008 C C    . ASN A 1 62  ? 8.936   2.671   -8.752  1.00 0.67  ? 150 ASN A C    1 
ATOM 1009 O O    . ASN A 1 62  ? 10.005  2.775   -9.318  1.00 0.80  ? 150 ASN A O    1 
ATOM 1010 C CB   . ASN A 1 62  ? 6.998   2.402   -10.322 1.00 0.76  ? 150 ASN A CB   1 
ATOM 1011 C CG   . ASN A 1 62  ? 7.361   1.876   -11.712 1.00 0.93  ? 150 ASN A CG   1 
ATOM 1012 O OD1  . ASN A 1 62  ? 6.533   1.858   -12.602 1.00 1.45  ? 150 ASN A OD1  1 
ATOM 1013 N ND2  . ASN A 1 62  ? 8.572   1.448   -11.942 1.00 1.55  ? 150 ASN A ND2  1 
ATOM 1014 H H    . ASN A 1 62  ? 5.944   1.460   -8.308  1.00 0.60  ? 150 ASN A H    1 
ATOM 1015 H HA   . ASN A 1 62  ? 8.307   0.824   -9.679  1.00 0.72  ? 150 ASN A HA   1 
ATOM 1016 H HB2  . ASN A 1 62  ? 5.958   2.199   -10.121 1.00 0.92  ? 150 ASN A HB2  1 
ATOM 1017 H HB3  . ASN A 1 62  ? 7.169   3.468   -10.286 1.00 0.89  ? 150 ASN A HB3  1 
ATOM 1018 H HD21 . ASN A 1 62  ? 9.243   1.465   -11.228 1.00 2.16  ? 150 ASN A HD21 1 
ATOM 1019 H HD22 . ASN A 1 62  ? 8.811   1.110   -12.831 1.00 1.75  ? 150 ASN A HD22 1 
ATOM 1020 N N    . THR A 1 63  ? 8.659   3.383   -7.694  1.00 0.65  ? 151 THR A N    1 
ATOM 1021 C CA   . THR A 1 63  ? 9.656   4.340   -7.157  1.00 0.80  ? 151 THR A CA   1 
ATOM 1022 C C    . THR A 1 63  ? 10.421  3.720   -5.979  1.00 0.69  ? 151 THR A C    1 
ATOM 1023 O O    . THR A 1 63  ? 11.636  3.688   -5.966  1.00 0.77  ? 151 THR A O    1 
ATOM 1024 C CB   . THR A 1 63  ? 8.822   5.543   -6.705  1.00 0.95  ? 151 THR A CB   1 
ATOM 1025 O OG1  . THR A 1 63  ? 8.673   6.447   -7.790  1.00 1.29  ? 151 THR A OG1  1 
ATOM 1026 C CG2  . THR A 1 63  ? 9.512   6.255   -5.542  1.00 1.21  ? 151 THR A CG2  1 
ATOM 1027 H H    . THR A 1 63  ? 7.795   3.296   -7.258  1.00 0.62  ? 151 THR A H    1 
ATOM 1028 H HA   . THR A 1 63  ? 10.334  4.636   -7.933  1.00 0.96  ? 151 THR A HA   1 
ATOM 1029 H HB   . THR A 1 63  ? 7.848   5.204   -6.384  1.00 0.96  ? 151 THR A HB   1 
ATOM 1030 H HG1  . THR A 1 63  ? 9.515   6.885   -7.930  1.00 1.63  ? 151 THR A HG1  1 
ATOM 1031 H HG21 . THR A 1 63  ? 10.503  6.561   -5.843  1.00 1.57  ? 151 THR A HG21 1 
ATOM 1032 H HG22 . THR A 1 63  ? 8.937   7.123   -5.258  1.00 1.63  ? 151 THR A HG22 1 
ATOM 1033 H HG23 . THR A 1 63  ? 9.583   5.580   -4.702  1.00 1.71  ? 151 THR A HG23 1 
ATOM 1034 N N    . GLU A 1 64  ? 9.720   3.241   -4.987  1.00 0.60  ? 152 GLU A N    1 
ATOM 1035 C CA   . GLU A 1 64  ? 10.406  2.639   -3.810  1.00 0.59  ? 152 GLU A CA   1 
ATOM 1036 C C    . GLU A 1 64  ? 10.615  1.139   -4.011  1.00 0.51  ? 152 GLU A C    1 
ATOM 1037 O O    . GLU A 1 64  ? 10.675  0.383   -3.067  1.00 0.53  ? 152 GLU A O    1 
ATOM 1038 C CB   . GLU A 1 64  ? 9.471   2.887   -2.636  1.00 0.68  ? 152 GLU A CB   1 
ATOM 1039 C CG   . GLU A 1 64  ? 9.966   4.093   -1.833  1.00 0.94  ? 152 GLU A CG   1 
ATOM 1040 C CD   . GLU A 1 64  ? 9.425   4.019   -0.403  1.00 1.29  ? 152 GLU A CD   1 
ATOM 1041 O OE1  . GLU A 1 64  ? 8.873   2.990   -0.053  1.00 1.77  ? 152 GLU A OE1  1 
ATOM 1042 O OE2  . GLU A 1 64  ? 9.573   4.993   0.317   1.00 1.85  ? 152 GLU A OE2  1 
ATOM 1043 H H    . GLU A 1 64  ? 8.746   3.283   -5.011  1.00 0.60  ? 152 GLU A H    1 
ATOM 1044 H HA   . GLU A 1 64  ? 11.344  3.131   -3.640  1.00 0.68  ? 152 GLU A HA   1 
ATOM 1045 H HB2  . GLU A 1 64  ? 8.476   3.080   -3.010  1.00 0.72  ? 152 GLU A HB2  1 
ATOM 1046 H HB3  . GLU A 1 64  ? 9.456   2.012   -2.003  1.00 0.69  ? 152 GLU A HB3  1 
ATOM 1047 H HG2  . GLU A 1 64  ? 11.047  4.090   -1.810  1.00 1.46  ? 152 GLU A HG2  1 
ATOM 1048 H HG3  . GLU A 1 64  ? 9.620   5.004   -2.299  1.00 1.31  ? 152 GLU A HG3  1 
ATOM 1049 N N    . LYS A 1 65  ? 10.709  0.714   -5.236  1.00 0.50  ? 153 LYS A N    1 
ATOM 1050 C CA   . LYS A 1 65  ? 10.900  -0.745  -5.545  1.00 0.55  ? 153 LYS A CA   1 
ATOM 1051 C C    . LYS A 1 65  ? 11.613  -1.480  -4.402  1.00 0.60  ? 153 LYS A C    1 
ATOM 1052 O O    . LYS A 1 65  ? 11.044  -2.344  -3.764  1.00 0.72  ? 153 LYS A O    1 
ATOM 1053 C CB   . LYS A 1 65  ? 11.761  -0.793  -6.819  1.00 0.69  ? 153 LYS A CB   1 
ATOM 1054 C CG   . LYS A 1 65  ? 12.533  0.522   -6.997  1.00 0.88  ? 153 LYS A CG   1 
ATOM 1055 C CD   . LYS A 1 65  ? 13.754  0.286   -7.887  1.00 1.25  ? 153 LYS A CD   1 
ATOM 1056 C CE   . LYS A 1 65  ? 13.420  0.679   -9.328  1.00 1.69  ? 153 LYS A CE   1 
ATOM 1057 N NZ   . LYS A 1 65  ? 14.639  1.370   -9.834  1.00 2.31  ? 153 LYS A NZ   1 
ATOM 1058 H H    . LYS A 1 65  ? 10.632  1.358   -5.963  1.00 0.55  ? 153 LYS A H    1 
ATOM 1059 H HA   . LYS A 1 65  ? 9.950   -1.207  -5.738  1.00 0.58  ? 153 LYS A HA   1 
ATOM 1060 H HB2  . LYS A 1 65  ? 12.464  -1.610  -6.742  1.00 1.05  ? 153 LYS A HB2  1 
ATOM 1061 H HB3  . LYS A 1 65  ? 11.124  -0.950  -7.676  1.00 1.04  ? 153 LYS A HB3  1 
ATOM 1062 H HG2  . LYS A 1 65  ? 11.887  1.256   -7.458  1.00 1.25  ? 153 LYS A HG2  1 
ATOM 1063 H HG3  . LYS A 1 65  ? 12.857  0.882   -6.033  1.00 1.21  ? 153 LYS A HG3  1 
ATOM 1064 H HD2  . LYS A 1 65  ? 14.580  0.886   -7.532  1.00 1.74  ? 153 LYS A HD2  1 
ATOM 1065 H HD3  . LYS A 1 65  ? 14.027  -0.758  -7.856  1.00 1.74  ? 153 LYS A HD3  1 
ATOM 1066 H HE2  . LYS A 1 65  ? 13.211  -0.201  -9.919  1.00 2.13  ? 153 LYS A HE2  1 
ATOM 1067 H HE3  . LYS A 1 65  ? 12.578  1.355   -9.348  1.00 2.13  ? 153 LYS A HE3  1 
ATOM 1068 H HZ1  . LYS A 1 65  ? 15.473  0.776   -9.649  1.00 2.67  ? 153 LYS A HZ1  1 
ATOM 1069 H HZ2  . LYS A 1 65  ? 14.547  1.531   -10.857 1.00 2.66  ? 153 LYS A HZ2  1 
ATOM 1070 H HZ3  . LYS A 1 65  ? 14.748  2.283   -9.350  1.00 2.80  ? 153 LYS A HZ3  1 
ATOM 1071 N N    . GLU A 1 66  ? 12.843  -1.152  -4.132  1.00 0.64  ? 154 GLU A N    1 
ATOM 1072 C CA   . GLU A 1 66  ? 13.565  -1.844  -3.027  1.00 0.77  ? 154 GLU A CA   1 
ATOM 1073 C C    . GLU A 1 66  ? 12.893  -1.514  -1.691  1.00 0.72  ? 154 GLU A C    1 
ATOM 1074 O O    . GLU A 1 66  ? 12.719  -2.365  -0.842  1.00 0.82  ? 154 GLU A O    1 
ATOM 1075 C CB   . GLU A 1 66  ? 15.002  -1.309  -3.096  1.00 0.91  ? 154 GLU A CB   1 
ATOM 1076 C CG   . GLU A 1 66  ? 15.522  -1.005  -1.691  1.00 1.61  ? 154 GLU A CG   1 
ATOM 1077 C CD   . GLU A 1 66  ? 16.967  -0.510  -1.776  1.00 2.19  ? 154 GLU A CD   1 
ATOM 1078 O OE1  . GLU A 1 66  ? 17.198  0.467   -2.468  1.00 2.38  ? 154 GLU A OE1  1 
ATOM 1079 O OE2  . GLU A 1 66  ? 17.818  -1.119  -1.147  1.00 3.04  ? 154 GLU A OE2  1 
ATOM 1080 H H    . GLU A 1 66  ? 13.288  -0.453  -4.650  1.00 0.69  ? 154 GLU A H    1 
ATOM 1081 H HA   . GLU A 1 66  ? 13.557  -2.907  -3.189  1.00 0.90  ? 154 GLU A HA   1 
ATOM 1082 H HB2  . GLU A 1 66  ? 15.637  -2.051  -3.560  1.00 1.51  ? 154 GLU A HB2  1 
ATOM 1083 H HB3  . GLU A 1 66  ? 15.019  -0.405  -3.688  1.00 1.34  ? 154 GLU A HB3  1 
ATOM 1084 H HG2  . GLU A 1 66  ? 14.904  -0.242  -1.241  1.00 2.16  ? 154 GLU A HG2  1 
ATOM 1085 H HG3  . GLU A 1 66  ? 15.483  -1.901  -1.092  1.00 2.14  ? 154 GLU A HG3  1 
ATOM 1086 N N    . ASN A 1 67  ? 12.500  -0.285  -1.510  1.00 0.68  ? 155 ASN A N    1 
ATOM 1087 C CA   . ASN A 1 67  ? 11.822  0.109   -0.249  1.00 0.75  ? 155 ASN A CA   1 
ATOM 1088 C C    . ASN A 1 67  ? 10.316  -0.159  -0.367  1.00 0.67  ? 155 ASN A C    1 
ATOM 1089 O O    . ASN A 1 67  ? 9.516   0.403   0.354   1.00 0.75  ? 155 ASN A O    1 
ATOM 1090 C CB   . ASN A 1 67  ? 12.095  1.607   -0.107  1.00 0.86  ? 155 ASN A CB   1 
ATOM 1091 C CG   . ASN A 1 67  ? 11.983  2.016   1.364   1.00 1.21  ? 155 ASN A CG   1 
ATOM 1092 O OD1  . ASN A 1 67  ? 12.147  1.200   2.248   1.00 1.75  ? 155 ASN A OD1  1 
ATOM 1093 N ND2  . ASN A 1 67  ? 11.707  3.256   1.663   1.00 1.95  ? 155 ASN A ND2  1 
ATOM 1094 H H    . ASN A 1 67  ? 12.640  0.376   -2.211  1.00 0.70  ? 155 ASN A H    1 
ATOM 1095 H HA   . ASN A 1 67  ? 12.241  -0.426  0.582   1.00 0.86  ? 155 ASN A HA   1 
ATOM 1096 H HB2  . ASN A 1 67  ? 13.090  1.826   -0.467  1.00 1.29  ? 155 ASN A HB2  1 
ATOM 1097 H HB3  . ASN A 1 67  ? 11.372  2.160   -0.688  1.00 1.13  ? 155 ASN A HB3  1 
ATOM 1098 H HD21 . ASN A 1 67  ? 11.574  3.915   0.949   1.00 2.44  ? 155 ASN A HD21 1 
ATOM 1099 H HD22 . ASN A 1 67  ? 11.633  3.530   2.601   1.00 2.38  ? 155 ASN A HD22 1 
ATOM 1100 N N    . ALA A 1 68  ? 9.927   -1.001  -1.287  1.00 0.61  ? 156 ALA A N    1 
ATOM 1101 C CA   . ALA A 1 68  ? 8.477   -1.300  -1.477  1.00 0.62  ? 156 ALA A CA   1 
ATOM 1102 C C    . ALA A 1 68  ? 8.134   -2.675  -0.908  1.00 0.67  ? 156 ALA A C    1 
ATOM 1103 O O    . ALA A 1 68  ? 7.386   -3.437  -1.486  1.00 1.06  ? 156 ALA A O    1 
ATOM 1104 C CB   . ALA A 1 68  ? 8.287   -1.297  -2.983  1.00 0.67  ? 156 ALA A CB   1 
ATOM 1105 H H    . ALA A 1 68  ? 10.590  -1.432  -1.866  1.00 0.64  ? 156 ALA A H    1 
ATOM 1106 H HA   . ALA A 1 68  ? 7.868   -0.537  -1.022  1.00 0.64  ? 156 ALA A HA   1 
ATOM 1107 H HB1  . ALA A 1 68  ? 8.656   -0.367  -3.392  1.00 1.36  ? 156 ALA A HB1  1 
ATOM 1108 H HB2  . ALA A 1 68  ? 8.840   -2.121  -3.406  1.00 1.17  ? 156 ALA A HB2  1 
ATOM 1109 H HB3  . ALA A 1 68  ? 7.240   -1.407  -3.213  1.00 1.13  ? 156 ALA A HB3  1 
ATOM 1110 N N    . THR A 1 69  ? 8.688   -2.990  0.217   1.00 0.59  ? 157 THR A N    1 
ATOM 1111 C CA   . THR A 1 69  ? 8.424   -4.317  0.849   1.00 0.65  ? 157 THR A CA   1 
ATOM 1112 C C    . THR A 1 69  ? 7.193   -4.257  1.759   1.00 0.59  ? 157 THR A C    1 
ATOM 1113 O O    . THR A 1 69  ? 6.619   -3.210  1.981   1.00 0.54  ? 157 THR A O    1 
ATOM 1114 C CB   . THR A 1 69  ? 9.672   -4.604  1.680   1.00 0.74  ? 157 THR A CB   1 
ATOM 1115 O OG1  . THR A 1 69  ? 10.169  -3.385  2.217   1.00 0.75  ? 157 THR A OG1  1 
ATOM 1116 C CG2  . THR A 1 69  ? 10.739  -5.243  0.793   1.00 0.85  ? 157 THR A CG2  1 
ATOM 1117 H H    . THR A 1 69  ? 9.291   -2.354  0.641   1.00 0.79  ? 157 THR A H    1 
ATOM 1118 H HA   . THR A 1 69  ? 8.302   -5.079  0.096   1.00 0.72  ? 157 THR A HA   1 
ATOM 1119 H HB   . THR A 1 69  ? 9.423   -5.279  2.486   1.00 0.79  ? 157 THR A HB   1 
ATOM 1120 H HG1  . THR A 1 69  ? 10.084  -3.424  3.172   1.00 0.97  ? 157 THR A HG1  1 
ATOM 1121 H HG21 . THR A 1 69  ? 10.494  -5.067  -0.245  1.00 1.34  ? 157 THR A HG21 1 
ATOM 1122 H HG22 . THR A 1 69  ? 11.700  -4.805  1.014   1.00 1.32  ? 157 THR A HG22 1 
ATOM 1123 H HG23 . THR A 1 69  ? 10.773  -6.305  0.979   1.00 1.39  ? 157 THR A HG23 1 
ATOM 1124 N N    . VAL A 1 70  ? 6.788   -5.377  2.293   1.00 0.61  ? 158 VAL A N    1 
ATOM 1125 C CA   . VAL A 1 70  ? 5.603   -5.388  3.197   1.00 0.57  ? 158 VAL A CA   1 
ATOM 1126 C C    . VAL A 1 70  ? 5.792   -4.365  4.316   1.00 0.48  ? 158 VAL A C    1 
ATOM 1127 O O    . VAL A 1 70  ? 4.915   -3.573  4.612   1.00 0.43  ? 158 VAL A O    1 
ATOM 1128 C CB   . VAL A 1 70  ? 5.555   -6.804  3.777   1.00 0.68  ? 158 VAL A CB   1 
ATOM 1129 C CG1  . VAL A 1 70  ? 4.495   -6.871  4.880   1.00 0.67  ? 158 VAL A CG1  1 
ATOM 1130 C CG2  . VAL A 1 70  ? 5.197   -7.799  2.671   1.00 0.82  ? 158 VAL A CG2  1 
ATOM 1131 H H    . VAL A 1 70  ? 7.268   -6.210  2.105   1.00 0.67  ? 158 VAL A H    1 
ATOM 1132 H HA   . VAL A 1 70  ? 4.704   -5.182  2.644   1.00 0.59  ? 158 VAL A HA   1 
ATOM 1133 H HB   . VAL A 1 70  ? 6.521   -7.054  4.191   1.00 0.72  ? 158 VAL A HB   1 
ATOM 1134 H HG11 . VAL A 1 70  ? 4.605   -6.023  5.541   1.00 1.16  ? 158 VAL A HG11 1 
ATOM 1135 H HG12 . VAL A 1 70  ? 3.511   -6.854  4.435   1.00 1.28  ? 158 VAL A HG12 1 
ATOM 1136 H HG13 . VAL A 1 70  ? 4.620   -7.784  5.444   1.00 1.23  ? 158 VAL A HG13 1 
ATOM 1137 H HG21 . VAL A 1 70  ? 5.607   -7.456  1.732   1.00 1.46  ? 158 VAL A HG21 1 
ATOM 1138 H HG22 . VAL A 1 70  ? 5.610   -8.768  2.912   1.00 1.11  ? 158 VAL A HG22 1 
ATOM 1139 H HG23 . VAL A 1 70  ? 4.124   -7.876  2.589   1.00 1.36  ? 158 VAL A HG23 1 
ATOM 1140 N N    . ALA A 1 71  ? 6.931   -4.382  4.945   1.00 0.52  ? 159 ALA A N    1 
ATOM 1141 C CA   . ALA A 1 71  ? 7.177   -3.419  6.050   1.00 0.53  ? 159 ALA A CA   1 
ATOM 1142 C C    . ALA A 1 71  ? 6.983   -1.999  5.546   1.00 0.48  ? 159 ALA A C    1 
ATOM 1143 O O    . ALA A 1 71  ? 6.485   -1.146  6.249   1.00 0.52  ? 159 ALA A O    1 
ATOM 1144 C CB   . ALA A 1 71  ? 8.624   -3.655  6.485   1.00 0.67  ? 159 ALA A CB   1 
ATOM 1145 H H    . ALA A 1 71  ? 7.620   -5.031  4.690   1.00 0.60  ? 159 ALA A H    1 
ATOM 1146 H HA   . ALA A 1 71  ? 6.503   -3.615  6.867   1.00 0.54  ? 159 ALA A HA   1 
ATOM 1147 H HB1  . ALA A 1 71  ? 8.644   -4.351  7.310   1.00 1.28  ? 159 ALA A HB1  1 
ATOM 1148 H HB2  . ALA A 1 71  ? 9.063   -2.717  6.795   1.00 1.21  ? 159 ALA A HB2  1 
ATOM 1149 H HB3  . ALA A 1 71  ? 9.188   -4.060  5.658   1.00 1.19  ? 159 ALA A HB3  1 
ATOM 1150 N N    . HIS A 1 72  ? 7.348   -1.736  4.326   1.00 0.48  ? 160 HIS A N    1 
ATOM 1151 C CA   . HIS A 1 72  ? 7.145   -0.369  3.794   1.00 0.53  ? 160 HIS A CA   1 
ATOM 1152 C C    . HIS A 1 72  ? 5.646   -0.057  3.857   1.00 0.48  ? 160 HIS A C    1 
ATOM 1153 O O    . HIS A 1 72  ? 5.239   0.999   4.296   1.00 0.58  ? 160 HIS A O    1 
ATOM 1154 C CB   . HIS A 1 72  ? 7.665   -0.416  2.352   1.00 0.64  ? 160 HIS A CB   1 
ATOM 1155 C CG   . HIS A 1 72  ? 6.869   0.522   1.494   1.00 1.10  ? 160 HIS A CG   1 
ATOM 1156 N ND1  . HIS A 1 72  ? 7.170   1.869   1.381   1.00 2.13  ? 160 HIS A ND1  1 
ATOM 1157 C CD2  . HIS A 1 72  ? 5.772   0.312   0.707   1.00 1.11  ? 160 HIS A CD2  1 
ATOM 1158 C CE1  . HIS A 1 72  ? 6.266   2.415   0.548   1.00 2.52  ? 160 HIS A CE1  1 
ATOM 1159 N NE2  . HIS A 1 72  ? 5.389   1.508   0.106   1.00 1.90  ? 160 HIS A NE2  1 
ATOM 1160 H H    . HIS A 1 72  ? 7.733   -2.436  3.763   1.00 0.52  ? 160 HIS A H    1 
ATOM 1161 H HA   . HIS A 1 72  ? 7.707   0.345   4.372   1.00 0.62  ? 160 HIS A HA   1 
ATOM 1162 H HB2  . HIS A 1 72  ? 8.703   -0.123  2.334   1.00 0.84  ? 160 HIS A HB2  1 
ATOM 1163 H HB3  . HIS A 1 72  ? 7.570   -1.419  1.966   1.00 0.83  ? 160 HIS A HB3  1 
ATOM 1164 H HD1  . HIS A 1 72  ? 7.906   2.339   1.828   1.00 2.58  ? 160 HIS A HD1  1 
ATOM 1165 H HD2  . HIS A 1 72  ? 5.273   -0.640  0.584   1.00 1.09  ? 160 HIS A HD2  1 
ATOM 1166 H HE1  . HIS A 1 72  ? 6.252   3.460   0.269   1.00 3.34  ? 160 HIS A HE1  1 
ATOM 1167 N N    . LEU A 1 73  ? 4.820   -0.983  3.437   1.00 0.43  ? 161 LEU A N    1 
ATOM 1168 C CA   . LEU A 1 73  ? 3.356   -0.765  3.489   1.00 0.45  ? 161 LEU A CA   1 
ATOM 1169 C C    . LEU A 1 73  ? 2.906   -0.372  4.898   1.00 0.41  ? 161 LEU A C    1 
ATOM 1170 O O    . LEU A 1 73  ? 2.476   0.741   5.116   1.00 0.48  ? 161 LEU A O    1 
ATOM 1171 C CB   . LEU A 1 73  ? 2.795   -2.116  3.085   1.00 0.54  ? 161 LEU A CB   1 
ATOM 1172 C CG   . LEU A 1 73  ? 2.207   -2.056  1.680   1.00 0.79  ? 161 LEU A CG   1 
ATOM 1173 C CD1  . LEU A 1 73  ? 0.766   -1.558  1.750   1.00 1.39  ? 161 LEU A CD1  1 
ATOM 1174 C CD2  . LEU A 1 73  ? 3.010   -1.117  0.785   1.00 1.62  ? 161 LEU A CD2  1 
ATOM 1175 H H    . LEU A 1 73  ? 5.160   -1.838  3.089   1.00 0.45  ? 161 LEU A H    1 
ATOM 1176 H HA   . LEU A 1 73  ? 3.060   -0.018  2.783   1.00 0.56  ? 161 LEU A HA   1 
ATOM 1177 H HB2  . LEU A 1 73  ? 3.595   -2.841  3.093   1.00 0.85  ? 161 LEU A HB2  1 
ATOM 1178 H HB3  . LEU A 1 73  ? 2.029   -2.414  3.784   1.00 0.95  ? 161 LEU A HB3  1 
ATOM 1179 H HG   . LEU A 1 73  ? 2.239   -3.044  1.266   1.00 1.68  ? 161 LEU A HG   1 
ATOM 1180 H HD11 . LEU A 1 73  ? 0.192   -2.199  2.400   1.00 1.83  ? 161 LEU A HD11 1 
ATOM 1181 H HD12 . LEU A 1 73  ? 0.756   -0.546  2.136   1.00 2.02  ? 161 LEU A HD12 1 
ATOM 1182 H HD13 . LEU A 1 73  ? 0.336   -1.569  0.760   1.00 1.97  ? 161 LEU A HD13 1 
ATOM 1183 H HD21 . LEU A 1 73  ? 3.953   -0.905  1.254   1.00 2.19  ? 161 LEU A HD21 1 
ATOM 1184 H HD22 . LEU A 1 73  ? 3.179   -1.591  -0.173  1.00 2.15  ? 161 LEU A HD22 1 
ATOM 1185 H HD23 . LEU A 1 73  ? 2.462   -0.198  0.641   1.00 2.17  ? 161 LEU A HD23 1 
ATOM 1186 N N    . VAL A 1 74  ? 2.997   -1.247  5.869   1.00 0.36  ? 162 VAL A N    1 
ATOM 1187 C CA   . VAL A 1 74  ? 2.556   -0.826  7.236   1.00 0.41  ? 162 VAL A CA   1 
ATOM 1188 C C    . VAL A 1 74  ? 3.427   0.335   7.692   1.00 0.44  ? 162 VAL A C    1 
ATOM 1189 O O    . VAL A 1 74  ? 2.943   1.347   8.158   1.00 0.51  ? 162 VAL A O    1 
ATOM 1190 C CB   . VAL A 1 74  ? 2.748   -2.022  8.162   1.00 0.41  ? 162 VAL A CB   1 
ATOM 1191 C CG1  . VAL A 1 74  ? 2.070   -1.714  9.498   1.00 0.48  ? 162 VAL A CG1  1 
ATOM 1192 C CG2  . VAL A 1 74  ? 2.097   -3.260  7.562   1.00 0.41  ? 162 VAL A CG2  1 
ATOM 1193 H H    . VAL A 1 74  ? 3.355   -2.152  5.705   1.00 0.36  ? 162 VAL A H    1 
ATOM 1194 H HA   . VAL A 1 74  ? 1.518   -0.528  7.224   1.00 0.48  ? 162 VAL A HA   1 
ATOM 1195 H HB   . VAL A 1 74  ? 3.803   -2.198  8.320   1.00 0.41  ? 162 VAL A HB   1 
ATOM 1196 H HG11 . VAL A 1 74  ? 1.688   -0.704  9.481   1.00 1.24  ? 162 VAL A HG11 1 
ATOM 1197 H HG12 . VAL A 1 74  ? 1.248   -2.405  9.655   1.00 1.06  ? 162 VAL A HG12 1 
ATOM 1198 H HG13 . VAL A 1 74  ? 2.788   -1.814  10.295  1.00 1.07  ? 162 VAL A HG13 1 
ATOM 1199 H HG21 . VAL A 1 74  ? 1.727   -3.033  6.574   1.00 1.03  ? 162 VAL A HG21 1 
ATOM 1200 H HG22 . VAL A 1 74  ? 2.819   -4.060  7.507   1.00 1.16  ? 162 VAL A HG22 1 
ATOM 1201 H HG23 . VAL A 1 74  ? 1.275   -3.559  8.195   1.00 1.02  ? 162 VAL A HG23 1 
ATOM 1202 N N    . GLY A 1 75  ? 4.713   0.199   7.543   1.00 0.44  ? 163 GLY A N    1 
ATOM 1203 C CA   . GLY A 1 75  ? 5.631   1.303   7.949   1.00 0.52  ? 163 GLY A CA   1 
ATOM 1204 C C    . GLY A 1 75  ? 5.100   2.618   7.373   1.00 0.54  ? 163 GLY A C    1 
ATOM 1205 O O    . GLY A 1 75  ? 5.204   3.664   7.983   1.00 0.66  ? 163 GLY A O    1 
ATOM 1206 H H    . GLY A 1 75  ? 5.073   -0.628  7.154   1.00 0.45  ? 163 GLY A H    1 
ATOM 1207 H HA2  . GLY A 1 75  ? 5.669   1.364   9.027   1.00 0.58  ? 163 GLY A HA2  1 
ATOM 1208 H HA3  . GLY A 1 75  ? 6.619   1.116   7.558   1.00 0.56  ? 163 GLY A HA3  1 
ATOM 1209 N N    . ALA A 1 76  ? 4.515   2.563   6.205   1.00 0.52  ? 164 ALA A N    1 
ATOM 1210 C CA   . ALA A 1 76  ? 3.957   3.795   5.589   1.00 0.60  ? 164 ALA A CA   1 
ATOM 1211 C C    . ALA A 1 76  ? 2.702   4.220   6.348   1.00 0.60  ? 164 ALA A C    1 
ATOM 1212 O O    . ALA A 1 76  ? 2.472   5.386   6.594   1.00 0.69  ? 164 ALA A O    1 
ATOM 1213 C CB   . ALA A 1 76  ? 3.606   3.407   4.148   1.00 0.72  ? 164 ALA A CB   1 
ATOM 1214 H H    . ALA A 1 76  ? 4.434   1.709   5.741   1.00 0.53  ? 164 ALA A H    1 
ATOM 1215 H HA   . ALA A 1 76  ? 4.689   4.580   5.594   1.00 0.65  ? 164 ALA A HA   1 
ATOM 1216 H HB1  . ALA A 1 76  ? 3.106   2.449   4.140   1.00 1.25  ? 164 ALA A HB1  1 
ATOM 1217 H HB2  . ALA A 1 76  ? 4.508   3.346   3.560   1.00 1.36  ? 164 ALA A HB2  1 
ATOM 1218 H HB3  . ALA A 1 76  ? 2.951   4.155   3.724   1.00 1.18  ? 164 ALA A HB3  1 
ATOM 1219 N N    . LEU A 1 77  ? 1.892   3.270   6.724   1.00 0.64  ? 165 LEU A N    1 
ATOM 1220 C CA   . LEU A 1 77  ? 0.652   3.598   7.472   1.00 0.74  ? 165 LEU A CA   1 
ATOM 1221 C C    . LEU A 1 77  ? 1.003   4.410   8.720   1.00 0.69  ? 165 LEU A C    1 
ATOM 1222 O O    . LEU A 1 77  ? 0.325   5.354   9.077   1.00 0.78  ? 165 LEU A O    1 
ATOM 1223 C CB   . LEU A 1 77  ? 0.061   2.245   7.876   1.00 0.92  ? 165 LEU A CB   1 
ATOM 1224 C CG   . LEU A 1 77  ? -0.449  1.443   6.663   1.00 0.73  ? 165 LEU A CG   1 
ATOM 1225 C CD1  . LEU A 1 77  ? -1.956  1.270   6.786   1.00 1.12  ? 165 LEU A CD1  1 
ATOM 1226 C CD2  . LEU A 1 77  ? -0.148  2.156   5.349   1.00 1.17  ? 165 LEU A CD2  1 
ATOM 1227 H H    . LEU A 1 77  ? 2.103   2.337   6.517   1.00 0.68  ? 165 LEU A H    1 
ATOM 1228 H HA   . LEU A 1 77  ? -0.039  4.137   6.850   1.00 0.82  ? 165 LEU A HA   1 
ATOM 1229 H HB2  . LEU A 1 77  ? 0.820   1.667   8.379   1.00 1.51  ? 165 LEU A HB2  1 
ATOM 1230 H HB3  . LEU A 1 77  ? -0.760  2.415   8.552   1.00 1.40  ? 165 LEU A HB3  1 
ATOM 1231 H HG   . LEU A 1 77  ? 0.017   0.470   6.660   1.00 1.23  ? 165 LEU A HG   1 
ATOM 1232 H HD11 . LEU A 1 77  ? -2.309  1.831   7.635   1.00 1.61  ? 165 LEU A HD11 1 
ATOM 1233 H HD12 . LEU A 1 77  ? -2.434  1.634   5.889   1.00 1.66  ? 165 LEU A HD12 1 
ATOM 1234 H HD13 . LEU A 1 77  ? -2.189  0.227   6.920   1.00 1.60  ? 165 LEU A HD13 1 
ATOM 1235 H HD21 . LEU A 1 77  ? -0.479  3.179   5.409   1.00 1.56  ? 165 LEU A HD21 1 
ATOM 1236 H HD22 . LEU A 1 77  ? 0.910   2.125   5.159   1.00 1.84  ? 165 LEU A HD22 1 
ATOM 1237 H HD23 . LEU A 1 77  ? -0.670  1.655   4.549   1.00 1.60  ? 165 LEU A HD23 1 
ATOM 1238 N N    . ARG A 1 78  ? 2.063   4.043   9.382   1.00 0.65  ? 166 ARG A N    1 
ATOM 1239 C CA   . ARG A 1 78  ? 2.480   4.778   10.610  1.00 0.69  ? 166 ARG A CA   1 
ATOM 1240 C C    . ARG A 1 78  ? 2.698   6.260   10.290  1.00 0.71  ? 166 ARG A C    1 
ATOM 1241 O O    . ARG A 1 78  ? 2.350   7.132   11.059  1.00 0.88  ? 166 ARG A O    1 
ATOM 1242 C CB   . ARG A 1 78  ? 3.794   4.116   11.030  1.00 0.75  ? 166 ARG A CB   1 
ATOM 1243 C CG   . ARG A 1 78  ? 3.731   3.744   12.512  1.00 1.04  ? 166 ARG A CG   1 
ATOM 1244 C CD   . ARG A 1 78  ? 4.123   2.275   12.684  1.00 1.20  ? 166 ARG A CD   1 
ATOM 1245 N NE   . ARG A 1 78  ? 3.042   1.688   13.521  1.00 0.87  ? 166 ARG A NE   1 
ATOM 1246 C CZ   . ARG A 1 78  ? 3.255   1.444   14.786  1.00 1.32  ? 166 ARG A CZ   1 
ATOM 1247 N NH1  . ARG A 1 78  ? 3.408   0.215   15.198  1.00 1.96  ? 166 ARG A NH1  1 
ATOM 1248 N NH2  . ARG A 1 78  ? 3.312   2.430   15.639  1.00 2.10  ? 166 ARG A NH2  1 
ATOM 1249 H H    . ARG A 1 78  ? 2.588   3.279   9.071   1.00 0.66  ? 166 ARG A H    1 
ATOM 1250 H HA   . ARG A 1 78  ? 1.744   4.663   11.385  1.00 0.78  ? 166 ARG A HA   1 
ATOM 1251 H HB2  . ARG A 1 78  ? 3.949   3.222   10.443  1.00 1.00  ? 166 ARG A HB2  1 
ATOM 1252 H HB3  . ARG A 1 78  ? 4.611   4.800   10.867  1.00 1.08  ? 166 ARG A HB3  1 
ATOM 1253 H HG2  . ARG A 1 78  ? 4.416   4.368   13.068  1.00 1.61  ? 166 ARG A HG2  1 
ATOM 1254 H HG3  . ARG A 1 78  ? 2.728   3.892   12.879  1.00 1.65  ? 166 ARG A HG3  1 
ATOM 1255 H HD2  . ARG A 1 78  ? 4.169   1.783   11.723  1.00 1.83  ? 166 ARG A HD2  1 
ATOM 1256 H HD3  . ARG A 1 78  ? 5.070   2.194   13.195  1.00 1.88  ? 166 ARG A HD3  1 
ATOM 1257 H HE   . ARG A 1 78  ? 2.170   1.488   13.122  1.00 1.02  ? 166 ARG A HE   1 
ATOM 1258 H HH11 . ARG A 1 78  ? 3.363   -0.541  14.545  1.00 2.22  ? 166 ARG A HH11 1 
ATOM 1259 H HH12 . ARG A 1 78  ? 3.573   0.030   16.167  1.00 2.36  ? 166 ARG A HH12 1 
ATOM 1260 H HH21 . ARG A 1 78  ? 3.192   3.372   15.324  1.00 2.26  ? 166 ARG A HH21 1 
ATOM 1261 H HH22 . ARG A 1 78  ? 3.476   2.244   16.608  1.00 2.43  ? 166 ARG A HH22 1 
ATOM 1262 N N    . SER A 1 79  ? 3.279   6.543   9.159   1.00 0.65  ? 167 SER A N    1 
ATOM 1263 C CA   . SER A 1 79  ? 3.533   7.959   8.774   1.00 0.77  ? 167 SER A CA   1 
ATOM 1264 C C    . SER A 1 79  ? 2.243   8.622   8.277   1.00 0.86  ? 167 SER A C    1 
ATOM 1265 O O    . SER A 1 79  ? 2.081   9.823   8.359   1.00 1.06  ? 167 SER A O    1 
ATOM 1266 C CB   . SER A 1 79  ? 4.560   7.879   7.647   1.00 0.86  ? 167 SER A CB   1 
ATOM 1267 O OG   . SER A 1 79  ? 5.448   8.986   7.739   1.00 1.34  ? 167 SER A OG   1 
ATOM 1268 H H    . SER A 1 79  ? 3.554   5.823   8.562   1.00 0.62  ? 167 SER A H    1 
ATOM 1269 H HA   . SER A 1 79  ? 3.941   8.502   9.604   1.00 0.92  ? 167 SER A HA   1 
ATOM 1270 H HB2  . SER A 1 79  ? 5.123   6.964   7.735   1.00 1.18  ? 167 SER A HB2  1 
ATOM 1271 H HB3  . SER A 1 79  ? 4.047   7.892   6.694   1.00 1.24  ? 167 SER A HB3  1 
ATOM 1272 H HG   . SER A 1 79  ? 5.870   8.958   8.600   1.00 1.77  ? 167 SER A HG   1 
ATOM 1273 N N    . CYS A 1 80  ? 1.331   7.850   7.751   1.00 0.85  ? 168 CYS A N    1 
ATOM 1274 C CA   . CYS A 1 80  ? 0.060   8.432   7.238   1.00 1.12  ? 168 CYS A CA   1 
ATOM 1275 C C    . CYS A 1 80  ? -0.894  8.775   8.388   1.00 1.12  ? 168 CYS A C    1 
ATOM 1276 O O    . CYS A 1 80  ? -2.052  9.074   8.171   1.00 1.33  ? 168 CYS A O    1 
ATOM 1277 C CB   . CYS A 1 80  ? -0.545  7.341   6.353   1.00 1.27  ? 168 CYS A CB   1 
ATOM 1278 S SG   . CYS A 1 80  ? 0.557   7.013   4.955   1.00 2.19  ? 168 CYS A SG   1 
ATOM 1279 H H    . CYS A 1 80  ? 1.485   6.889   7.686   1.00 0.75  ? 168 CYS A H    1 
ATOM 1280 H HA   . CYS A 1 80  ? 0.268   9.305   6.647   1.00 1.35  ? 168 CYS A HA   1 
ATOM 1281 H HB2  . CYS A 1 80  ? -0.672  6.437   6.931   1.00 1.58  ? 168 CYS A HB2  1 
ATOM 1282 H HB3  . CYS A 1 80  ? -1.506  7.668   5.984   1.00 1.29  ? 168 CYS A HB3  1 
ATOM 1283 H HG   . CYS A 1 80  ? 0.031   7.027   4.152   1.00 2.68  ? 168 CYS A HG   1 
ATOM 1284 N N    . GLN A 1 81  ? -0.428  8.736   9.608   1.00 1.02  ? 169 GLN A N    1 
ATOM 1285 C CA   . GLN A 1 81  ? -1.323  9.058   10.758  1.00 1.19  ? 169 GLN A CA   1 
ATOM 1286 C C    . GLN A 1 81  ? -2.564  8.176   10.716  1.00 1.08  ? 169 GLN A C    1 
ATOM 1287 O O    . GLN A 1 81  ? -3.628  8.538   11.178  1.00 1.28  ? 169 GLN A O    1 
ATOM 1288 C CB   . GLN A 1 81  ? -1.701  10.520  10.571  1.00 1.57  ? 169 GLN A CB   1 
ATOM 1289 C CG   . GLN A 1 81  ? -0.690  11.406  11.299  1.00 1.83  ? 169 GLN A CG   1 
ATOM 1290 C CD   . GLN A 1 81  ? -1.126  11.585  12.755  1.00 2.30  ? 169 GLN A CD   1 
ATOM 1291 O OE1  . GLN A 1 81  ? -1.109  10.646  13.525  1.00 2.98  ? 169 GLN A OE1  1 
ATOM 1292 N NE2  . GLN A 1 81  ? -1.519  12.758  13.166  1.00 2.61  ? 169 GLN A NE2  1 
ATOM 1293 H H    . GLN A 1 81  ? 0.504   8.492   9.770   1.00 0.92  ? 169 GLN A H    1 
ATOM 1294 H HA   . GLN A 1 81  ? -0.800  8.921   11.686  1.00 1.23  ? 169 GLN A HA   1 
ATOM 1295 H HB2  . GLN A 1 81  ? -1.699  10.756  9.517   1.00 1.64  ? 169 GLN A HB2  1 
ATOM 1296 H HB3  . GLN A 1 81  ? -2.686  10.689  10.977  1.00 1.70  ? 169 GLN A HB3  1 
ATOM 1297 H HG2  . GLN A 1 81  ? 0.284   10.938  11.267  1.00 2.07  ? 169 GLN A HG2  1 
ATOM 1298 H HG3  . GLN A 1 81  ? -0.643  12.371  10.818  1.00 2.02  ? 169 GLN A HG3  1 
ATOM 1299 H HE21 . GLN A 1 81  ? -1.534  13.516  12.545  1.00 2.73  ? 169 GLN A HE21 1 
ATOM 1300 H HE22 . GLN A 1 81  ? -1.800  12.882  14.097  1.00 3.12  ? 169 GLN A HE22 1 
ATOM 1301 N N    . MET A 1 82  ? -2.416  7.016   10.169  1.00 0.82  ? 170 MET A N    1 
ATOM 1302 C CA   . MET A 1 82  ? -3.559  6.062   10.082  1.00 0.79  ? 170 MET A CA   1 
ATOM 1303 C C    . MET A 1 82  ? -3.198  4.765   10.807  1.00 0.62  ? 170 MET A C    1 
ATOM 1304 O O    . MET A 1 82  ? -3.345  3.682   10.278  1.00 0.64  ? 170 MET A O    1 
ATOM 1305 C CB   . MET A 1 82  ? -3.748  5.802   8.587   1.00 0.95  ? 170 MET A CB   1 
ATOM 1306 C CG   . MET A 1 82  ? -4.373  7.030   7.925   1.00 1.16  ? 170 MET A CG   1 
ATOM 1307 S SD   . MET A 1 82  ? -5.295  6.517   6.454   1.00 1.27  ? 170 MET A SD   1 
ATOM 1308 C CE   . MET A 1 82  ? -3.908  5.758   5.571   1.00 0.95  ? 170 MET A CE   1 
ATOM 1309 H H    . MET A 1 82  ? -1.540  6.767   9.819   1.00 0.71  ? 170 MET A H    1 
ATOM 1310 H HA   . MET A 1 82  ? -4.451  6.498   10.500  1.00 0.88  ? 170 MET A HA   1 
ATOM 1311 H HB2  . MET A 1 82  ? -2.788  5.598   8.135   1.00 1.49  ? 170 MET A HB2  1 
ATOM 1312 H HB3  . MET A 1 82  ? -4.398  4.952   8.450   1.00 1.45  ? 170 MET A HB3  1 
ATOM 1313 H HG2  . MET A 1 82  ? -5.043  7.514   8.619   1.00 1.75  ? 170 MET A HG2  1 
ATOM 1314 H HG3  . MET A 1 82  ? -3.593  7.719   7.637   1.00 1.81  ? 170 MET A HG3  1 
ATOM 1315 H HE1  . MET A 1 82  ? -3.061  5.676   6.236   1.00 1.44  ? 170 MET A HE1  1 
ATOM 1316 H HE2  . MET A 1 82  ? -4.198  4.777   5.224   1.00 1.51  ? 170 MET A HE2  1 
ATOM 1317 H HE3  . MET A 1 82  ? -3.640  6.370   4.724   1.00 1.26  ? 170 MET A HE3  1 
ATOM 1318 N N    . ASN A 1 83  ? -2.714  4.873   12.014  1.00 0.60  ? 171 ASN A N    1 
ATOM 1319 C CA   . ASN A 1 83  ? -2.326  3.654   12.779  1.00 0.58  ? 171 ASN A CA   1 
ATOM 1320 C C    . ASN A 1 83  ? -3.434  2.601   12.732  1.00 0.52  ? 171 ASN A C    1 
ATOM 1321 O O    . ASN A 1 83  ? -3.185  1.427   12.913  1.00 0.54  ? 171 ASN A O    1 
ATOM 1322 C CB   . ASN A 1 83  ? -2.107  4.139   14.213  1.00 0.71  ? 171 ASN A CB   1 
ATOM 1323 C CG   . ASN A 1 83  ? -0.614  4.368   14.456  1.00 1.29  ? 171 ASN A CG   1 
ATOM 1324 O OD1  . ASN A 1 83  ? -0.034  3.775   15.345  1.00 2.09  ? 171 ASN A OD1  1 
ATOM 1325 N ND2  . ASN A 1 83  ? 0.037   5.209   13.700  1.00 1.60  ? 171 ASN A ND2  1 
ATOM 1326 H H    . ASN A 1 83  ? -2.596  5.759   12.415  1.00 0.70  ? 171 ASN A H    1 
ATOM 1327 H HA   . ASN A 1 83  ? -1.411  3.242   12.383  1.00 0.60  ? 171 ASN A HA   1 
ATOM 1328 H HB2  . ASN A 1 83  ? -2.643  5.064   14.364  1.00 1.17  ? 171 ASN A HB2  1 
ATOM 1329 H HB3  . ASN A 1 83  ? -2.472  3.395   14.904  1.00 0.96  ? 171 ASN A HB3  1 
ATOM 1330 H HD21 . ASN A 1 83  ? -0.431  5.687   12.984  1.00 1.70  ? 171 ASN A HD21 1 
ATOM 1331 H HD22 . ASN A 1 83  ? 0.992   5.362   13.850  1.00 2.14  ? 171 ASN A HD22 1 
ATOM 1332 N N    . LEU A 1 84  ? -4.651  2.996   12.477  1.00 0.55  ? 172 LEU A N    1 
ATOM 1333 C CA   . LEU A 1 84  ? -5.743  2.005   12.410  1.00 0.59  ? 172 LEU A CA   1 
ATOM 1334 C C    . LEU A 1 84  ? -5.402  0.973   11.339  1.00 0.52  ? 172 LEU A C    1 
ATOM 1335 O O    . LEU A 1 84  ? -5.237  -0.213  11.604  1.00 0.51  ? 172 LEU A O    1 
ATOM 1336 C CB   . LEU A 1 84  ? -6.971  2.824   12.021  1.00 0.69  ? 172 LEU A CB   1 
ATOM 1337 C CG   . LEU A 1 84  ? -8.172  1.903   11.844  1.00 1.06  ? 172 LEU A CG   1 
ATOM 1338 C CD1  . LEU A 1 84  ? -8.196  1.398   10.406  1.00 2.00  ? 172 LEU A CD1  1 
ATOM 1339 C CD2  . LEU A 1 84  ? -8.071  0.718   12.807  1.00 1.33  ? 172 LEU A CD2  1 
ATOM 1340 H H    . LEU A 1 84  ? -4.845  3.937   12.317  1.00 0.59  ? 172 LEU A H    1 
ATOM 1341 H HA   . LEU A 1 84  ? -5.899  1.536   13.361  1.00 0.67  ? 172 LEU A HA   1 
ATOM 1342 H HB2  . LEU A 1 84  ? -7.182  3.545   12.797  1.00 0.96  ? 172 LEU A HB2  1 
ATOM 1343 H HB3  . LEU A 1 84  ? -6.778  3.340   11.094  1.00 0.86  ? 172 LEU A HB3  1 
ATOM 1344 H HG   . LEU A 1 84  ? -9.071  2.456   12.049  1.00 1.61  ? 172 LEU A HG   1 
ATOM 1345 H HD11 . LEU A 1 84  ? -7.831  2.176   9.752   1.00 2.59  ? 172 LEU A HD11 1 
ATOM 1346 H HD12 . LEU A 1 84  ? -7.562  0.529   10.320  1.00 2.54  ? 172 LEU A HD12 1 
ATOM 1347 H HD13 . LEU A 1 84  ? -9.207  1.137   10.130  1.00 2.34  ? 172 LEU A HD13 1 
ATOM 1348 H HD21 . LEU A 1 84  ? -7.672  1.059   13.751  1.00 1.78  ? 172 LEU A HD21 1 
ATOM 1349 H HD22 . LEU A 1 84  ? -9.052  0.294   12.961  1.00 1.86  ? 172 LEU A HD22 1 
ATOM 1350 H HD23 . LEU A 1 84  ? -7.414  -0.029  12.389  1.00 1.82  ? 172 LEU A HD23 1 
ATOM 1351 N N    . VAL A 1 85  ? -5.261  1.419   10.129  1.00 0.50  ? 173 VAL A N    1 
ATOM 1352 C CA   . VAL A 1 85  ? -4.900  0.473   9.049   1.00 0.47  ? 173 VAL A CA   1 
ATOM 1353 C C    . VAL A 1 85  ? -3.538  -0.113  9.350   1.00 0.40  ? 173 VAL A C    1 
ATOM 1354 O O    . VAL A 1 85  ? -3.356  -1.309  9.391   1.00 0.40  ? 173 VAL A O    1 
ATOM 1355 C CB   . VAL A 1 85  ? -4.828  1.286   7.762   1.00 0.52  ? 173 VAL A CB   1 
ATOM 1356 C CG1  . VAL A 1 85  ? -4.670  0.337   6.577   1.00 0.56  ? 173 VAL A CG1  1 
ATOM 1357 C CG2  . VAL A 1 85  ? -6.099  2.099   7.594   1.00 0.60  ? 173 VAL A CG2  1 
ATOM 1358 H H    . VAL A 1 85  ? -5.369  2.376   9.942   1.00 0.54  ? 173 VAL A H    1 
ATOM 1359 H HA   . VAL A 1 85  ? -5.637  -0.297  8.969   1.00 0.49  ? 173 VAL A HA   1 
ATOM 1360 H HB   . VAL A 1 85  ? -3.981  1.952   7.806   1.00 0.55  ? 173 VAL A HB   1 
ATOM 1361 H HG11 . VAL A 1 85  ? -3.991  -0.459  6.841   1.00 1.18  ? 173 VAL A HG11 1 
ATOM 1362 H HG12 . VAL A 1 85  ? -5.632  -0.081  6.321   1.00 1.11  ? 173 VAL A HG12 1 
ATOM 1363 H HG13 . VAL A 1 85  ? -4.276  0.881   5.730   1.00 1.20  ? 173 VAL A HG13 1 
ATOM 1364 H HG21 . VAL A 1 85  ? -6.882  1.666   8.195   1.00 1.11  ? 173 VAL A HG21 1 
ATOM 1365 H HG22 . VAL A 1 85  ? -5.909  3.109   7.920   1.00 1.29  ? 173 VAL A HG22 1 
ATOM 1366 H HG23 . VAL A 1 85  ? -6.396  2.097   6.552   1.00 1.16  ? 173 VAL A HG23 1 
ATOM 1367 N N    . ALA A 1 86  ? -2.577  0.734   9.573   1.00 0.40  ? 174 ALA A N    1 
ATOM 1368 C CA   . ALA A 1 86  ? -1.210  0.223   9.883   1.00 0.38  ? 174 ALA A CA   1 
ATOM 1369 C C    . ALA A 1 86  ? -1.329  -0.934  10.870  1.00 0.38  ? 174 ALA A C    1 
ATOM 1370 O O    . ALA A 1 86  ? -0.570  -1.881  10.838  1.00 0.41  ? 174 ALA A O    1 
ATOM 1371 C CB   . ALA A 1 86  ? -0.464  1.384   10.540  1.00 0.44  ? 174 ALA A CB   1 
ATOM 1372 H H    . ALA A 1 86  ? -2.764  1.702   9.541   1.00 0.45  ? 174 ALA A H    1 
ATOM 1373 H HA   . ALA A 1 86  ? -0.708  -0.088  8.973   1.00 0.37  ? 174 ALA A HA   1 
ATOM 1374 H HB1  . ALA A 1 86  ? -1.000  2.305   10.366  1.00 1.08  ? 174 ALA A HB1  1 
ATOM 1375 H HB2  . ALA A 1 86  ? -0.387  1.207   11.602  1.00 1.03  ? 174 ALA A HB2  1 
ATOM 1376 H HB3  . ALA A 1 86  ? 0.527   1.456   10.116  1.00 1.01  ? 174 ALA A HB3  1 
ATOM 1377 N N    . ASP A 1 87  ? -2.296  -0.855  11.743  1.00 0.41  ? 175 ASP A N    1 
ATOM 1378 C CA   . ASP A 1 87  ? -2.496  -1.936  12.739  1.00 0.46  ? 175 ASP A CA   1 
ATOM 1379 C C    . ASP A 1 87  ? -2.849  -3.238  12.028  1.00 0.44  ? 175 ASP A C    1 
ATOM 1380 O O    . ASP A 1 87  ? -2.301  -4.282  12.323  1.00 0.48  ? 175 ASP A O    1 
ATOM 1381 C CB   . ASP A 1 87  ? -3.662  -1.473  13.615  1.00 0.55  ? 175 ASP A CB   1 
ATOM 1382 C CG   . ASP A 1 87  ? -3.248  -1.508  15.088  1.00 1.07  ? 175 ASP A CG   1 
ATOM 1383 O OD1  . ASP A 1 87  ? -2.058  -1.584  15.351  1.00 1.45  ? 175 ASP A OD1  1 
ATOM 1384 O OD2  . ASP A 1 87  ? -4.128  -1.456  15.932  1.00 1.64  ? 175 ASP A OD2  1 
ATOM 1385 H H    . ASP A 1 87  ? -2.894  -0.080  11.738  1.00 0.44  ? 175 ASP A H    1 
ATOM 1386 H HA   . ASP A 1 87  ? -1.614  -2.063  13.334  1.00 0.49  ? 175 ASP A HA   1 
ATOM 1387 H HB2  . ASP A 1 87  ? -3.937  -0.466  13.343  1.00 0.75  ? 175 ASP A HB2  1 
ATOM 1388 H HB3  . ASP A 1 87  ? -4.506  -2.128  13.467  1.00 0.79  ? 175 ASP A HB3  1 
ATOM 1389 N N    . LEU A 1 88  ? -3.761  -3.194  11.092  1.00 0.43  ? 176 LEU A N    1 
ATOM 1390 C CA   . LEU A 1 88  ? -4.126  -4.452  10.385  1.00 0.45  ? 176 LEU A CA   1 
ATOM 1391 C C    . LEU A 1 88  ? -3.004  -4.889  9.443   1.00 0.38  ? 176 LEU A C    1 
ATOM 1392 O O    . LEU A 1 88  ? -2.654  -6.065  9.351   1.00 0.42  ? 176 LEU A O    1 
ATOM 1393 C CB   . LEU A 1 88  ? -5.414  -4.151  9.619   1.00 0.51  ? 176 LEU A CB   1 
ATOM 1394 C CG   . LEU A 1 88  ? -5.117  -3.251  8.433   1.00 0.50  ? 176 LEU A CG   1 
ATOM 1395 C CD1  . LEU A 1 88  ? -5.123  -4.049  7.136   1.00 0.72  ? 176 LEU A CD1  1 
ATOM 1396 C CD2  . LEU A 1 88  ? -6.187  -2.186  8.360   1.00 0.59  ? 176 LEU A CD2  1 
ATOM 1397 H H    . LEU A 1 88  ? -4.197  -2.350  10.863  1.00 0.45  ? 176 LEU A H    1 
ATOM 1398 H HA   . LEU A 1 88  ? -4.312  -5.212  11.097  1.00 0.51  ? 176 LEU A HA   1 
ATOM 1399 H HB2  . LEU A 1 88  ? -5.851  -5.073  9.268   1.00 0.62  ? 176 LEU A HB2  1 
ATOM 1400 H HB3  . LEU A 1 88  ? -6.111  -3.648  10.275  1.00 0.58  ? 176 LEU A HB3  1 
ATOM 1401 H HG   . LEU A 1 88  ? -4.161  -2.790  8.569   1.00 0.65  ? 176 LEU A HG   1 
ATOM 1402 H HD11 . LEU A 1 88  ? -5.705  -4.947  7.269   1.00 1.34  ? 176 LEU A HD11 1 
ATOM 1403 H HD12 . LEU A 1 88  ? -5.559  -3.443  6.350   1.00 1.29  ? 176 LEU A HD12 1 
ATOM 1404 H HD13 . LEU A 1 88  ? -4.110  -4.309  6.871   1.00 1.22  ? 176 LEU A HD13 1 
ATOM 1405 H HD21 . LEU A 1 88  ? -6.379  -1.816  9.355   1.00 1.18  ? 176 LEU A HD21 1 
ATOM 1406 H HD22 . LEU A 1 88  ? -5.842  -1.383  7.732   1.00 1.07  ? 176 LEU A HD22 1 
ATOM 1407 H HD23 . LEU A 1 88  ? -7.089  -2.611  7.949   1.00 1.24  ? 176 LEU A HD23 1 
ATOM 1408 N N    . VAL A 1 89  ? -2.395  -3.968  8.764   1.00 0.33  ? 177 VAL A N    1 
ATOM 1409 C CA   . VAL A 1 89  ? -1.303  -4.376  7.878   1.00 0.32  ? 177 VAL A CA   1 
ATOM 1410 C C    . VAL A 1 89  ? -0.154  -4.821  8.765   1.00 0.34  ? 177 VAL A C    1 
ATOM 1411 O O    . VAL A 1 89  ? 0.629   -5.664  8.407   1.00 0.38  ? 177 VAL A O    1 
ATOM 1412 C CB   . VAL A 1 89  ? -0.949  -3.172  7.002   1.00 0.36  ? 177 VAL A CB   1 
ATOM 1413 C CG1  . VAL A 1 89  ? -0.678  -3.673  5.577   1.00 0.42  ? 177 VAL A CG1  1 
ATOM 1414 C CG2  . VAL A 1 89  ? -2.105  -2.166  6.958   1.00 0.44  ? 177 VAL A CG2  1 
ATOM 1415 H H    . VAL A 1 89  ? -2.629  -3.026  8.862   1.00 0.33  ? 177 VAL A H    1 
ATOM 1416 H HA   . VAL A 1 89  ? -1.630  -5.197  7.260   1.00 0.36  ? 177 VAL A HA   1 
ATOM 1417 H HB   . VAL A 1 89  ? -0.075  -2.691  7.396   1.00 0.38  ? 177 VAL A HB   1 
ATOM 1418 H HG11 . VAL A 1 89  ? -1.435  -4.403  5.296   1.00 1.14  ? 177 VAL A HG11 1 
ATOM 1419 H HG12 . VAL A 1 89  ? -0.711  -2.841  4.889   1.00 1.03  ? 177 VAL A HG12 1 
ATOM 1420 H HG13 . VAL A 1 89  ? 0.297   -4.135  5.536   1.00 1.12  ? 177 VAL A HG13 1 
ATOM 1421 H HG21 . VAL A 1 89  ? -3.045  -2.691  7.033   1.00 1.12  ? 177 VAL A HG21 1 
ATOM 1422 H HG22 . VAL A 1 89  ? -2.010  -1.476  7.783   1.00 1.06  ? 177 VAL A HG22 1 
ATOM 1423 H HG23 . VAL A 1 89  ? -2.072  -1.619  6.028   1.00 1.13  ? 177 VAL A HG23 1 
ATOM 1424 N N    . GLN A 1 90  ? -0.069  -4.297  9.957   1.00 0.39  ? 178 GLN A N    1 
ATOM 1425 C CA   . GLN A 1 90  ? 1.007   -4.762  10.858  1.00 0.48  ? 178 GLN A CA   1 
ATOM 1426 C C    . GLN A 1 90  ? 0.777   -6.245  11.095  1.00 0.51  ? 178 GLN A C    1 
ATOM 1427 O O    . GLN A 1 90  ? 1.704   -7.032  11.168  1.00 0.57  ? 178 GLN A O    1 
ATOM 1428 C CB   . GLN A 1 90  ? 0.864   -3.956  12.143  1.00 0.59  ? 178 GLN A CB   1 
ATOM 1429 C CG   . GLN A 1 90  ? 1.993   -2.931  12.192  1.00 1.00  ? 178 GLN A CG   1 
ATOM 1430 C CD   . GLN A 1 90  ? 2.615   -2.922  13.586  1.00 1.62  ? 178 GLN A CD   1 
ATOM 1431 O OE1  . GLN A 1 90  ? 2.322   -2.061  14.393  1.00 1.96  ? 178 GLN A OE1  1 
ATOM 1432 N NE2  . GLN A 1 90  ? 3.469   -3.854  13.902  1.00 2.40  ? 178 GLN A NE2  1 
ATOM 1433 H H    . GLN A 1 90  ? -0.725  -3.640  10.262  1.00 0.40  ? 178 GLN A H    1 
ATOM 1434 H HA   . GLN A 1 90  ? 1.970   -4.592  10.410  1.00 0.51  ? 178 GLN A HA   1 
ATOM 1435 H HB2  . GLN A 1 90  ? -0.091  -3.451  12.154  1.00 1.07  ? 178 GLN A HB2  1 
ATOM 1436 H HB3  . GLN A 1 90  ? 0.939   -4.614  12.996  1.00 1.26  ? 178 GLN A HB3  1 
ATOM 1437 H HG2  . GLN A 1 90  ? 2.749   -3.202  11.467  1.00 1.65  ? 178 GLN A HG2  1 
ATOM 1438 H HG3  . GLN A 1 90  ? 1.605   -1.955  11.955  1.00 1.51  ? 178 GLN A HG3  1 
ATOM 1439 H HE21 . GLN A 1 90  ? 3.701   -4.548  13.247  1.00 2.40  ? 178 GLN A HE21 1 
ATOM 1440 H HE22 . GLN A 1 90  ? 3.878   -3.865  14.792  1.00 3.17  ? 178 GLN A HE22 1 
ATOM 1441 N N    . GLU A 1 91  ? -0.471  -6.645  11.147  1.00 0.50  ? 179 GLU A N    1 
ATOM 1442 C CA   . GLU A 1 91  ? -0.763  -8.090  11.298  1.00 0.57  ? 179 GLU A CA   1 
ATOM 1443 C C    . GLU A 1 91  ? -0.015  -8.786  10.171  1.00 0.56  ? 179 GLU A C    1 
ATOM 1444 O O    . GLU A 1 91  ? 0.532   -9.858  10.327  1.00 0.65  ? 179 GLU A O    1 
ATOM 1445 C CB   . GLU A 1 91  ? -2.278  -8.239  11.127  1.00 0.61  ? 179 GLU A CB   1 
ATOM 1446 C CG   . GLU A 1 91  ? -3.008  -7.268  12.060  1.00 1.20  ? 179 GLU A CG   1 
ATOM 1447 C CD   . GLU A 1 91  ? -4.511  -7.552  12.021  1.00 1.58  ? 179 GLU A CD   1 
ATOM 1448 O OE1  . GLU A 1 91  ? -4.888  -8.572  11.468  1.00 2.16  ? 179 GLU A OE1  1 
ATOM 1449 O OE2  . GLU A 1 91  ? -5.260  -6.743  12.544  1.00 2.07  ? 179 GLU A OE2  1 
ATOM 1450 H H    . GLU A 1 91  ? -1.198  -6.003  11.037  1.00 0.49  ? 179 GLU A H    1 
ATOM 1451 H HA   . GLU A 1 91  ? -0.443  -8.450  12.261  1.00 0.65  ? 179 GLU A HA   1 
ATOM 1452 H HB2  . GLU A 1 91  ? -2.547  -8.027  10.104  1.00 1.00  ? 179 GLU A HB2  1 
ATOM 1453 H HB3  . GLU A 1 91  ? -2.567  -9.251  11.370  1.00 1.03  ? 179 GLU A HB3  1 
ATOM 1454 H HG2  . GLU A 1 91  ? -2.643  -7.396  13.069  1.00 1.80  ? 179 GLU A HG2  1 
ATOM 1455 H HG3  . GLU A 1 91  ? -2.828  -6.255  11.738  1.00 1.76  ? 179 GLU A HG3  1 
ATOM 1456 N N    . VAL A 1 92  ? 0.049   -8.133  9.037   1.00 0.48  ? 180 VAL A N    1 
ATOM 1457 C CA   . VAL A 1 92  ? 0.814   -8.708  7.889   1.00 0.53  ? 180 VAL A CA   1 
ATOM 1458 C C    . VAL A 1 92  ? 2.216   -9.071  8.363   1.00 0.62  ? 180 VAL A C    1 
ATOM 1459 O O    . VAL A 1 92  ? 2.712   -10.158 8.146   1.00 0.76  ? 180 VAL A O    1 
ATOM 1460 C CB   . VAL A 1 92  ? 0.867   -7.579  6.839   1.00 0.48  ? 180 VAL A CB   1 
ATOM 1461 C CG1  . VAL A 1 92  ? 2.246   -6.881  6.797   1.00 0.50  ? 180 VAL A CG1  1 
ATOM 1462 C CG2  . VAL A 1 92  ? 0.568   -8.162  5.463   1.00 0.62  ? 180 VAL A CG2  1 
ATOM 1463 H H    . VAL A 1 92  ? -0.381  -7.249  8.954   1.00 0.43  ? 180 VAL A H    1 
ATOM 1464 H HA   . VAL A 1 92  ? 0.309   -9.570  7.488   1.00 0.63  ? 180 VAL A HA   1 
ATOM 1465 H HB   . VAL A 1 92  ? 0.123   -6.850  7.089   1.00 0.43  ? 180 VAL A HB   1 
ATOM 1466 H HG11 . VAL A 1 92  ? 3.022   -7.618  6.658   1.00 1.12  ? 180 VAL A HG11 1 
ATOM 1467 H HG12 . VAL A 1 92  ? 2.269   -6.175  5.977   1.00 1.20  ? 180 VAL A HG12 1 
ATOM 1468 H HG13 . VAL A 1 92  ? 2.417   -6.348  7.722   1.00 1.09  ? 180 VAL A HG13 1 
ATOM 1469 H HG21 . VAL A 1 92  ? -0.132  -8.978  5.563   1.00 1.14  ? 180 VAL A HG21 1 
ATOM 1470 H HG22 . VAL A 1 92  ? 0.142   -7.395  4.833   1.00 1.24  ? 180 VAL A HG22 1 
ATOM 1471 H HG23 . VAL A 1 92  ? 1.483   -8.524  5.022   1.00 1.24  ? 180 VAL A HG23 1 
ATOM 1472 N N    . GLN A 1 93  ? 2.850   -8.139  9.006   1.00 0.62  ? 181 GLN A N    1 
ATOM 1473 C CA   . GLN A 1 93  ? 4.233   -8.372  9.511   1.00 0.80  ? 181 GLN A CA   1 
ATOM 1474 C C    . GLN A 1 93  ? 4.282   -9.633  10.369  1.00 0.91  ? 181 GLN A C    1 
ATOM 1475 O O    . GLN A 1 93  ? 5.245   -10.373 10.351  1.00 1.13  ? 181 GLN A O    1 
ATOM 1476 C CB   . GLN A 1 93  ? 4.575   -7.137  10.344  1.00 0.83  ? 181 GLN A CB   1 
ATOM 1477 C CG   . GLN A 1 93  ? 5.939   -6.590  9.913   1.00 1.16  ? 181 GLN A CG   1 
ATOM 1478 C CD   . GLN A 1 93  ? 6.985   -7.705  9.987   1.00 1.73  ? 181 GLN A CD   1 
ATOM 1479 O OE1  . GLN A 1 93  ? 7.782   -7.868  9.086   1.00 2.20  ? 181 GLN A OE1  1 
ATOM 1480 N NE2  . GLN A 1 93  ? 7.014   -8.488  11.032  1.00 2.59  ? 181 GLN A NE2  1 
ATOM 1481 H H    . GLN A 1 93  ? 2.406   -7.273  9.146   1.00 0.55  ? 181 GLN A H    1 
ATOM 1482 H HA   . GLN A 1 93  ? 4.916   -8.459  8.690   1.00 0.89  ? 181 GLN A HA   1 
ATOM 1483 H HB2  . GLN A 1 93  ? 3.819   -6.379  10.194  1.00 0.90  ? 181 GLN A HB2  1 
ATOM 1484 H HB3  . GLN A 1 93  ? 4.612   -7.405  11.390  1.00 0.98  ? 181 GLN A HB3  1 
ATOM 1485 H HG2  . GLN A 1 93  ? 5.874   -6.223  8.899   1.00 1.61  ? 181 GLN A HG2  1 
ATOM 1486 H HG3  . GLN A 1 93  ? 6.229   -5.784  10.570  1.00 1.71  ? 181 GLN A HG3  1 
ATOM 1487 H HE21 . GLN A 1 93  ? 6.369   -8.360  11.759  1.00 2.89  ? 181 GLN A HE21 1 
ATOM 1488 H HE22 . GLN A 1 93  ? 7.679   -9.206  11.087  1.00 3.25  ? 181 GLN A HE22 1 
ATOM 1489 N N    . GLN A 1 94  ? 3.249   -9.891  11.112  1.00 0.83  ? 182 GLN A N    1 
ATOM 1490 C CA   . GLN A 1 94  ? 3.239   -11.115 11.961  1.00 0.99  ? 182 GLN A CA   1 
ATOM 1491 C C    . GLN A 1 94  ? 3.251   -12.355 11.068  1.00 1.22  ? 182 GLN A C    1 
ATOM 1492 O O    . GLN A 1 94  ? 3.877   -13.350 11.373  1.00 1.51  ? 182 GLN A O    1 
ATOM 1493 C CB   . GLN A 1 94  ? 1.946   -11.041 12.771  1.00 0.91  ? 182 GLN A CB   1 
ATOM 1494 C CG   . GLN A 1 94  ? 2.120   -10.047 13.919  1.00 1.59  ? 182 GLN A CG   1 
ATOM 1495 C CD   . GLN A 1 94  ? 0.753   -9.712  14.517  1.00 2.00  ? 182 GLN A CD   1 
ATOM 1496 O OE1  . GLN A 1 94  ? -0.020  -10.595 14.827  1.00 2.52  ? 182 GLN A OE1  1 
ATOM 1497 N NE2  . GLN A 1 94  ? 0.420   -8.462  14.692  1.00 2.53  ? 182 GLN A NE2  1 
ATOM 1498 H H    . GLN A 1 94  ? 2.484   -9.288  11.107  1.00 0.71  ? 182 GLN A H    1 
ATOM 1499 H HA   . GLN A 1 94  ? 4.090   -11.117 12.621  1.00 1.15  ? 182 GLN A HA   1 
ATOM 1500 H HB2  . GLN A 1 94  ? 1.138   -10.715 12.132  1.00 1.07  ? 182 GLN A HB2  1 
ATOM 1501 H HB3  . GLN A 1 94  ? 1.716   -12.016 13.173  1.00 1.28  ? 182 GLN A HB3  1 
ATOM 1502 H HG2  . GLN A 1 94  ? 2.749   -10.485 14.681  1.00 2.14  ? 182 GLN A HG2  1 
ATOM 1503 H HG3  . GLN A 1 94  ? 2.580   -9.144  13.547  1.00 2.11  ? 182 GLN A HG3  1 
ATOM 1504 H HE21 . GLN A 1 94  ? 1.044   -7.749  14.441  1.00 2.79  ? 182 GLN A HE21 1 
ATOM 1505 H HE22 . GLN A 1 94  ? -0.454  -8.237  15.073  1.00 3.01  ? 182 GLN A HE22 1 
ATOM 1506 N N    . ALA A 1 95  ? 2.568   -12.297 9.956   1.00 1.22  ? 183 ALA A N    1 
ATOM 1507 C CA   . ALA A 1 95  ? 2.543   -13.463 9.034   1.00 1.59  ? 183 ALA A CA   1 
ATOM 1508 C C    . ALA A 1 95  ? 3.924   -13.659 8.407   1.00 1.92  ? 183 ALA A C    1 
ATOM 1509 O O    . ALA A 1 95  ? 4.289   -14.747 8.009   1.00 2.16  ? 183 ALA A O    1 
ATOM 1510 C CB   . ALA A 1 95  ? 1.513   -13.102 7.963   1.00 1.79  ? 183 ALA A CB   1 
ATOM 1511 H H    . ALA A 1 95  ? 2.076   -11.486 9.726   1.00 1.05  ? 183 ALA A H    1 
ATOM 1512 H HA   . ALA A 1 95  ? 2.234   -14.350 9.560   1.00 1.68  ? 183 ALA A HA   1 
ATOM 1513 H HB1  . ALA A 1 95  ? 0.552   -12.935 8.429   1.00 2.03  ? 183 ALA A HB1  1 
ATOM 1514 H HB2  . ALA A 1 95  ? 1.826   -12.204 7.452   1.00 2.14  ? 183 ALA A HB2  1 
ATOM 1515 H HB3  . ALA A 1 95  ? 1.433   -13.911 7.253   1.00 2.19  ? 183 ALA A HB3  1 
ATOM 1516 N N    . ARG A 1 96  ? 4.695   -12.610 8.318   1.00 2.14  ? 184 ARG A N    1 
ATOM 1517 C CA   . ARG A 1 96  ? 6.052   -12.730 7.720   1.00 2.69  ? 184 ARG A CA   1 
ATOM 1518 C C    . ARG A 1 96  ? 6.947   -13.572 8.623   1.00 2.90  ? 184 ARG A C    1 
ATOM 1519 O O    . ARG A 1 96  ? 7.736   -14.375 8.168   1.00 3.38  ? 184 ARG A O    1 
ATOM 1520 C CB   . ARG A 1 96  ? 6.579   -11.297 7.633   1.00 2.86  ? 184 ARG A CB   1 
ATOM 1521 C CG   . ARG A 1 96  ? 6.050   -10.635 6.360   1.00 3.17  ? 184 ARG A CG   1 
ATOM 1522 C CD   . ARG A 1 96  ? 6.897   -11.078 5.166   1.00 3.84  ? 184 ARG A CD   1 
ATOM 1523 N NE   . ARG A 1 96  ? 8.095   -10.196 5.197   1.00 4.44  ? 184 ARG A NE   1 
ATOM 1524 C CZ   . ARG A 1 96  ? 9.105   -10.438 4.407   1.00 5.00  ? 184 ARG A CZ   1 
ATOM 1525 N NH1  . ARG A 1 96  ? 9.536   -11.660 4.256   1.00 5.47  ? 184 ARG A NH1  1 
ATOM 1526 N NH2  . ARG A 1 96  ? 9.682   -9.457  3.769   1.00 5.83  ? 184 ARG A NH2  1 
ATOM 1527 H H    . ARG A 1 96  ? 4.383   -11.743 8.645   1.00 2.04  ? 184 ARG A H    1 
ATOM 1528 H HA   . ARG A 1 96  ? 5.991   -13.162 6.745   1.00 2.94  ? 184 ARG A HA   1 
ATOM 1529 H HB2  . ARG A 1 96  ? 6.248   -10.739 8.495   1.00 2.66  ? 184 ARG A HB2  1 
ATOM 1530 H HB3  . ARG A 1 96  ? 7.659   -11.312 7.606   1.00 3.26  ? 184 ARG A HB3  1 
ATOM 1531 H HG2  . ARG A 1 96  ? 5.022   -10.927 6.203   1.00 3.26  ? 184 ARG A HG2  1 
ATOM 1532 H HG3  . ARG A 1 96  ? 6.109   -9.562  6.462   1.00 3.23  ? 184 ARG A HG3  1 
ATOM 1533 H HD2  . ARG A 1 96  ? 7.185   -12.115 5.276   1.00 4.06  ? 184 ARG A HD2  1 
ATOM 1534 H HD3  . ARG A 1 96  ? 6.353   -10.934 4.245   1.00 4.16  ? 184 ARG A HD3  1 
ATOM 1535 H HE   . ARG A 1 96  ? 8.125   -9.432  5.810   1.00 4.69  ? 184 ARG A HE   1 
ATOM 1536 H HH11 . ARG A 1 96  ? 9.090   -12.411 4.745   1.00 5.44  ? 184 ARG A HH11 1 
ATOM 1537 H HH12 . ARG A 1 96  ? 10.309  -11.847 3.652   1.00 6.06  ? 184 ARG A HH12 1 
ATOM 1538 H HH21 . ARG A 1 96  ? 9.350   -8.521  3.884   1.00 5.78  ? 184 ARG A HH21 1 
ATOM 1539 H HH22 . ARG A 1 96  ? 10.457  -9.642  3.164   1.00 6.07  ? 184 ARG A HH22 1 
ATOM 1540 N N    . ASP A 1 97  ? 6.821   -13.395 9.903   1.00 2.68  ? 185 ASP A N    1 
ATOM 1541 C CA   . ASP A 1 97  ? 7.654   -14.178 10.857  1.00 3.10  ? 185 ASP A CA   1 
ATOM 1542 C C    . ASP A 1 97  ? 7.491   -15.679 10.602  1.00 3.32  ? 185 ASP A C    1 
ATOM 1543 O O    . ASP A 1 97  ? 8.280   -16.484 11.054  1.00 3.90  ? 185 ASP A O    1 
ATOM 1544 C CB   . ASP A 1 97  ? 7.123   -13.804 12.241  1.00 2.84  ? 185 ASP A CB   1 
ATOM 1545 C CG   . ASP A 1 97  ? 7.383   -12.319 12.504  1.00 3.24  ? 185 ASP A CG   1 
ATOM 1546 O OD1  . ASP A 1 97  ? 7.583   -11.595 11.544  1.00 3.60  ? 185 ASP A OD1  1 
ATOM 1547 O OD2  . ASP A 1 97  ? 7.376   -11.933 13.662  1.00 3.48  ? 185 ASP A OD2  1 
ATOM 1548 H H    . ASP A 1 97  ? 6.173   -12.744 10.236  1.00 2.32  ? 185 ASP A H    1 
ATOM 1549 H HA   . ASP A 1 97  ? 8.690   -13.891 10.771  1.00 3.55  ? 185 ASP A HA   1 
ATOM 1550 H HB2  . ASP A 1 97  ? 6.060   -13.996 12.283  1.00 2.68  ? 185 ASP A HB2  1 
ATOM 1551 H HB3  . ASP A 1 97  ? 7.626   -14.394 12.992  1.00 2.81  ? 185 ASP A HB3  1 
ATOM 1552 N N    . LEU A 1 98  ? 6.468   -16.063 9.885   1.00 3.00  ? 186 LEU A N    1 
ATOM 1553 C CA   . LEU A 1 98  ? 6.252   -17.506 9.609   1.00 3.41  ? 186 LEU A CA   1 
ATOM 1554 C C    . LEU A 1 98  ? 6.911   -17.911 8.285   1.00 3.99  ? 186 LEU A C    1 
ATOM 1555 O O    . LEU A 1 98  ? 7.326   -19.039 8.108   1.00 4.56  ? 186 LEU A O    1 
ATOM 1556 C CB   . LEU A 1 98  ? 4.735   -17.663 9.515   1.00 3.07  ? 186 LEU A CB   1 
ATOM 1557 C CG   . LEU A 1 98  ? 4.109   -17.427 10.891  1.00 3.07  ? 186 LEU A CG   1 
ATOM 1558 C CD1  . LEU A 1 98  ? 2.598   -17.638 10.803  1.00 3.33  ? 186 LEU A CD1  1 
ATOM 1559 C CD2  . LEU A 1 98  ? 4.701   -18.413 11.899  1.00 3.51  ? 186 LEU A CD2  1 
ATOM 1560 H H    . LEU A 1 98  ? 5.841   -15.407 9.537   1.00 2.60  ? 186 LEU A H    1 
ATOM 1561 H HA   . LEU A 1 98  ? 6.629   -18.099 10.419  1.00 3.71  ? 186 LEU A HA   1 
ATOM 1562 H HB2  . LEU A 1 98  ? 4.343   -16.942 8.812   1.00 3.08  ? 186 LEU A HB2  1 
ATOM 1563 H HB3  . LEU A 1 98  ? 4.497   -18.661 9.180   1.00 3.32  ? 186 LEU A HB3  1 
ATOM 1564 H HG   . LEU A 1 98  ? 4.313   -16.414 11.210  1.00 3.23  ? 186 LEU A HG   1 
ATOM 1565 H HD11 . LEU A 1 98  ? 2.337   -17.948 9.802   1.00 3.73  ? 186 LEU A HD11 1 
ATOM 1566 H HD12 . LEU A 1 98  ? 2.301   -18.401 11.506  1.00 3.46  ? 186 LEU A HD12 1 
ATOM 1567 H HD13 . LEU A 1 98  ? 2.091   -16.714 11.036  1.00 3.61  ? 186 LEU A HD13 1 
ATOM 1568 H HD21 . LEU A 1 98  ? 4.924   -19.345 11.402  1.00 3.58  ? 186 LEU A HD21 1 
ATOM 1569 H HD22 . LEU A 1 98  ? 5.608   -18.001 12.317  1.00 3.89  ? 186 LEU A HD22 1 
ATOM 1570 H HD23 . LEU A 1 98  ? 3.989   -18.589 12.691  1.00 3.95  ? 186 LEU A HD23 1 
ATOM 1571 N N    . GLN A 1 99  ? 6.996   -17.005 7.347   1.00 4.01  ? 187 GLN A N    1 
ATOM 1572 C CA   . GLN A 1 99  ? 7.607   -17.345 6.034   1.00 4.76  ? 187 GLN A CA   1 
ATOM 1573 C C    . GLN A 1 99  ? 8.976   -16.682 5.868   1.00 5.53  ? 187 GLN A C    1 
ATOM 1574 O O    . GLN A 1 99  ? 9.813   -17.142 5.117   1.00 6.18  ? 187 GLN A O    1 
ATOM 1575 C CB   . GLN A 1 99  ? 6.628   -16.803 4.996   1.00 4.77  ? 187 GLN A CB   1 
ATOM 1576 C CG   . GLN A 1 99  ? 5.581   -17.871 4.670   1.00 4.81  ? 187 GLN A CG   1 
ATOM 1577 C CD   . GLN A 1 99  ? 6.113   -18.793 3.571   1.00 5.28  ? 187 GLN A CD   1 
ATOM 1578 O OE1  . GLN A 1 99  ? 6.790   -18.350 2.664   1.00 5.67  ? 187 GLN A OE1  1 
ATOM 1579 N NE2  . GLN A 1 99  ? 5.832   -20.067 3.613   1.00 5.62  ? 187 GLN A NE2  1 
ATOM 1580 H H    . GLN A 1 99  ? 6.646   -16.111 7.499   1.00 3.63  ? 187 GLN A H    1 
ATOM 1581 H HA   . GLN A 1 99  ? 7.692   -18.404 5.935   1.00 4.94  ? 187 GLN A HA   1 
ATOM 1582 H HB2  . GLN A 1 99  ? 6.140   -15.924 5.394   1.00 4.75  ? 187 GLN A HB2  1 
ATOM 1583 H HB3  . GLN A 1 99  ? 7.165   -16.539 4.098   1.00 5.20  ? 187 GLN A HB3  1 
ATOM 1584 H HG2  . GLN A 1 99  ? 5.370   -18.451 5.557   1.00 4.98  ? 187 GLN A HG2  1 
ATOM 1585 H HG3  . GLN A 1 99  ? 4.675   -17.393 4.328   1.00 4.81  ? 187 GLN A HG3  1 
ATOM 1586 H HE21 . GLN A 1 99  ? 5.286   -20.425 4.343   1.00 5.61  ? 187 GLN A HE21 1 
ATOM 1587 H HE22 . GLN A 1 99  ? 6.167   -20.666 2.913   1.00 6.10  ? 187 GLN A HE22 1 
ATOM 1588 N N    . ASN A 1 100 ? 9.206   -15.601 6.553   1.00 5.65  ? 188 ASN A N    1 
ATOM 1589 C CA   . ASN A 1 100 ? 10.520  -14.900 6.423   1.00 6.62  ? 188 ASN A CA   1 
ATOM 1590 C C    . ASN A 1 100 ? 11.684  -15.863 6.704   1.00 7.21  ? 188 ASN A C    1 
ATOM 1591 O O    . ASN A 1 100 ? 12.828  -15.550 6.439   1.00 7.99  ? 188 ASN A O    1 
ATOM 1592 C CB   . ASN A 1 100 ? 10.475  -13.770 7.460   1.00 6.96  ? 188 ASN A CB   1 
ATOM 1593 C CG   . ASN A 1 100 ? 10.866  -14.304 8.841   1.00 7.72  ? 188 ASN A CG   1 
ATOM 1594 O OD1  . ASN A 1 100 ? 11.783  -13.803 9.461   1.00 8.12  ? 188 ASN A OD1  1 
ATOM 1595 N ND2  . ASN A 1 100 ? 10.207  -15.308 9.351   1.00 8.21  ? 188 ASN A ND2  1 
ATOM 1596 H H    . ASN A 1 100 ? 8.513   -15.245 7.142   1.00 5.23  ? 188 ASN A H    1 
ATOM 1597 H HA   . ASN A 1 100 ? 10.617  -14.481 5.435   1.00 6.95  ? 188 ASN A HA   1 
ATOM 1598 H HB2  . ASN A 1 100 ? 11.166  -12.992 7.169   1.00 6.72  ? 188 ASN A HB2  1 
ATOM 1599 H HB3  . ASN A 1 100 ? 9.477   -13.364 7.504   1.00 7.20  ? 188 ASN A HB3  1 
ATOM 1600 H HD21 . ASN A 1 100 ? 9.467   -15.713 8.851   1.00 8.10  ? 188 ASN A HD21 1 
ATOM 1601 H HD22 . ASN A 1 100 ? 10.451  -15.656 10.234  1.00 8.83  ? 188 ASN A HD22 1 
ATOM 1602 N N    . ARG A 1 101 ? 11.398  -17.029 7.234   1.00 7.10  ? 189 ARG A N    1 
ATOM 1603 C CA   . ARG A 1 101 ? 12.476  -18.024 7.531   1.00 8.01  ? 189 ARG A CA   1 
ATOM 1604 C C    . ARG A 1 101 ? 13.748  -17.330 8.038   1.00 8.52  ? 189 ARG A C    1 
ATOM 1605 O O    . ARG A 1 101 ? 13.684  -16.386 8.800   1.00 8.67  ? 189 ARG A O    1 
ATOM 1606 C CB   . ARG A 1 101 ? 12.730  -18.746 6.202   1.00 8.21  ? 189 ARG A CB   1 
ATOM 1607 C CG   . ARG A 1 101 ? 13.304  -17.765 5.177   1.00 8.55  ? 189 ARG A CG   1 
ATOM 1608 C CD   . ARG A 1 101 ? 13.936  -18.542 4.022   1.00 9.20  ? 189 ARG A CD   1 
ATOM 1609 N NE   . ARG A 1 101 ? 15.376  -18.165 4.054   1.00 9.80  ? 189 ARG A NE   1 
ATOM 1610 C CZ   . ARG A 1 101 ? 15.902  -17.507 3.057   1.00 10.63 ? 189 ARG A CZ   1 
ATOM 1611 N NH1  . ARG A 1 101 ? 15.396  -16.362 2.690   1.00 11.44 ? 189 ARG A NH1  1 
ATOM 1612 N NH2  . ARG A 1 101 ? 16.937  -17.995 2.429   1.00 11.17 ? 189 ARG A NH2  1 
ATOM 1613 H H    . ARG A 1 101 ? 10.468  -17.252 7.438   1.00 6.59  ? 189 ARG A H    1 
ATOM 1614 H HA   . ARG A 1 101 ? 12.128  -18.735 8.265   1.00 8.43  ? 189 ARG A HA   1 
ATOM 1615 H HB2  . ARG A 1 101 ? 13.432  -19.553 6.360   1.00 8.28  ? 189 ARG A HB2  1 
ATOM 1616 H HB3  . ARG A 1 101 ? 11.800  -19.148 5.829   1.00 8.33  ? 189 ARG A HB3  1 
ATOM 1617 H HG2  . ARG A 1 101 ? 12.511  -17.137 4.798   1.00 8.43  ? 189 ARG A HG2  1 
ATOM 1618 H HG3  . ARG A 1 101 ? 14.056  -17.151 5.647   1.00 8.74  ? 189 ARG A HG3  1 
ATOM 1619 H HD2  . ARG A 1 101 ? 13.818  -19.606 4.175   1.00 9.38  ? 189 ARG A HD2  1 
ATOM 1620 H HD3  . ARG A 1 101 ? 13.497  -18.244 3.082   1.00 9.31  ? 189 ARG A HD3  1 
ATOM 1621 H HE   . ARG A 1 101 ? 15.928  -18.409 4.826   1.00 9.70  ? 189 ARG A HE   1 
ATOM 1622 H HH11 . ARG A 1 101 ? 14.605  -15.985 3.173   1.00 11.30 ? 189 ARG A HH11 1 
ATOM 1623 H HH12 . ARG A 1 101 ? 15.800  -15.860 1.925   1.00 11.84 ? 189 ARG A HH12 1 
ATOM 1624 H HH21 . ARG A 1 101 ? 17.326  -18.872 2.712   1.00 10.97 ? 189 ARG A HH21 1 
ATOM 1625 H HH22 . ARG A 1 101 ? 17.340  -17.492 1.664   1.00 11.89 ? 189 ARG A HH22 1 
ATOM 1626 N N    . SER A 1 102 ? 14.902  -17.791 7.630   1.00 9.05  ? 190 SER A N    1 
ATOM 1627 C CA   . SER A 1 102 ? 16.170  -17.158 8.100   1.00 9.81  ? 190 SER A CA   1 
ATOM 1628 C C    . SER A 1 102 ? 16.278  -17.281 9.623   1.00 10.37 ? 190 SER A C    1 
ATOM 1629 O O    . SER A 1 102 ? 16.119  -16.319 10.346  1.00 10.78 ? 190 SER A O    1 
ATOM 1630 C CB   . SER A 1 102 ? 16.067  -15.688 7.684   1.00 10.10 ? 190 SER A CB   1 
ATOM 1631 O OG   . SER A 1 102 ? 17.374  -15.165 7.483   1.00 10.41 ? 190 SER A OG   1 
ATOM 1632 H H    . SER A 1 102 ? 14.936  -18.557 7.021   1.00 9.12  ? 190 SER A H    1 
ATOM 1633 H HA   . SER A 1 102 ? 17.020  -17.618 7.623   1.00 9.98  ? 190 SER A HA   1 
ATOM 1634 H HB2  . SER A 1 102 ? 15.509  -15.611 6.766   1.00 10.11 ? 190 SER A HB2  1 
ATOM 1635 H HB3  . SER A 1 102 ? 15.559  -15.131 8.460   1.00 10.32 ? 190 SER A HB3  1 
ATOM 1636 H HG   . SER A 1 102 ? 17.580  -15.229 6.547   1.00 10.61 ? 190 SER A HG   1 
ATOM 1637 N N    . GLY A 1 103 ? 16.539  -18.464 10.111  1.00 10.60 ? 191 GLY A N    1 
ATOM 1638 C CA   . GLY A 1 103 ? 16.649  -18.655 11.586  1.00 11.38 ? 191 GLY A CA   1 
ATOM 1639 C C    . GLY A 1 103 ? 18.096  -18.439 12.036  1.00 11.84 ? 191 GLY A C    1 
ATOM 1640 O O    . GLY A 1 103 ? 18.394  -18.449 13.214  1.00 11.96 ? 191 GLY A O    1 
ATOM 1641 H H    . GLY A 1 103 ? 16.657  -19.227 9.509   1.00 10.39 ? 191 GLY A H    1 
ATOM 1642 H HA2  . GLY A 1 103 ? 16.006  -17.945 12.087  1.00 11.51 ? 191 GLY A HA2  1 
ATOM 1643 H HA3  . GLY A 1 103 ? 16.343  -19.658 11.840  1.00 11.68 ? 191 GLY A HA3  1 
ATOM 1644 N N    . ALA A 1 104 ? 19.002  -18.245 11.117  1.00 12.29 ? 192 ALA A N    1 
ATOM 1645 C CA   . ALA A 1 104 ? 20.424  -18.030 11.511  1.00 12.96 ? 192 ALA A CA   1 
ATOM 1646 C C    . ALA A 1 104 ? 21.202  -17.385 10.361  1.00 13.37 ? 192 ALA A C    1 
ATOM 1647 O O    . ALA A 1 104 ? 21.594  -18.106 9.459   1.00 13.65 ? 192 ALA A O    1 
ATOM 1648 C CB   . ALA A 1 104 ? 20.966  -19.430 11.810  1.00 13.49 ? 192 ALA A CB   1 
ATOM 1649 O OXT  . ALA A 1 104 ? 21.394  -16.182 10.405  1.00 13.56 ? 192 ALA A OXT  1 
ATOM 1650 H H    . ALA A 1 104 ? 18.749  -18.239 10.170  1.00 12.32 ? 192 ALA A H    1 
ATOM 1651 H HA   . ALA A 1 104 ? 20.481  -17.417 12.396  1.00 12.98 ? 192 ALA A HA   1 
ATOM 1652 H HB1  . ALA A 1 104 ? 20.142  -20.099 12.010  1.00 13.65 ? 192 ALA A HB1  1 
ATOM 1653 H HB2  . ALA A 1 104 ? 21.523  -19.789 10.958  1.00 13.53 ? 192 ALA A HB2  1 
ATOM 1654 H HB3  . ALA A 1 104 ? 21.614  -19.388 12.672  1.00 13.82 ? 192 ALA A HB3  1 
# 
